data_3AWR
# 
_entry.id   3AWR 
# 
_audit_conform.dict_name       mmcif_pdbx.dic 
_audit_conform.dict_version    5.380 
_audit_conform.dict_location   http://mmcif.pdb.org/dictionaries/ascii/mmcif_pdbx.dic 
# 
loop_
_database_2.database_id 
_database_2.database_code 
_database_2.pdbx_database_accession 
_database_2.pdbx_DOI 
PDB   3AWR         pdb_00003awr 10.2210/pdb3awr/pdb 
RCSB  RCSB029791   ?            ?                   
WWPDB D_1000029791 ?            ?                   
# 
loop_
_pdbx_database_related.db_name 
_pdbx_database_related.db_id 
_pdbx_database_related.details 
_pdbx_database_related.content_type 
PDB 3AX2 . unspecified 
PDB 3AX3 . unspecified 
PDB 3AX5 . unspecified 
# 
_pdbx_database_status.entry_id                        3AWR 
_pdbx_database_status.deposit_site                    PDBJ 
_pdbx_database_status.process_site                    PDBJ 
_pdbx_database_status.recvd_initial_deposition_date   2011-03-26 
_pdbx_database_status.status_code                     REL 
_pdbx_database_status.status_code_sf                  REL 
_pdbx_database_status.status_code_mr                  ? 
_pdbx_database_status.SG_entry                        ? 
_pdbx_database_status.status_code_cs                  ? 
_pdbx_database_status.pdb_format_compatible           Y 
_pdbx_database_status.methods_development_category    ? 
_pdbx_database_status.status_code_nmr_data            ? 
# 
loop_
_audit_author.name 
_audit_author.pdbx_ordinal 
'Igura, M.' 1 
'Ose, T.'   2 
'Kohda, D.' 3 
# 
_citation.id                        primary 
_citation.title                     
'Crystallographic snapshots of tom20-mitochondrial presequence interactions with disulfide-stabilized peptides.' 
_citation.journal_abbrev            Biochemistry 
_citation.journal_volume            50 
_citation.page_first                5487 
_citation.page_last                 5496 
_citation.year                      2011 
_citation.journal_id_ASTM           BICHAW 
_citation.country                   US 
_citation.journal_id_ISSN           0006-2960 
_citation.journal_id_CSD            0033 
_citation.book_publisher            ? 
_citation.pdbx_database_id_PubMed   21591667 
_citation.pdbx_database_id_DOI      10.1021/bi200470x 
# 
loop_
_citation_author.citation_id 
_citation_author.name 
_citation_author.ordinal 
_citation_author.identifier_ORCID 
primary 'Saitoh, T.'   1 ? 
primary 'Igura, M.'    2 ? 
primary 'Miyazaki, Y.' 3 ? 
primary 'Ose, T.'      4 ? 
primary 'Maita, N.'    5 ? 
primary 'Kohda, D.'    6 ? 
# 
_cell.entry_id           3AWR 
_cell.length_a           33.770 
_cell.length_b           27.723 
_cell.length_c           70.812 
_cell.angle_alpha        90.00 
_cell.angle_beta         102.71 
_cell.angle_gamma        90.00 
_cell.Z_PDB              4 
_cell.pdbx_unique_axis   ? 
_cell.length_a_esd       ? 
_cell.length_b_esd       ? 
_cell.length_c_esd       ? 
_cell.angle_alpha_esd    ? 
_cell.angle_beta_esd     ? 
_cell.angle_gamma_esd    ? 
# 
_symmetry.entry_id                         3AWR 
_symmetry.space_group_name_H-M             'P 1 21 1' 
_symmetry.pdbx_full_space_group_name_H-M   ? 
_symmetry.cell_setting                     ? 
_symmetry.Int_Tables_number                4 
_symmetry.space_group_name_Hall            ? 
# 
loop_
_entity.id 
_entity.type 
_entity.src_method 
_entity.pdbx_description 
_entity.formula_weight 
_entity.pdbx_number_of_molecules 
_entity.pdbx_ec 
_entity.pdbx_mutation 
_entity.pdbx_fragment 
_entity.details 
1 polymer man 'Mitochondrial import receptor subunit TOM20 homolog' 8022.181 2  ? ? 'CYTOSOLIC DOMAIN, UNP RESIDUES 59-126' ? 
2 polymer syn 'Aldehyde dehydrogenase, mitochondrial'               1318.549 2  ? ? 
'C-TERMINAL HALF OF THE PRESEQUENCE, UNP RESIDUES 12-20' ? 
3 water   nat water                                                 18.015   71 ? ? ? ? 
# 
loop_
_entity_name_com.entity_id 
_entity_name_com.name 
1 'Mitochondrial 20 kDa outer membrane protein, Outer mitochondrial membrane receptor Tom20' 
2 'ALDH class 2, ALDH-E2, ALDH1'                                                             
# 
loop_
_entity_poly.entity_id 
_entity_poly.type 
_entity_poly.nstd_linkage 
_entity_poly.nstd_monomer 
_entity_poly.pdbx_seq_one_letter_code 
_entity_poly.pdbx_seq_one_letter_code_can 
_entity_poly.pdbx_strand_id 
_entity_poly.pdbx_target_identifier 
1 'polypeptide(L)' no no GPLGSDLKDAEAVQKFFLEEIQLGEELLAQGDYEKGVDHLTNAIAVCGQPQQLLQVLQQTLPPPVFQMLLTKL 
GPLGSDLKDAEAVQKFFLEEIQLGEELLAQGDYEKGVDHLTNAIAVCGQPQQLLQVLQQTLPPPVFQMLLTKL A,B ? 
2 'polypeptide(L)' no no GPRLSRLLSSAGC                                                             GPRLSRLLSSAGC C,D ? 
# 
loop_
_entity_poly_seq.entity_id 
_entity_poly_seq.num 
_entity_poly_seq.mon_id 
_entity_poly_seq.hetero 
1 1  GLY n 
1 2  PRO n 
1 3  LEU n 
1 4  GLY n 
1 5  SER n 
1 6  ASP n 
1 7  LEU n 
1 8  LYS n 
1 9  ASP n 
1 10 ALA n 
1 11 GLU n 
1 12 ALA n 
1 13 VAL n 
1 14 GLN n 
1 15 LYS n 
1 16 PHE n 
1 17 PHE n 
1 18 LEU n 
1 19 GLU n 
1 20 GLU n 
1 21 ILE n 
1 22 GLN n 
1 23 LEU n 
1 24 GLY n 
1 25 GLU n 
1 26 GLU n 
1 27 LEU n 
1 28 LEU n 
1 29 ALA n 
1 30 GLN n 
1 31 GLY n 
1 32 ASP n 
1 33 TYR n 
1 34 GLU n 
1 35 LYS n 
1 36 GLY n 
1 37 VAL n 
1 38 ASP n 
1 39 HIS n 
1 40 LEU n 
1 41 THR n 
1 42 ASN n 
1 43 ALA n 
1 44 ILE n 
1 45 ALA n 
1 46 VAL n 
1 47 CYS n 
1 48 GLY n 
1 49 GLN n 
1 50 PRO n 
1 51 GLN n 
1 52 GLN n 
1 53 LEU n 
1 54 LEU n 
1 55 GLN n 
1 56 VAL n 
1 57 LEU n 
1 58 GLN n 
1 59 GLN n 
1 60 THR n 
1 61 LEU n 
1 62 PRO n 
1 63 PRO n 
1 64 PRO n 
1 65 VAL n 
1 66 PHE n 
1 67 GLN n 
1 68 MET n 
1 69 LEU n 
1 70 LEU n 
1 71 THR n 
1 72 LYS n 
1 73 LEU n 
2 1  GLY n 
2 2  PRO n 
2 3  ARG n 
2 4  LEU n 
2 5  SER n 
2 6  ARG n 
2 7  LEU n 
2 8  LEU n 
2 9  SER n 
2 10 SER n 
2 11 ALA n 
2 12 GLY n 
2 13 CYS n 
# 
_entity_src_gen.entity_id                          1 
_entity_src_gen.pdbx_src_id                        1 
_entity_src_gen.pdbx_alt_source_flag               sample 
_entity_src_gen.pdbx_seq_type                      ? 
_entity_src_gen.pdbx_beg_seq_num                   ? 
_entity_src_gen.pdbx_end_seq_num                   ? 
_entity_src_gen.gene_src_common_name               rat 
_entity_src_gen.gene_src_genus                     ? 
_entity_src_gen.pdbx_gene_src_gene                 Tomm20 
_entity_src_gen.gene_src_species                   ? 
_entity_src_gen.gene_src_strain                    ? 
_entity_src_gen.gene_src_tissue                    ? 
_entity_src_gen.gene_src_tissue_fraction           ? 
_entity_src_gen.gene_src_details                   ? 
_entity_src_gen.pdbx_gene_src_fragment             ? 
_entity_src_gen.pdbx_gene_src_scientific_name      'Rattus norvegicus' 
_entity_src_gen.pdbx_gene_src_ncbi_taxonomy_id     10116 
_entity_src_gen.pdbx_gene_src_variant              ? 
_entity_src_gen.pdbx_gene_src_cell_line            ? 
_entity_src_gen.pdbx_gene_src_atcc                 ? 
_entity_src_gen.pdbx_gene_src_organ                ? 
_entity_src_gen.pdbx_gene_src_organelle            ? 
_entity_src_gen.pdbx_gene_src_cell                 ? 
_entity_src_gen.pdbx_gene_src_cellular_location    ? 
_entity_src_gen.host_org_common_name               ? 
_entity_src_gen.pdbx_host_org_scientific_name      'Escherichia coli' 
_entity_src_gen.pdbx_host_org_ncbi_taxonomy_id     562 
_entity_src_gen.host_org_genus                     ? 
_entity_src_gen.pdbx_host_org_gene                 ? 
_entity_src_gen.pdbx_host_org_organ                ? 
_entity_src_gen.host_org_species                   ? 
_entity_src_gen.pdbx_host_org_tissue               ? 
_entity_src_gen.pdbx_host_org_tissue_fraction      ? 
_entity_src_gen.pdbx_host_org_strain               'BL21(DE3)' 
_entity_src_gen.pdbx_host_org_variant              ? 
_entity_src_gen.pdbx_host_org_cell_line            ? 
_entity_src_gen.pdbx_host_org_atcc                 ? 
_entity_src_gen.pdbx_host_org_culture_collection   ? 
_entity_src_gen.pdbx_host_org_cell                 ? 
_entity_src_gen.pdbx_host_org_organelle            ? 
_entity_src_gen.pdbx_host_org_cellular_location    ? 
_entity_src_gen.pdbx_host_org_vector_type          plasmid 
_entity_src_gen.pdbx_host_org_vector               ? 
_entity_src_gen.host_org_details                   ? 
_entity_src_gen.expression_system_id               ? 
_entity_src_gen.plasmid_name                       pGEX-6P-1 
_entity_src_gen.plasmid_details                    ? 
_entity_src_gen.pdbx_description                   ? 
# 
_pdbx_entity_src_syn.entity_id              2 
_pdbx_entity_src_syn.pdbx_src_id            1 
_pdbx_entity_src_syn.pdbx_alt_source_flag   sample 
_pdbx_entity_src_syn.pdbx_beg_seq_num       ? 
_pdbx_entity_src_syn.pdbx_end_seq_num       ? 
_pdbx_entity_src_syn.organism_scientific    'Rattus norvegicus' 
_pdbx_entity_src_syn.organism_common_name   rat 
_pdbx_entity_src_syn.ncbi_taxonomy_id       10116 
_pdbx_entity_src_syn.details                'The peptide was chemically synthesized.' 
# 
loop_
_struct_ref.id 
_struct_ref.db_name 
_struct_ref.db_code 
_struct_ref.pdbx_db_accession 
_struct_ref.entity_id 
_struct_ref.pdbx_seq_one_letter_code 
_struct_ref.pdbx_align_begin 
_struct_ref.pdbx_db_isoform 
1 UNP TOM20_RAT Q62760 1 DLKDAEAVQKFFLEEIQLGEELLAQGDYEKGVDHLTNAIAVCGQPQQLLQVLQQTLPPPVFQMLLTKL 59 ? 
2 UNP ALDH2_RAT P11884 2 GPRLSRLLS                                                            12 ? 
# 
loop_
_struct_ref_seq.align_id 
_struct_ref_seq.ref_id 
_struct_ref_seq.pdbx_PDB_id_code 
_struct_ref_seq.pdbx_strand_id 
_struct_ref_seq.seq_align_beg 
_struct_ref_seq.pdbx_seq_align_beg_ins_code 
_struct_ref_seq.seq_align_end 
_struct_ref_seq.pdbx_seq_align_end_ins_code 
_struct_ref_seq.pdbx_db_accession 
_struct_ref_seq.db_align_beg 
_struct_ref_seq.pdbx_db_align_beg_ins_code 
_struct_ref_seq.db_align_end 
_struct_ref_seq.pdbx_db_align_end_ins_code 
_struct_ref_seq.pdbx_auth_seq_align_beg 
_struct_ref_seq.pdbx_auth_seq_align_end 
1 1 3AWR A 6 ? 73 ? Q62760 59 ? 126 ? 59 126 
2 1 3AWR B 6 ? 73 ? Q62760 59 ? 126 ? 59 126 
3 2 3AWR C 1 ? 9  ? P11884 12 ? 20  ? 12 20  
4 2 3AWR D 1 ? 9  ? P11884 12 ? 20  ? 12 20  
# 
loop_
_struct_ref_seq_dif.align_id 
_struct_ref_seq_dif.pdbx_pdb_id_code 
_struct_ref_seq_dif.mon_id 
_struct_ref_seq_dif.pdbx_pdb_strand_id 
_struct_ref_seq_dif.seq_num 
_struct_ref_seq_dif.pdbx_pdb_ins_code 
_struct_ref_seq_dif.pdbx_seq_db_name 
_struct_ref_seq_dif.pdbx_seq_db_accession_code 
_struct_ref_seq_dif.db_mon_id 
_struct_ref_seq_dif.pdbx_seq_db_seq_num 
_struct_ref_seq_dif.details 
_struct_ref_seq_dif.pdbx_auth_seq_num 
_struct_ref_seq_dif.pdbx_ordinal 
1 3AWR GLY A 1  ? UNP Q62760 ? ? 'expression tag' 54 1  
1 3AWR PRO A 2  ? UNP Q62760 ? ? 'expression tag' 55 2  
1 3AWR LEU A 3  ? UNP Q62760 ? ? 'expression tag' 56 3  
1 3AWR GLY A 4  ? UNP Q62760 ? ? 'expression tag' 57 4  
1 3AWR SER A 5  ? UNP Q62760 ? ? 'expression tag' 58 5  
2 3AWR GLY B 1  ? UNP Q62760 ? ? 'expression tag' 54 6  
2 3AWR PRO B 2  ? UNP Q62760 ? ? 'expression tag' 55 7  
2 3AWR LEU B 3  ? UNP Q62760 ? ? 'expression tag' 56 8  
2 3AWR GLY B 4  ? UNP Q62760 ? ? 'expression tag' 57 9  
2 3AWR SER B 5  ? UNP Q62760 ? ? 'expression tag' 58 10 
3 3AWR SER C 10 ? UNP P11884 ? ? 'expression tag' 21 11 
3 3AWR ALA C 11 ? UNP P11884 ? ? 'expression tag' 22 12 
3 3AWR GLY C 12 ? UNP P11884 ? ? 'expression tag' 23 13 
3 3AWR CYS C 13 ? UNP P11884 ? ? 'expression tag' 24 14 
4 3AWR SER D 10 ? UNP P11884 ? ? 'expression tag' 21 15 
4 3AWR ALA D 11 ? UNP P11884 ? ? 'expression tag' 22 16 
4 3AWR GLY D 12 ? UNP P11884 ? ? 'expression tag' 23 17 
4 3AWR CYS D 13 ? UNP P11884 ? ? 'expression tag' 24 18 
# 
loop_
_chem_comp.id 
_chem_comp.type 
_chem_comp.mon_nstd_flag 
_chem_comp.name 
_chem_comp.pdbx_synonyms 
_chem_comp.formula 
_chem_comp.formula_weight 
ALA 'L-peptide linking' y ALANINE         ? 'C3 H7 N O2'     89.093  
ARG 'L-peptide linking' y ARGININE        ? 'C6 H15 N4 O2 1' 175.209 
ASN 'L-peptide linking' y ASPARAGINE      ? 'C4 H8 N2 O3'    132.118 
ASP 'L-peptide linking' y 'ASPARTIC ACID' ? 'C4 H7 N O4'     133.103 
CYS 'L-peptide linking' y CYSTEINE        ? 'C3 H7 N O2 S'   121.158 
GLN 'L-peptide linking' y GLUTAMINE       ? 'C5 H10 N2 O3'   146.144 
GLU 'L-peptide linking' y 'GLUTAMIC ACID' ? 'C5 H9 N O4'     147.129 
GLY 'peptide linking'   y GLYCINE         ? 'C2 H5 N O2'     75.067  
HIS 'L-peptide linking' y HISTIDINE       ? 'C6 H10 N3 O2 1' 156.162 
HOH non-polymer         . WATER           ? 'H2 O'           18.015  
ILE 'L-peptide linking' y ISOLEUCINE      ? 'C6 H13 N O2'    131.173 
LEU 'L-peptide linking' y LEUCINE         ? 'C6 H13 N O2'    131.173 
LYS 'L-peptide linking' y LYSINE          ? 'C6 H15 N2 O2 1' 147.195 
MET 'L-peptide linking' y METHIONINE      ? 'C5 H11 N O2 S'  149.211 
PHE 'L-peptide linking' y PHENYLALANINE   ? 'C9 H11 N O2'    165.189 
PRO 'L-peptide linking' y PROLINE         ? 'C5 H9 N O2'     115.130 
SER 'L-peptide linking' y SERINE          ? 'C3 H7 N O3'     105.093 
THR 'L-peptide linking' y THREONINE       ? 'C4 H9 N O3'     119.119 
TYR 'L-peptide linking' y TYROSINE        ? 'C9 H11 N O3'    181.189 
VAL 'L-peptide linking' y VALINE          ? 'C5 H11 N O2'    117.146 
# 
_exptl.crystals_number   1 
_exptl.entry_id          3AWR 
_exptl.method            'X-RAY DIFFRACTION' 
# 
_exptl_crystal.id                    1 
_exptl_crystal.pdbx_mosaicity        0.914 
_exptl_crystal.pdbx_mosaicity_esd    ? 
_exptl_crystal.density_Matthews      1.73 
_exptl_crystal.density_diffrn        ? 
_exptl_crystal.density_meas          ? 
_exptl_crystal.density_meas_temp     ? 
_exptl_crystal.density_percent_sol   28.94 
_exptl_crystal.size_max              ? 
_exptl_crystal.size_mid              ? 
_exptl_crystal.size_min              ? 
_exptl_crystal.size_rad              ? 
_exptl_crystal.description           ? 
_exptl_crystal.F_000                 ? 
_exptl_crystal.preparation           ? 
# 
_exptl_crystal_grow.crystal_id      1 
_exptl_crystal_grow.method          'VAPOR DIFFUSION, HANGING DROP' 
_exptl_crystal_grow.pH              6.5 
_exptl_crystal_grow.temp            293 
_exptl_crystal_grow.temp_details    ? 
_exptl_crystal_grow.pdbx_details    
'0.09M MES pH6.0, 0.045M MgCl2, 24% PEG 3350, 10mM DTT , pH 6.5, VAPOR DIFFUSION, HANGING DROP, temperature 293K' 
_exptl_crystal_grow.pdbx_pH_range   . 
# 
_diffrn.id                     1 
_diffrn.ambient_temp           95 
_diffrn.ambient_temp_details   ? 
_diffrn.crystal_id             1 
# 
_diffrn_detector.diffrn_id              1 
_diffrn_detector.detector               CCD 
_diffrn_detector.type                   'ADSC QUANTUM 4r' 
_diffrn_detector.pdbx_collection_date   2007-07-12 
_diffrn_detector.details                ? 
# 
_diffrn_radiation.diffrn_id                        1 
_diffrn_radiation.wavelength_id                    1 
_diffrn_radiation.pdbx_diffrn_protocol             'SINGLE WAVELENGTH' 
_diffrn_radiation.monochromator                    ? 
_diffrn_radiation.pdbx_monochromatic_or_laue_m_l   M 
_diffrn_radiation.pdbx_scattering_type             x-ray 
# 
_diffrn_radiation_wavelength.id           1 
_diffrn_radiation_wavelength.wavelength   1.00 
_diffrn_radiation_wavelength.wt           1.0 
# 
_diffrn_source.diffrn_id                   1 
_diffrn_source.source                      SYNCHROTRON 
_diffrn_source.type                        'SPRING-8 BEAMLINE BL38B1' 
_diffrn_source.pdbx_wavelength             ? 
_diffrn_source.pdbx_wavelength_list        1.00 
_diffrn_source.pdbx_synchrotron_site       SPring-8 
_diffrn_source.pdbx_synchrotron_beamline   BL38B1 
# 
_reflns.entry_id                     3AWR 
_reflns.d_resolution_high            2.000 
_reflns.d_resolution_low             69.010 
_reflns.number_obs                   8725 
_reflns.pdbx_Rmerge_I_obs            0.089 
_reflns.pdbx_netI_over_sigmaI        11.000 
_reflns.pdbx_chi_squared             1.000 
_reflns.pdbx_redundancy              3.400 
_reflns.percent_possible_obs         98.300 
_reflns.observed_criterion_sigma_F   0.0 
_reflns.observed_criterion_sigma_I   0.0 
_reflns.number_all                   8876 
_reflns.pdbx_Rsym_value              ? 
_reflns.B_iso_Wilson_estimate        ? 
_reflns.R_free_details               ? 
_reflns.limit_h_max                  ? 
_reflns.limit_h_min                  ? 
_reflns.limit_k_max                  ? 
_reflns.limit_k_min                  ? 
_reflns.limit_l_max                  ? 
_reflns.limit_l_min                  ? 
_reflns.observed_criterion_F_max     ? 
_reflns.observed_criterion_F_min     ? 
_reflns.pdbx_scaling_rejects         ? 
_reflns.pdbx_ordinal                 1 
_reflns.pdbx_diffrn_id               1 
# 
loop_
_reflns_shell.d_res_high 
_reflns_shell.d_res_low 
_reflns_shell.number_measured_obs 
_reflns_shell.number_measured_all 
_reflns_shell.number_unique_obs 
_reflns_shell.pdbx_rejects 
_reflns_shell.Rmerge_I_obs 
_reflns_shell.meanI_over_sigI_obs 
_reflns_shell.pdbx_Rsym_value 
_reflns_shell.pdbx_chi_squared 
_reflns_shell.pdbx_redundancy 
_reflns_shell.percent_possible_obs 
_reflns_shell.pdbx_netI_over_sigmaI_obs 
_reflns_shell.number_possible 
_reflns_shell.number_unique_all 
_reflns_shell.Rmerge_F_all 
_reflns_shell.Rmerge_F_obs 
_reflns_shell.Rmerge_I_all 
_reflns_shell.meanI_over_sigI_all 
_reflns_shell.percent_possible_all 
_reflns_shell.pdbx_Rrim_I_all 
_reflns_shell.pdbx_Rpim_I_all 
_reflns_shell.pdbx_ordinal 
_reflns_shell.pdbx_diffrn_id 
2.000 2.070  ? ? ? ? 0.296 ? ? 0.821 2.400 ? ? ? 786 ? ? ? ? 89.100  ? ? 1  1 
2.070 2.150  ? ? ? ? 0.220 ? ? 0.702 2.800 ? ? ? 831 ? ? ? ? 94.800  ? ? 2  1 
2.150 2.250  ? ? ? ? 0.207 ? ? 1.078 3.200 ? ? ? 861 ? ? ? ? 99.100  ? ? 3  1 
2.250 2.370  ? ? ? ? 0.175 ? ? 0.923 3.500 ? ? ? 876 ? ? ? ? 100.000 ? ? 4  1 
2.370 2.520  ? ? ? ? 0.132 ? ? 1.065 3.700 ? ? ? 884 ? ? ? ? 100.000 ? ? 5  1 
2.520 2.710  ? ? ? ? 0.117 ? ? 1.053 3.700 ? ? ? 881 ? ? ? ? 100.000 ? ? 6  1 
2.710 2.990  ? ? ? ? 0.101 ? ? 1.051 3.700 ? ? ? 873 ? ? ? ? 100.000 ? ? 7  1 
2.990 3.420  ? ? ? ? 0.075 ? ? 1.024 3.700 ? ? ? 905 ? ? ? ? 100.000 ? ? 8  1 
3.420 4.310  ? ? ? ? 0.063 ? ? 1.018 3.700 ? ? ? 894 ? ? ? ? 100.000 ? ? 9  1 
4.310 50.000 ? ? ? ? 0.072 ? ? 1.068 3.500 ? ? ? 934 ? ? ? ? 99.600  ? ? 10 1 
# 
_refine.entry_id                                 3AWR 
_refine.ls_d_res_high                            2.0000 
_refine.ls_d_res_low                             50.000 
_refine.pdbx_ls_sigma_F                          ? 
_refine.pdbx_data_cutoff_high_absF               ? 
_refine.pdbx_data_cutoff_low_absF                ? 
_refine.ls_percent_reflns_obs                    96.78 
_refine.ls_number_reflns_obs                     8221 
_refine.ls_number_reflns_all                     ? 
_refine.pdbx_ls_cross_valid_method               THROUGHOUT 
_refine.pdbx_R_Free_selection_details            RANDOM 
_refine.details                                  'HYDROGENS HAVE BEEN ADDED IN THE RIDING POSITIONS' 
_refine.ls_R_factor_all                          ? 
_refine.ls_R_factor_obs                          0.20813 
_refine.ls_R_factor_R_work                       0.20609 
_refine.ls_wR_factor_R_work                      ? 
_refine.ls_R_factor_R_free                       0.25073 
_refine.ls_wR_factor_R_free                      ? 
_refine.ls_percent_reflns_R_free                 4.7 
_refine.ls_number_reflns_R_free                  405 
_refine.ls_R_factor_R_free_error                 ? 
_refine.B_iso_mean                               24.663 
_refine.solvent_model_param_bsol                 ? 
_refine.solvent_model_param_ksol                 ? 
_refine.pdbx_isotropic_thermal_model             ? 
_refine.aniso_B[1][1]                            1.95 
_refine.aniso_B[2][2]                            -0.84 
_refine.aniso_B[3][3]                            -1.11 
_refine.aniso_B[1][2]                            0.00 
_refine.aniso_B[1][3]                            -0.01 
_refine.aniso_B[2][3]                            0.00 
_refine.correlation_coeff_Fo_to_Fc               0.943 
_refine.correlation_coeff_Fo_to_Fc_free          0.9170 
_refine.overall_SU_R_Cruickshank_DPI             ? 
_refine.overall_SU_R_free                        ? 
_refine.pdbx_overall_ESU_R_Free                  0.205 
_refine.overall_SU_ML                            0.157 
_refine.overall_SU_B                             5.616 
_refine.solvent_model_details                    MASK 
_refine.pdbx_solvent_vdw_probe_radii             1.40 
_refine.pdbx_solvent_ion_probe_radii             0.80 
_refine.pdbx_solvent_shrinkage_radii             0.80 
_refine.ls_number_parameters                     ? 
_refine.ls_number_restraints                     ? 
_refine.pdbx_starting_model                      2V1T 
_refine.pdbx_method_to_determine_struct          'MOLECULAR REPLACEMENT' 
_refine.pdbx_stereochemistry_target_values       'MAXIMUM LIKELIHOOD' 
_refine.pdbx_stereochem_target_val_spec_case     ? 
_refine.overall_FOM_work_R_set                   ? 
_refine.pdbx_ls_sigma_I                          ? 
_refine.ls_redundancy_reflns_obs                 ? 
_refine.ls_R_factor_R_free_error_details         ? 
_refine.pdbx_data_cutoff_high_rms_absF           ? 
_refine.overall_FOM_free_R_set                   ? 
_refine.pdbx_refine_id                           'X-RAY DIFFRACTION' 
_refine.pdbx_overall_phase_error                 ? 
_refine.pdbx_overall_ESU_R                       0.279 
_refine.pdbx_diffrn_id                           1 
_refine.occupancy_max                            ? 
_refine.occupancy_min                            ? 
_refine.B_iso_min                                ? 
_refine.B_iso_max                                ? 
_refine.pdbx_TLS_residual_ADP_flag               ? 
_refine.pdbx_overall_SU_R_free_Cruickshank_DPI   ? 
_refine.pdbx_overall_SU_R_Blow_DPI               ? 
_refine.pdbx_overall_SU_R_free_Blow_DPI          ? 
# 
_refine_hist.pdbx_refine_id                   'X-RAY DIFFRACTION' 
_refine_hist.cycle_id                         LAST 
_refine_hist.pdbx_number_atoms_protein        1234 
_refine_hist.pdbx_number_atoms_nucleic_acid   0 
_refine_hist.pdbx_number_atoms_ligand         0 
_refine_hist.number_atoms_solvent             71 
_refine_hist.number_atoms_total               1305 
_refine_hist.d_res_high                       2.0000 
_refine_hist.d_res_low                        50.000 
# 
loop_
_refine_ls_restr.type 
_refine_ls_restr.dev_ideal 
_refine_ls_restr.dev_ideal_target 
_refine_ls_restr.weight 
_refine_ls_restr.number 
_refine_ls_restr.pdbx_refine_id 
_refine_ls_restr.pdbx_restraint_function 
r_bond_refined_d             0.011  0.022  ? 1251 'X-RAY DIFFRACTION' ? 
r_bond_other_d               ?      ?      ? ?    'X-RAY DIFFRACTION' ? 
r_angle_refined_deg          1.421  2.021  ? 1693 'X-RAY DIFFRACTION' ? 
r_angle_other_deg            ?      ?      ? ?    'X-RAY DIFFRACTION' ? 
r_dihedral_angle_1_deg       4.945  5.000  ? 157  'X-RAY DIFFRACTION' ? 
r_dihedral_angle_2_deg       36.597 26.667 ? 54   'X-RAY DIFFRACTION' ? 
r_dihedral_angle_3_deg       20.652 15.000 ? 225  'X-RAY DIFFRACTION' ? 
r_dihedral_angle_4_deg       14.067 15.000 ? 4    'X-RAY DIFFRACTION' ? 
r_chiral_restr               0.096  0.200  ? 199  'X-RAY DIFFRACTION' ? 
r_gen_planes_refined         0.006  0.021  ? 930  'X-RAY DIFFRACTION' ? 
r_gen_planes_other           ?      ?      ? ?    'X-RAY DIFFRACTION' ? 
r_nbd_refined                ?      ?      ? ?    'X-RAY DIFFRACTION' ? 
r_nbd_other                  ?      ?      ? ?    'X-RAY DIFFRACTION' ? 
r_nbtor_refined              ?      ?      ? ?    'X-RAY DIFFRACTION' ? 
r_nbtor_other                ?      ?      ? ?    'X-RAY DIFFRACTION' ? 
r_xyhbond_nbd_refined        ?      ?      ? ?    'X-RAY DIFFRACTION' ? 
r_xyhbond_nbd_other          ?      ?      ? ?    'X-RAY DIFFRACTION' ? 
r_metal_ion_refined          ?      ?      ? ?    'X-RAY DIFFRACTION' ? 
r_metal_ion_other            ?      ?      ? ?    'X-RAY DIFFRACTION' ? 
r_symmetry_vdw_refined       ?      ?      ? ?    'X-RAY DIFFRACTION' ? 
r_symmetry_vdw_other         ?      ?      ? ?    'X-RAY DIFFRACTION' ? 
r_symmetry_hbond_refined     ?      ?      ? ?    'X-RAY DIFFRACTION' ? 
r_symmetry_hbond_other       ?      ?      ? ?    'X-RAY DIFFRACTION' ? 
r_symmetry_metal_ion_refined ?      ?      ? ?    'X-RAY DIFFRACTION' ? 
r_symmetry_metal_ion_other   ?      ?      ? ?    'X-RAY DIFFRACTION' ? 
r_mcbond_it                  0.779  1.500  ? 800  'X-RAY DIFFRACTION' ? 
r_mcbond_other               ?      ?      ? ?    'X-RAY DIFFRACTION' ? 
r_mcangle_it                 1.535  2.000  ? 1279 'X-RAY DIFFRACTION' ? 
r_scbond_it                  2.253  3.000  ? 451  'X-RAY DIFFRACTION' ? 
r_scangle_it                 3.713  4.500  ? 414  'X-RAY DIFFRACTION' ? 
r_rigid_bond_restr           ?      ?      ? ?    'X-RAY DIFFRACTION' ? 
r_sphericity_free            ?      ?      ? ?    'X-RAY DIFFRACTION' ? 
r_sphericity_bonded          ?      ?      ? ?    'X-RAY DIFFRACTION' ? 
# 
_refine_ls_shell.d_res_high                       2.0000 
_refine_ls_shell.d_res_low                        2.0520 
_refine_ls_shell.pdbx_total_number_of_bins_used   20 
_refine_ls_shell.percent_reflns_obs               81.28 
_refine_ls_shell.number_reflns_R_work             482 
_refine_ls_shell.R_factor_all                     ? 
_refine_ls_shell.R_factor_R_work                  0.247 
_refine_ls_shell.R_factor_R_free                  0.256 
_refine_ls_shell.percent_reflns_R_free            ? 
_refine_ls_shell.number_reflns_R_free             26 
_refine_ls_shell.R_factor_R_free_error            ? 
_refine_ls_shell.number_reflns_all                507 
_refine_ls_shell.number_reflns_obs                ? 
_refine_ls_shell.pdbx_refine_id                   'X-RAY DIFFRACTION' 
_refine_ls_shell.redundancy_reflns_obs            ? 
# 
_struct.entry_id                  3AWR 
_struct.title                     
;Crystal structure of Rat TOM20-ALDH presequence complex: The intermolecular disulfide bond was cleaved in the crystal of a disulfide-tethered complex.
;
_struct.pdbx_model_details        ? 
_struct.pdbx_CASP_flag            ? 
_struct.pdbx_model_type_details   ? 
# 
_struct_keywords.entry_id        3AWR 
_struct_keywords.pdbx_keywords   'MEMBRANE PROTEIN/TRANSPORT PROTEIN' 
_struct_keywords.text            'PROTEIN-PROTEIN COMPLEX, MEMBRANE PROTEIN-TRANSPORT PROTEIN complex' 
# 
loop_
_struct_asym.id 
_struct_asym.pdbx_blank_PDB_chainid_flag 
_struct_asym.pdbx_modified 
_struct_asym.entity_id 
_struct_asym.details 
A N N 1 ? 
B N N 1 ? 
C N N 2 ? 
D N N 2 ? 
E N N 3 ? 
F N N 3 ? 
G N N 3 ? 
H N N 3 ? 
# 
_struct_biol.id        1 
_struct_biol.details   ? 
# 
loop_
_struct_conf.conf_type_id 
_struct_conf.id 
_struct_conf.pdbx_PDB_helix_id 
_struct_conf.beg_label_comp_id 
_struct_conf.beg_label_asym_id 
_struct_conf.beg_label_seq_id 
_struct_conf.pdbx_beg_PDB_ins_code 
_struct_conf.end_label_comp_id 
_struct_conf.end_label_asym_id 
_struct_conf.end_label_seq_id 
_struct_conf.pdbx_end_PDB_ins_code 
_struct_conf.beg_auth_comp_id 
_struct_conf.beg_auth_asym_id 
_struct_conf.beg_auth_seq_id 
_struct_conf.end_auth_comp_id 
_struct_conf.end_auth_asym_id 
_struct_conf.end_auth_seq_id 
_struct_conf.pdbx_PDB_helix_class 
_struct_conf.details 
_struct_conf.pdbx_PDB_helix_length 
HELX_P HELX_P1  1  ASP A 6  ? GLN A 30 ? ASP A 59  GLN A 83  1 ? 25 
HELX_P HELX_P2  2  ASP A 32 ? VAL A 46 ? ASP A 85  VAL A 99  1 ? 15 
HELX_P HELX_P3  3  PRO A 50 ? LEU A 61 ? PRO A 103 LEU A 114 1 ? 12 
HELX_P HELX_P4  4  PRO A 62 ? LEU A 73 ? PRO A 115 LEU A 126 1 ? 12 
HELX_P HELX_P5  5  ALA B 10 ? GLN B 30 ? ALA B 63  GLN B 83  1 ? 21 
HELX_P HELX_P6  6  ASP B 32 ? VAL B 46 ? ASP B 85  VAL B 99  1 ? 15 
HELX_P HELX_P7  7  PRO B 50 ? LEU B 61 ? PRO B 103 LEU B 114 1 ? 12 
HELX_P HELX_P8  8  PRO B 62 ? LYS B 72 ? PRO B 115 LYS B 125 1 ? 11 
HELX_P HELX_P9  9  GLY C 1  ? ARG C 3  ? GLY C 12  ARG C 14  5 ? 3  
HELX_P HELX_P10 10 LEU C 4  ? GLY C 12 ? LEU C 15  GLY C 23  1 ? 9  
HELX_P HELX_P11 11 ARG D 3  ? ALA D 11 ? ARG D 14  ALA D 22  1 ? 9  
# 
_struct_conf_type.id          HELX_P 
_struct_conf_type.criteria    ? 
_struct_conf_type.reference   ? 
# 
_atom_sites.entry_id                    3AWR 
_atom_sites.fract_transf_matrix[1][1]   0.01382639 
_atom_sites.fract_transf_matrix[1][2]   -0.01087215 
_atom_sites.fract_transf_matrix[1][3]   0.02474079 
_atom_sites.fract_transf_matrix[2][1]   -0.00824622 
_atom_sites.fract_transf_matrix[2][2]   -0.03361307 
_atom_sites.fract_transf_matrix[2][3]   -0.01016260 
_atom_sites.fract_transf_matrix[3][1]   0.01360151 
_atom_sites.fract_transf_matrix[3][2]   -0.00195989 
_atom_sites.fract_transf_matrix[3][3]   -0.00455426 
_atom_sites.fract_transf_vector[1]      0.077240 
_atom_sites.fract_transf_vector[2]      0.229360 
_atom_sites.fract_transf_vector[3]      0.253600 
# 
loop_
_atom_type.symbol 
C 
N 
O 
S 
# 
loop_
_atom_site.group_PDB 
_atom_site.id 
_atom_site.type_symbol 
_atom_site.label_atom_id 
_atom_site.label_alt_id 
_atom_site.label_comp_id 
_atom_site.label_asym_id 
_atom_site.label_entity_id 
_atom_site.label_seq_id 
_atom_site.pdbx_PDB_ins_code 
_atom_site.Cartn_x 
_atom_site.Cartn_y 
_atom_site.Cartn_z 
_atom_site.occupancy 
_atom_site.B_iso_or_equiv 
_atom_site.pdbx_formal_charge 
_atom_site.auth_seq_id 
_atom_site.auth_comp_id 
_atom_site.auth_asym_id 
_atom_site.auth_atom_id 
_atom_site.pdbx_PDB_model_num 
ATOM   1    N N   . GLY A 1 1  ? -18.623 -0.445  -8.563  1.00 33.06 ? 54  GLY A N   1 
ATOM   2    C CA  . GLY A 1 1  ? -17.993 -1.324  -9.591  1.00 32.91 ? 54  GLY A CA  1 
ATOM   3    C C   . GLY A 1 1  ? -16.551 -1.677  -9.252  1.00 32.72 ? 54  GLY A C   1 
ATOM   4    O O   . GLY A 1 1  ? -16.064 -1.314  -8.166  1.00 33.07 ? 54  GLY A O   1 
ATOM   5    N N   . PRO A 1 2  ? -15.854 -2.390  -10.177 1.00 32.02 ? 55  PRO A N   1 
ATOM   6    C CA  . PRO A 1 2  ? -14.455 -2.801  -9.985  1.00 31.12 ? 55  PRO A CA  1 
ATOM   7    C C   . PRO A 1 2  ? -13.521 -1.606  -9.828  1.00 30.09 ? 55  PRO A C   1 
ATOM   8    O O   . PRO A 1 2  ? -13.862 -0.494  -10.263 1.00 29.52 ? 55  PRO A O   1 
ATOM   9    C CB  . PRO A 1 2  ? -14.130 -3.562  -11.279 1.00 31.43 ? 55  PRO A CB  1 
ATOM   10   C CG  . PRO A 1 2  ? -15.463 -4.018  -11.796 1.00 31.81 ? 55  PRO A CG  1 
ATOM   11   C CD  . PRO A 1 2  ? -16.375 -2.855  -11.480 1.00 31.86 ? 55  PRO A CD  1 
ATOM   12   N N   . LEU A 1 3  ? -12.365 -1.832  -9.202  1.00 28.73 ? 56  LEU A N   1 
ATOM   13   C CA  . LEU A 1 3  ? -11.413 -0.748  -8.942  1.00 27.90 ? 56  LEU A CA  1 
ATOM   14   C C   . LEU A 1 3  ? -10.935 -0.135  -10.250 1.00 27.21 ? 56  LEU A C   1 
ATOM   15   O O   . LEU A 1 3  ? -10.578 -0.863  -11.181 1.00 27.13 ? 56  LEU A O   1 
ATOM   16   C CB  . LEU A 1 3  ? -10.209 -1.233  -8.113  1.00 27.75 ? 56  LEU A CB  1 
ATOM   17   C CG  . LEU A 1 3  ? -9.580  -0.121  -7.261  1.00 28.07 ? 56  LEU A CG  1 
ATOM   18   C CD1 . LEU A 1 3  ? -9.395  -0.608  -5.845  1.00 30.37 ? 56  LEU A CD1 1 
ATOM   19   C CD2 . LEU A 1 3  ? -8.270  0.353   -7.826  1.00 29.72 ? 56  LEU A CD2 1 
ATOM   20   N N   . GLY A 1 4  ? -10.924 1.196   -10.306 1.00 26.44 ? 57  GLY A N   1 
ATOM   21   C CA  . GLY A 1 4  ? -10.506 1.932   -11.503 1.00 25.78 ? 57  GLY A CA  1 
ATOM   22   C C   . GLY A 1 4  ? -11.656 2.529   -12.323 1.00 25.50 ? 57  GLY A C   1 
ATOM   23   O O   . GLY A 1 4  ? -11.426 3.390   -13.156 1.00 25.12 ? 57  GLY A O   1 
ATOM   24   N N   . SER A 1 5  ? -12.893 2.104   -12.062 1.00 25.36 ? 58  SER A N   1 
ATOM   25   C CA  . SER A 1 5  ? -14.055 2.533   -12.857 1.00 25.42 ? 58  SER A CA  1 
ATOM   26   C C   . SER A 1 5  ? -14.700 3.824   -12.318 1.00 26.00 ? 58  SER A C   1 
ATOM   27   O O   . SER A 1 5  ? -15.610 4.380   -12.941 1.00 25.73 ? 58  SER A O   1 
ATOM   28   C CB  . SER A 1 5  ? -15.094 1.414   -12.897 1.00 25.20 ? 58  SER A CB  1 
ATOM   29   O OG  . SER A 1 5  ? -15.585 1.158   -11.599 1.00 24.29 ? 58  SER A OG  1 
ATOM   30   N N   . ASP A 1 6  ? -14.228 4.272   -11.152 1.00 26.12 ? 59  ASP A N   1 
ATOM   31   C CA  . ASP A 1 6  ? -14.729 5.470   -10.482 1.00 26.76 ? 59  ASP A CA  1 
ATOM   32   C C   . ASP A 1 6  ? -13.706 6.601   -10.544 1.00 26.88 ? 59  ASP A C   1 
ATOM   33   O O   . ASP A 1 6  ? -12.504 6.392   -10.370 1.00 26.82 ? 59  ASP A O   1 
ATOM   34   C CB  . ASP A 1 6  ? -15.065 5.167   -9.008  1.00 26.95 ? 59  ASP A CB  1 
ATOM   35   C CG  . ASP A 1 6  ? -15.859 6.290   -8.328  1.00 28.98 ? 59  ASP A CG  1 
ATOM   36   O OD1 . ASP A 1 6  ? -17.018 6.037   -7.930  1.00 32.33 ? 59  ASP A OD1 1 
ATOM   37   O OD2 . ASP A 1 6  ? -15.340 7.421   -8.183  1.00 28.40 ? 59  ASP A OD2 1 
ATOM   38   N N   . LEU A 1 7  ? -14.211 7.815   -10.744 1.00 27.38 ? 60  LEU A N   1 
ATOM   39   C CA  . LEU A 1 7  ? -13.390 9.022   -10.801 1.00 27.36 ? 60  LEU A CA  1 
ATOM   40   C C   . LEU A 1 7  ? -12.491 9.142   -9.557  1.00 26.85 ? 60  LEU A C   1 
ATOM   41   O O   . LEU A 1 7  ? -11.317 9.498   -9.655  1.00 26.87 ? 60  LEU A O   1 
ATOM   42   C CB  . LEU A 1 7  ? -14.286 10.269  -10.963 1.00 27.23 ? 60  LEU A CB  1 
ATOM   43   C CG  . LEU A 1 7  ? -15.785 10.218  -11.351 1.00 28.63 ? 60  LEU A CG  1 
ATOM   44   C CD1 . LEU A 1 7  ? -16.047 11.225  -12.460 1.00 27.47 ? 60  LEU A CD1 1 
ATOM   45   C CD2 . LEU A 1 7  ? -16.369 8.825   -11.727 1.00 26.98 ? 60  LEU A CD2 1 
ATOM   46   N N   . LYS A 1 8  ? -13.060 8.814   -8.399  1.00 26.67 ? 61  LYS A N   1 
ATOM   47   C CA  . LYS A 1 8  ? -12.393 8.913   -7.098  1.00 26.71 ? 61  LYS A CA  1 
ATOM   48   C C   . LYS A 1 8  ? -11.226 7.938   -6.922  1.00 25.65 ? 61  LYS A C   1 
ATOM   49   O O   . LYS A 1 8  ? -10.396 8.112   -6.030  1.00 25.54 ? 61  LYS A O   1 
ATOM   50   C CB  . LYS A 1 8  ? -13.404 8.642   -5.991  1.00 26.96 ? 61  LYS A CB  1 
ATOM   51   C CG  . LYS A 1 8  ? -14.351 9.790   -5.678  1.00 30.28 ? 61  LYS A CG  1 
ATOM   52   C CD  . LYS A 1 8  ? -15.349 9.396   -4.590  1.00 33.76 ? 61  LYS A CD  1 
ATOM   53   C CE  . LYS A 1 8  ? -16.522 8.611   -5.162  1.00 35.62 ? 61  LYS A CE  1 
ATOM   54   N NZ  . LYS A 1 8  ? -17.475 9.452   -5.952  1.00 38.68 ? 61  LYS A NZ  1 
ATOM   55   N N   . ASP A 1 9  ? -11.197 6.890   -7.739  1.00 24.71 ? 62  ASP A N   1 
ATOM   56   C CA  . ASP A 1 9  ? -10.155 5.873   -7.641  1.00 23.97 ? 62  ASP A CA  1 
ATOM   57   C C   . ASP A 1 9  ? -8.789  6.455   -7.997  1.00 23.08 ? 62  ASP A C   1 
ATOM   58   O O   . ASP A 1 9  ? -7.817  6.247   -7.278  1.00 22.63 ? 62  ASP A O   1 
ATOM   59   C CB  . ASP A 1 9  ? -10.495 4.630   -8.486  1.00 23.58 ? 62  ASP A CB  1 
ATOM   60   C CG  . ASP A 1 9  ? -11.767 3.903   -7.997  1.00 24.62 ? 62  ASP A CG  1 
ATOM   61   O OD1 . ASP A 1 9  ? -12.210 4.158   -6.860  1.00 24.63 ? 62  ASP A OD1 1 
ATOM   62   O OD2 . ASP A 1 9  ? -12.337 3.078   -8.752  1.00 24.35 ? 62  ASP A OD2 1 
ATOM   63   N N   . ALA A 1 10 ? -8.723  7.215   -9.084  1.00 22.66 ? 63  ALA A N   1 
ATOM   64   C CA  . ALA A 1 10 ? -7.459  7.847   -9.484  1.00 22.56 ? 63  ALA A CA  1 
ATOM   65   C C   . ALA A 1 10 ? -6.945  8.863   -8.448  1.00 22.39 ? 63  ALA A C   1 
ATOM   66   O O   . ALA A 1 10 ? -5.752  8.966   -8.216  1.00 22.04 ? 63  ALA A O   1 
ATOM   67   C CB  . ALA A 1 10 ? -7.575  8.484   -10.872 1.00 22.91 ? 63  ALA A CB  1 
ATOM   68   N N   . GLU A 1 11 ? -7.841  9.602   -7.815  1.00 22.27 ? 64  GLU A N   1 
ATOM   69   C CA  . GLU A 1 11 ? -7.420  10.515  -6.752  1.00 22.66 ? 64  GLU A CA  1 
ATOM   70   C C   . GLU A 1 11 ? -6.833  9.770   -5.530  1.00 21.06 ? 64  GLU A C   1 
ATOM   71   O O   . GLU A 1 11 ? -5.840  10.215  -4.934  1.00 20.89 ? 64  GLU A O   1 
ATOM   72   C CB  . GLU A 1 11 ? -8.599  11.381  -6.317  1.00 23.66 ? 64  GLU A CB  1 
ATOM   73   C CG  . GLU A 1 11 ? -9.438  11.926  -7.479  1.00 28.03 ? 64  GLU A CG  1 
ATOM   74   C CD  . GLU A 1 11 ? -10.029 13.298  -7.186  1.00 34.45 ? 64  GLU A CD  1 
ATOM   75   O OE1 . GLU A 1 11 ? -10.735 13.836  -8.073  1.00 37.33 ? 64  GLU A OE1 1 
ATOM   76   O OE2 . GLU A 1 11 ? -9.778  13.842  -6.077  1.00 37.53 ? 64  GLU A OE2 1 
ATOM   77   N N   . ALA A 1 12 ? -7.450  8.648   -5.162  1.00 19.51 ? 65  ALA A N   1 
ATOM   78   C CA  . ALA A 1 12 ? -7.036  7.871   -3.967  1.00 18.47 ? 65  ALA A CA  1 
ATOM   79   C C   . ALA A 1 12 ? -5.628  7.306   -4.132  1.00 17.13 ? 65  ALA A C   1 
ATOM   80   O O   . ALA A 1 12 ? -4.825  7.327   -3.209  1.00 15.72 ? 65  ALA A O   1 
ATOM   81   C CB  . ALA A 1 12 ? -8.034  6.736   -3.680  1.00 17.36 ? 65  ALA A CB  1 
ATOM   82   N N   . VAL A 1 13 ? -5.341  6.804   -5.326  1.00 16.68 ? 66  VAL A N   1 
ATOM   83   C CA  . VAL A 1 13 ? -4.025  6.243   -5.610  1.00 16.34 ? 66  VAL A CA  1 
ATOM   84   C C   . VAL A 1 13 ? -2.926  7.310   -5.723  1.00 16.50 ? 66  VAL A C   1 
ATOM   85   O O   . VAL A 1 13 ? -1.818  7.080   -5.274  1.00 14.39 ? 66  VAL A O   1 
ATOM   86   C CB  . VAL A 1 13 ? -4.028  5.292   -6.824  1.00 15.97 ? 66  VAL A CB  1 
ATOM   87   C CG1 . VAL A 1 13 ? -4.273  6.033   -8.123  1.00 15.34 ? 66  VAL A CG1 1 
ATOM   88   C CG2 . VAL A 1 13 ? -2.706  4.554   -6.916  1.00 16.56 ? 66  VAL A CG2 1 
ATOM   89   N N   . GLN A 1 14 ? -3.242  8.483   -6.285  1.00 17.11 ? 67  GLN A N   1 
ATOM   90   C CA  . GLN A 1 14 ? -2.264  9.587   -6.286  1.00 18.00 ? 67  GLN A CA  1 
ATOM   91   C C   . GLN A 1 14 ? -1.958  10.039  -4.852  1.00 16.69 ? 67  GLN A C   1 
ATOM   92   O O   . GLN A 1 14 ? -0.827  10.276  -4.514  1.00 16.52 ? 67  GLN A O   1 
ATOM   93   C CB  . GLN A 1 14 ? -2.758  10.774  -7.128  1.00 19.10 ? 67  GLN A CB  1 
ATOM   94   C CG  . GLN A 1 14 ? -2.827  10.500  -8.660  1.00 24.30 ? 67  GLN A CG  1 
ATOM   95   C CD  . GLN A 1 14 ? -3.697  11.526  -9.401  1.00 30.36 ? 67  GLN A CD  1 
ATOM   96   O OE1 . GLN A 1 14 ? -4.084  12.554  -8.837  1.00 33.25 ? 67  GLN A OE1 1 
ATOM   97   N NE2 . GLN A 1 14 ? -4.007  11.244  -10.667 1.00 31.98 ? 67  GLN A NE2 1 
ATOM   98   N N   . LYS A 1 15 ? -2.985  10.149  -4.014  1.00 16.35 ? 68  LYS A N   1 
ATOM   99   C CA  . LYS A 1 15 ? -2.787  10.478  -2.599  1.00 15.99 ? 68  LYS A CA  1 
ATOM   100  C C   . LYS A 1 15 ? -2.034  9.378   -1.870  1.00 14.83 ? 68  LYS A C   1 
ATOM   101  O O   . LYS A 1 15 ? -1.218  9.655   -1.013  1.00 15.30 ? 68  LYS A O   1 
ATOM   102  C CB  . LYS A 1 15 ? -4.129  10.707  -1.902  1.00 16.17 ? 68  LYS A CB  1 
ATOM   103  C CG  . LYS A 1 15 ? -4.749  12.045  -2.191  1.00 19.35 ? 68  LYS A CG  1 
ATOM   104  C CD  . LYS A 1 15 ? -5.938  12.301  -1.265  1.00 24.39 ? 68  LYS A CD  1 
ATOM   105  C CE  . LYS A 1 15 ? -7.185  11.629  -1.790  1.00 26.09 ? 68  LYS A CE  1 
ATOM   106  N NZ  . LYS A 1 15 ? -7.845  12.505  -2.809  1.00 29.17 ? 68  LYS A NZ  1 
ATOM   107  N N   . PHE A 1 16 ? -2.343  8.126   -2.184  1.00 14.67 ? 69  PHE A N   1 
ATOM   108  C CA  . PHE A 1 16 ? -1.666  6.986   -1.562  1.00 14.63 ? 69  PHE A CA  1 
ATOM   109  C C   . PHE A 1 16 ? -0.177  7.002   -1.888  1.00 14.86 ? 69  PHE A C   1 
ATOM   110  O O   . PHE A 1 16 ? 0.671   6.804   -1.008  1.00 14.60 ? 69  PHE A O   1 
ATOM   111  C CB  . PHE A 1 16 ? -2.296  5.653   -2.007  1.00 13.65 ? 69  PHE A CB  1 
ATOM   112  C CG  . PHE A 1 16 ? -1.590  4.446   -1.465  1.00 14.78 ? 69  PHE A CG  1 
ATOM   113  C CD1 . PHE A 1 16 ? -0.738  3.697   -2.272  1.00 12.02 ? 69  PHE A CD1 1 
ATOM   114  C CD2 . PHE A 1 16 ? -1.747  4.073   -0.141  1.00 14.56 ? 69  PHE A CD2 1 
ATOM   115  C CE1 . PHE A 1 16 ? -0.086  2.584   -1.771  1.00 13.58 ? 69  PHE A CE1 1 
ATOM   116  C CE2 . PHE A 1 16 ? -1.095  2.972   0.367   1.00 14.46 ? 69  PHE A CE2 1 
ATOM   117  C CZ  . PHE A 1 16 ? -0.255  2.231   -0.449  1.00 14.15 ? 69  PHE A CZ  1 
ATOM   118  N N   . PHE A 1 17 ? 0.128   7.231   -3.160  1.00 14.69 ? 70  PHE A N   1 
ATOM   119  C CA  . PHE A 1 17 ? 1.512   7.291   -3.633  1.00 14.91 ? 70  PHE A CA  1 
ATOM   120  C C   . PHE A 1 17 ? 2.299   8.412   -2.922  1.00 14.94 ? 70  PHE A C   1 
ATOM   121  O O   . PHE A 1 17 ? 3.413   8.195   -2.450  1.00 14.40 ? 70  PHE A O   1 
ATOM   122  C CB  . PHE A 1 17 ? 1.524   7.490   -5.159  1.00 14.80 ? 70  PHE A CB  1 
ATOM   123  C CG  . PHE A 1 17 ? 2.905   7.662   -5.744  1.00 16.05 ? 70  PHE A CG  1 
ATOM   124  C CD1 . PHE A 1 17 ? 3.638   6.562   -6.165  1.00 15.82 ? 70  PHE A CD1 1 
ATOM   125  C CD2 . PHE A 1 17 ? 3.460   8.938   -5.900  1.00 17.44 ? 70  PHE A CD2 1 
ATOM   126  C CE1 . PHE A 1 17 ? 4.923   6.713   -6.697  1.00 15.88 ? 70  PHE A CE1 1 
ATOM   127  C CE2 . PHE A 1 17 ? 4.748   9.103   -6.428  1.00 16.61 ? 70  PHE A CE2 1 
ATOM   128  C CZ  . PHE A 1 17 ? 5.480   7.992   -6.832  1.00 16.21 ? 70  PHE A CZ  1 
ATOM   129  N N   . LEU A 1 18 ? 1.717   9.608   -2.841  1.00 15.51 ? 71  LEU A N   1 
ATOM   130  C CA  . LEU A 1 18 ? 2.396   10.731  -2.169  1.00 16.09 ? 71  LEU A CA  1 
ATOM   131  C C   . LEU A 1 18 ? 2.663   10.403  -0.698  1.00 15.22 ? 71  LEU A C   1 
ATOM   132  O O   . LEU A 1 18 ? 3.793   10.536  -0.212  1.00 14.61 ? 71  LEU A O   1 
ATOM   133  C CB  . LEU A 1 18 ? 1.593   12.029  -2.331  1.00 16.54 ? 71  LEU A CB  1 
ATOM   134  C CG  . LEU A 1 18 ? 2.347   13.358  -2.218  1.00 21.33 ? 71  LEU A CG  1 
ATOM   135  C CD1 . LEU A 1 18 ? 2.962   13.767  -3.567  1.00 23.48 ? 71  LEU A CD1 1 
ATOM   136  C CD2 . LEU A 1 18 ? 1.431   14.490  -1.719  1.00 23.63 ? 71  LEU A CD2 1 
ATOM   137  N N   . GLU A 1 19 ? 1.634   9.907   -0.014  1.00 15.76 ? 72  GLU A N   1 
ATOM   138  C CA  . GLU A 1 19 ? 1.724   9.494   1.392   1.00 16.20 ? 72  GLU A CA  1 
ATOM   139  C C   . GLU A 1 19 ? 2.836   8.479   1.620   1.00 15.77 ? 72  GLU A C   1 
ATOM   140  O O   . GLU A 1 19 ? 3.602   8.595   2.573   1.00 16.43 ? 72  GLU A O   1 
ATOM   141  C CB  . GLU A 1 19 ? 0.379   8.878   1.868   1.00 16.18 ? 72  GLU A CB  1 
ATOM   142  C CG  . GLU A 1 19 ? -0.801  9.873   1.966   1.00 17.86 ? 72  GLU A CG  1 
ATOM   143  C CD  . GLU A 1 19 ? -2.170  9.221   1.777   1.00 20.54 ? 72  GLU A CD  1 
ATOM   144  O OE1 . GLU A 1 19 ? -2.256  7.967   1.708   1.00 21.23 ? 72  GLU A OE1 1 
ATOM   145  O OE2 . GLU A 1 19 ? -3.175  9.973   1.676   1.00 21.20 ? 72  GLU A OE2 1 
ATOM   146  N N   . GLU A 1 20 ? 2.902   7.476   0.749   1.00 15.65 ? 73  GLU A N   1 
ATOM   147  C CA  . GLU A 1 20 ? 3.849   6.379   0.890   1.00 16.09 ? 73  GLU A CA  1 
ATOM   148  C C   . GLU A 1 20 ? 5.286   6.853   0.667   1.00 16.56 ? 73  GLU A C   1 
ATOM   149  O O   . GLU A 1 20 ? 6.205   6.459   1.402   1.00 15.46 ? 73  GLU A O   1 
ATOM   150  C CB  . GLU A 1 20 ? 3.484   5.222   -0.052  1.00 15.89 ? 73  GLU A CB  1 
ATOM   151  C CG  . GLU A 1 20 ? 2.176   4.484   0.331   1.00 15.22 ? 73  GLU A CG  1 
ATOM   152  C CD  . GLU A 1 20 ? 2.167   3.949   1.758   1.00 20.88 ? 73  GLU A CD  1 
ATOM   153  O OE1 . GLU A 1 20 ? 1.259   4.324   2.539   1.00 23.10 ? 73  GLU A OE1 1 
ATOM   154  O OE2 . GLU A 1 20 ? 3.067   3.155   2.116   1.00 23.21 ? 73  GLU A OE2 1 
ATOM   155  N N   . ILE A 1 21 ? 5.467   7.732   -0.311  1.00 17.10 ? 74  ILE A N   1 
ATOM   156  C CA  . ILE A 1 21 ? 6.785   8.338   -0.542  1.00 18.97 ? 74  ILE A CA  1 
ATOM   157  C C   . ILE A 1 21 ? 7.246   9.226   0.611   1.00 19.19 ? 74  ILE A C   1 
ATOM   158  O O   . ILE A 1 21 ? 8.397   9.102   1.055   1.00 19.28 ? 74  ILE A O   1 
ATOM   159  C CB  . ILE A 1 21 ? 6.831   9.118   -1.863  1.00 19.17 ? 74  ILE A CB  1 
ATOM   160  C CG1 . ILE A 1 21 ? 6.777   8.147   -3.058  1.00 20.06 ? 74  ILE A CG1 1 
ATOM   161  C CG2 . ILE A 1 21 ? 8.060   9.975   -1.916  1.00 22.51 ? 74  ILE A CG2 1 
ATOM   162  C CD1 . ILE A 1 21 ? 8.006   7.251   -3.253  1.00 22.33 ? 74  ILE A CD1 1 
ATOM   163  N N   . GLN A 1 22 ? 6.343   10.092  1.100   1.00 19.73 ? 75  GLN A N   1 
ATOM   164  C CA  . GLN A 1 22 ? 6.613   10.985  2.246   1.00 19.96 ? 75  GLN A CA  1 
ATOM   165  C C   . GLN A 1 22 ? 6.921   10.175  3.508   1.00 20.02 ? 75  GLN A C   1 
ATOM   166  O O   . GLN A 1 22 ? 7.853   10.491  4.260   1.00 19.34 ? 75  GLN A O   1 
ATOM   167  C CB  . GLN A 1 22 ? 5.431   11.913  2.515   1.00 20.33 ? 75  GLN A CB  1 
ATOM   168  C CG  . GLN A 1 22 ? 5.218   12.998  1.461   1.00 23.74 ? 75  GLN A CG  1 
ATOM   169  C CD  . GLN A 1 22 ? 3.931   13.825  1.647   1.00 28.32 ? 75  GLN A CD  1 
ATOM   170  O OE1 . GLN A 1 22 ? 3.196   13.678  2.633   1.00 32.77 ? 75  GLN A OE1 1 
ATOM   171  N NE2 . GLN A 1 22 ? 3.664   14.698  0.697   1.00 28.14 ? 75  GLN A NE2 1 
ATOM   172  N N   . LEU A 1 23 ? 6.149   9.110   3.725   1.00 20.26 ? 76  LEU A N   1 
ATOM   173  C CA  . LEU A 1 23 ? 6.315   8.265   4.912   1.00 20.84 ? 76  LEU A CA  1 
ATOM   174  C C   . LEU A 1 23 ? 7.617   7.485   4.830   1.00 21.02 ? 76  LEU A C   1 
ATOM   175  O O   . LEU A 1 23 ? 8.353   7.375   5.802   1.00 20.89 ? 76  LEU A O   1 
ATOM   176  C CB  . LEU A 1 23 ? 5.147   7.288   5.052   1.00 21.14 ? 76  LEU A CB  1 
ATOM   177  C CG  . LEU A 1 23 ? 4.630   6.889   6.437   1.00 23.30 ? 76  LEU A CG  1 
ATOM   178  C CD1 . LEU A 1 23 ? 3.663   5.709   6.338   1.00 24.93 ? 76  LEU A CD1 1 
ATOM   179  C CD2 . LEU A 1 23 ? 5.730   6.578   7.442   1.00 25.02 ? 76  LEU A CD2 1 
ATOM   180  N N   . GLY A 1 24 ? 7.880   6.922   3.658   1.00 21.50 ? 77  GLY A N   1 
ATOM   181  C CA  . GLY A 1 24 ? 9.080   6.165   3.436   1.00 22.05 ? 77  GLY A CA  1 
ATOM   182  C C   . GLY A 1 24 ? 10.320  7.009   3.669   1.00 22.99 ? 77  GLY A C   1 
ATOM   183  O O   . GLY A 1 24 ? 11.241  6.571   4.373   1.00 22.79 ? 77  GLY A O   1 
ATOM   184  N N   . GLU A 1 25 ? 10.340  8.211   3.086   1.00 23.26 ? 78  GLU A N   1 
ATOM   185  C CA  . GLU A 1 25 ? 11.512  9.105   3.181   1.00 24.92 ? 78  GLU A CA  1 
ATOM   186  C C   . GLU A 1 25 ? 11.708  9.704   4.575   1.00 25.53 ? 78  GLU A C   1 
ATOM   187  O O   . GLU A 1 25 ? 12.844  9.964   4.967   1.00 25.32 ? 78  GLU A O   1 
ATOM   188  C CB  . GLU A 1 25 ? 11.484  10.232  2.126   1.00 24.70 ? 78  GLU A CB  1 
ATOM   189  C CG  . GLU A 1 25 ? 11.747  9.787   0.681   1.00 26.04 ? 78  GLU A CG  1 
ATOM   190  C CD  . GLU A 1 25 ? 13.187  9.345   0.412   1.00 30.95 ? 78  GLU A CD  1 
ATOM   191  O OE1 . GLU A 1 25 ? 14.010  9.325   1.354   1.00 31.04 ? 78  GLU A OE1 1 
ATOM   192  O OE2 . GLU A 1 25 ? 13.505  9.020   -0.761  1.00 32.79 ? 78  GLU A OE2 1 
ATOM   193  N N   . GLU A 1 26 ? 10.604  9.942   5.294   1.00 26.21 ? 79  GLU A N   1 
ATOM   194  C CA  . GLU A 1 26 ? 10.659  10.311  6.714   1.00 27.89 ? 79  GLU A CA  1 
ATOM   195  C C   . GLU A 1 26 ? 11.285  9.188   7.559   1.00 27.82 ? 79  GLU A C   1 
ATOM   196  O O   . GLU A 1 26 ? 12.204  9.441   8.341   1.00 27.63 ? 79  GLU A O   1 
ATOM   197  C CB  . GLU A 1 26 ? 9.276   10.721  7.254   1.00 27.94 ? 79  GLU A CB  1 
ATOM   198  C CG  . GLU A 1 26 ? 9.178   10.933  8.778   1.00 31.45 ? 79  GLU A CG  1 
ATOM   199  C CD  . GLU A 1 26 ? 10.046  12.090  9.345   1.00 35.16 ? 79  GLU A CD  1 
ATOM   200  O OE1 . GLU A 1 26 ? 10.649  12.881  8.571   1.00 36.93 ? 79  GLU A OE1 1 
ATOM   201  O OE2 . GLU A 1 26 ? 10.113  12.206  10.592  1.00 35.48 ? 79  GLU A OE2 1 
ATOM   202  N N   . LEU A 1 27 ? 10.800  7.959   7.374   1.00 28.51 ? 80  LEU A N   1 
ATOM   203  C CA  . LEU A 1 27 ? 11.344  6.785   8.061   1.00 29.00 ? 80  LEU A CA  1 
ATOM   204  C C   . LEU A 1 27 ? 12.824  6.565   7.753   1.00 30.03 ? 80  LEU A C   1 
ATOM   205  O O   . LEU A 1 27 ? 13.615  6.285   8.667   1.00 30.05 ? 80  LEU A O   1 
ATOM   206  C CB  . LEU A 1 27 ? 10.550  5.528   7.703   1.00 28.80 ? 80  LEU A CB  1 
ATOM   207  C CG  . LEU A 1 27 ? 9.519   4.957   8.683   1.00 29.06 ? 80  LEU A CG  1 
ATOM   208  C CD1 . LEU A 1 27 ? 8.952   5.976   9.658   1.00 29.58 ? 80  LEU A CD1 1 
ATOM   209  C CD2 . LEU A 1 27 ? 8.399   4.280   7.899   1.00 29.43 ? 80  LEU A CD2 1 
ATOM   210  N N   . LEU A 1 28 ? 13.190  6.676   6.474   1.00 30.51 ? 81  LEU A N   1 
ATOM   211  C CA  . LEU A 1 28 ? 14.595  6.623   6.077   1.00 31.69 ? 81  LEU A CA  1 
ATOM   212  C C   . LEU A 1 28 ? 15.401  7.709   6.775   1.00 32.29 ? 81  LEU A C   1 
ATOM   213  O O   . LEU A 1 28 ? 16.521  7.460   7.192   1.00 32.40 ? 81  LEU A O   1 
ATOM   214  C CB  . LEU A 1 28 ? 14.767  6.785   4.569   1.00 31.21 ? 81  LEU A CB  1 
ATOM   215  C CG  . LEU A 1 28 ? 14.438  5.638   3.624   1.00 31.69 ? 81  LEU A CG  1 
ATOM   216  C CD1 . LEU A 1 28 ? 14.799  6.081   2.220   1.00 29.86 ? 81  LEU A CD1 1 
ATOM   217  C CD2 . LEU A 1 28 ? 15.174  4.363   3.992   1.00 31.56 ? 81  LEU A CD2 1 
ATOM   218  N N   . ALA A 1 29 ? 14.824  8.904   6.886   1.00 33.38 ? 82  ALA A N   1 
ATOM   219  C CA  . ALA A 1 29 ? 15.476  10.035  7.546   1.00 34.90 ? 82  ALA A CA  1 
ATOM   220  C C   . ALA A 1 29 ? 15.605  9.842   9.067   1.00 35.73 ? 82  ALA A C   1 
ATOM   221  O O   . ALA A 1 29 ? 16.327  10.590  9.728   1.00 36.51 ? 82  ALA A O   1 
ATOM   222  C CB  . ALA A 1 29 ? 14.741  11.344  7.227   1.00 34.96 ? 82  ALA A CB  1 
ATOM   223  N N   . GLN A 1 30 ? 14.900  8.853   9.615   1.00 36.54 ? 83  GLN A N   1 
ATOM   224  C CA  . GLN A 1 30 ? 15.049  8.476   11.029  1.00 37.46 ? 83  GLN A CA  1 
ATOM   225  C C   . GLN A 1 30 ? 16.012  7.308   11.238  1.00 37.34 ? 83  GLN A C   1 
ATOM   226  O O   . GLN A 1 30 ? 16.406  7.029   12.365  1.00 37.72 ? 83  GLN A O   1 
ATOM   227  C CB  . GLN A 1 30 ? 13.697  8.130   11.651  1.00 37.53 ? 83  GLN A CB  1 
ATOM   228  C CG  . GLN A 1 30 ? 12.758  9.314   11.807  1.00 39.45 ? 83  GLN A CG  1 
ATOM   229  C CD  . GLN A 1 30 ? 11.386  8.896   12.288  1.00 41.97 ? 83  GLN A CD  1 
ATOM   230  O OE1 . GLN A 1 30 ? 11.252  7.987   13.116  1.00 43.84 ? 83  GLN A OE1 1 
ATOM   231  N NE2 . GLN A 1 30 ? 10.353  9.554   11.775  1.00 42.59 ? 83  GLN A NE2 1 
ATOM   232  N N   . GLY A 1 31 ? 16.391  6.631   10.156  1.00 37.36 ? 84  GLY A N   1 
ATOM   233  C CA  . GLY A 1 31 ? 17.232  5.435   10.249  1.00 36.97 ? 84  GLY A CA  1 
ATOM   234  C C   . GLY A 1 31 ? 16.489  4.107   10.158  1.00 36.93 ? 84  GLY A C   1 
ATOM   235  O O   . GLY A 1 31 ? 17.121  3.042   10.170  1.00 37.04 ? 84  GLY A O   1 
ATOM   236  N N   . ASP A 1 32 ? 15.158  4.149   10.068  1.00 36.25 ? 85  ASP A N   1 
ATOM   237  C CA  . ASP A 1 32 ? 14.375  2.919   9.926   1.00 35.79 ? 85  ASP A CA  1 
ATOM   238  C C   . ASP A 1 32 ? 14.298  2.527   8.445   1.00 35.78 ? 85  ASP A C   1 
ATOM   239  O O   . ASP A 1 32 ? 13.321  2.834   7.753   1.00 35.23 ? 85  ASP A O   1 
ATOM   240  C CB  . ASP A 1 32 ? 12.979  3.071   10.554  1.00 35.83 ? 85  ASP A CB  1 
ATOM   241  C CG  . ASP A 1 32 ? 12.258  1.733   10.749  1.00 35.84 ? 85  ASP A CG  1 
ATOM   242  O OD1 . ASP A 1 32 ? 11.335  1.682   11.580  1.00 37.59 ? 85  ASP A OD1 1 
ATOM   243  O OD2 . ASP A 1 32 ? 12.589  0.728   10.081  1.00 36.61 ? 85  ASP A OD2 1 
ATOM   244  N N   . TYR A 1 33 ? 15.348  1.856   7.973   1.00 35.72 ? 86  TYR A N   1 
ATOM   245  C CA  . TYR A 1 33 ? 15.488  1.484   6.568   1.00 35.96 ? 86  TYR A CA  1 
ATOM   246  C C   . TYR A 1 33 ? 14.416  0.498   6.123   1.00 35.34 ? 86  TYR A C   1 
ATOM   247  O O   . TYR A 1 33 ? 13.822  0.655   5.063   1.00 34.75 ? 86  TYR A O   1 
ATOM   248  C CB  . TYR A 1 33 ? 16.883  0.895   6.285   1.00 36.42 ? 86  TYR A CB  1 
ATOM   249  C CG  . TYR A 1 33 ? 18.049  1.856   6.461   1.00 38.60 ? 86  TYR A CG  1 
ATOM   250  C CD1 . TYR A 1 33 ? 17.885  3.241   6.308   1.00 40.96 ? 86  TYR A CD1 1 
ATOM   251  C CD2 . TYR A 1 33 ? 19.333  1.371   6.761   1.00 40.94 ? 86  TYR A CD2 1 
ATOM   252  C CE1 . TYR A 1 33 ? 18.967  4.125   6.461   1.00 42.90 ? 86  TYR A CE1 1 
ATOM   253  C CE2 . TYR A 1 33 ? 20.421  2.243   6.916   1.00 42.79 ? 86  TYR A CE2 1 
ATOM   254  C CZ  . TYR A 1 33 ? 20.229  3.615   6.765   1.00 44.06 ? 86  TYR A CZ  1 
ATOM   255  O OH  . TYR A 1 33 ? 21.297  4.473   6.919   1.00 46.02 ? 86  TYR A OH  1 
ATOM   256  N N   . GLU A 1 34 ? 14.166  -0.503  6.956   1.00 34.80 ? 87  GLU A N   1 
ATOM   257  C CA  . GLU A 1 34 ? 13.261  -1.592  6.612   1.00 34.59 ? 87  GLU A CA  1 
ATOM   258  C C   . GLU A 1 34 ? 11.805  -1.156  6.382   1.00 33.21 ? 87  GLU A C   1 
ATOM   259  O O   . GLU A 1 34 ? 11.173  -1.551  5.385   1.00 33.21 ? 87  GLU A O   1 
ATOM   260  C CB  . GLU A 1 34 ? 13.343  -2.694  7.679   1.00 35.13 ? 87  GLU A CB  1 
ATOM   261  C CG  . GLU A 1 34 ? 12.059  -3.514  7.839   1.00 38.63 ? 87  GLU A CG  1 
ATOM   262  C CD  . GLU A 1 34 ? 12.305  -5.011  7.833   1.00 42.28 ? 87  GLU A CD  1 
ATOM   263  O OE1 . GLU A 1 34 ? 13.106  -5.499  8.666   1.00 45.08 ? 87  GLU A OE1 1 
ATOM   264  O OE2 . GLU A 1 34 ? 11.691  -5.701  6.991   1.00 43.96 ? 87  GLU A OE2 1 
ATOM   265  N N   . LYS A 1 35 ? 11.283  -0.362  7.313   1.00 31.56 ? 88  LYS A N   1 
ATOM   266  C CA  . LYS A 1 35 ? 9.920   0.154   7.226   1.00 30.02 ? 88  LYS A CA  1 
ATOM   267  C C   . LYS A 1 35 ? 9.808   1.230   6.147   1.00 28.55 ? 88  LYS A C   1 
ATOM   268  O O   . LYS A 1 35 ? 8.794   1.313   5.441   1.00 28.11 ? 88  LYS A O   1 
ATOM   269  C CB  . LYS A 1 35 ? 9.475   0.720   8.582   1.00 30.65 ? 88  LYS A CB  1 
ATOM   270  C CG  . LYS A 1 35 ? 9.205   -0.324  9.681   1.00 33.05 ? 88  LYS A CG  1 
ATOM   271  C CD  . LYS A 1 35 ? 8.100   -1.311  9.280   1.00 36.04 ? 88  LYS A CD  1 
ATOM   272  C CE  . LYS A 1 35 ? 6.845   -0.595  8.752   1.00 38.66 ? 88  LYS A CE  1 
ATOM   273  N NZ  . LYS A 1 35 ? 6.328   -1.216  7.477   1.00 38.71 ? 88  LYS A NZ  1 
ATOM   274  N N   . GLY A 1 36 ? 10.843  2.067   6.044   1.00 26.33 ? 89  GLY A N   1 
ATOM   275  C CA  . GLY A 1 36 ? 10.948  3.065   4.983   1.00 24.55 ? 89  GLY A CA  1 
ATOM   276  C C   . GLY A 1 36 ? 10.852  2.439   3.605   1.00 23.30 ? 89  GLY A C   1 
ATOM   277  O O   . GLY A 1 36 ? 10.070  2.884   2.763   1.00 22.75 ? 89  GLY A O   1 
ATOM   278  N N   . VAL A 1 37 ? 11.631  1.384   3.386   1.00 22.32 ? 90  VAL A N   1 
ATOM   279  C CA  . VAL A 1 37 ? 11.599  0.657   2.107   1.00 21.98 ? 90  VAL A CA  1 
ATOM   280  C C   . VAL A 1 37 ? 10.254  -0.064  1.846   1.00 21.27 ? 90  VAL A C   1 
ATOM   281  O O   . VAL A 1 37 ? 9.751   -0.058  0.718   1.00 20.66 ? 90  VAL A O   1 
ATOM   282  C CB  . VAL A 1 37 ? 12.819  -0.283  1.952   1.00 22.71 ? 90  VAL A CB  1 
ATOM   283  C CG1 . VAL A 1 37 ? 12.671  -1.154  0.720   1.00 22.53 ? 90  VAL A CG1 1 
ATOM   284  C CG2 . VAL A 1 37 ? 14.093  0.546   1.843   1.00 21.98 ? 90  VAL A CG2 1 
ATOM   285  N N   . ASP A 1 38 ? 9.660   -0.645  2.886   1.00 20.72 ? 91  ASP A N   1 
ATOM   286  C CA  . ASP A 1 38 ? 8.283   -1.121  2.805   1.00 20.78 ? 91  ASP A CA  1 
ATOM   287  C C   . ASP A 1 38 ? 7.373   -0.081  2.147   1.00 19.48 ? 91  ASP A C   1 
ATOM   288  O O   . ASP A 1 38 ? 6.649   -0.415  1.213   1.00 18.91 ? 91  ASP A O   1 
ATOM   289  C CB  . ASP A 1 38 ? 7.729   -1.460  4.193   1.00 22.30 ? 91  ASP A CB  1 
ATOM   290  C CG  . ASP A 1 38 ? 8.152   -2.847  4.692   1.00 25.45 ? 91  ASP A CG  1 
ATOM   291  O OD1 . ASP A 1 38 ? 8.540   -3.712  3.866   1.00 30.22 ? 91  ASP A OD1 1 
ATOM   292  O OD2 . ASP A 1 38 ? 8.054   -3.072  5.917   1.00 28.90 ? 91  ASP A OD2 1 
ATOM   293  N N   . HIS A 1 39 ? 7.419   1.165   2.627   1.00 17.82 ? 92  HIS A N   1 
ATOM   294  C CA  . HIS A 1 39 ? 6.563   2.223   2.087   1.00 17.02 ? 92  HIS A CA  1 
ATOM   295  C C   . HIS A 1 39 ? 6.928   2.661   0.669   1.00 16.19 ? 92  HIS A C   1 
ATOM   296  O O   . HIS A 1 39 ? 6.053   2.836   -0.174  1.00 15.95 ? 92  HIS A O   1 
ATOM   297  C CB  . HIS A 1 39 ? 6.452   3.398   3.060   1.00 17.21 ? 92  HIS A CB  1 
ATOM   298  C CG  . HIS A 1 39 ? 5.703   3.043   4.311   1.00 18.90 ? 92  HIS A CG  1 
ATOM   299  N ND1 . HIS A 1 39 ? 4.341   2.822   4.320   1.00 18.40 ? 92  HIS A ND1 1 
ATOM   300  C CD2 . HIS A 1 39 ? 6.131   2.797   5.572   1.00 18.06 ? 92  HIS A CD2 1 
ATOM   301  C CE1 . HIS A 1 39 ? 3.962   2.470   5.538   1.00 18.83 ? 92  HIS A CE1 1 
ATOM   302  N NE2 . HIS A 1 39 ? 5.031   2.448   6.316   1.00 18.72 ? 92  HIS A NE2 1 
ATOM   303  N N   . LEU A 1 40 ? 8.221   2.848   0.421   1.00 15.27 ? 93  LEU A N   1 
ATOM   304  C CA  . LEU A 1 40 ? 8.735   3.078   -0.926  1.00 14.81 ? 93  LEU A CA  1 
ATOM   305  C C   . LEU A 1 40 ? 8.313   1.964   -1.909  1.00 13.78 ? 93  LEU A C   1 
ATOM   306  O O   . LEU A 1 40 ? 7.896   2.237   -3.042  1.00 13.65 ? 93  LEU A O   1 
ATOM   307  C CB  . LEU A 1 40 ? 10.263  3.191   -0.868  1.00 14.52 ? 93  LEU A CB  1 
ATOM   308  C CG  . LEU A 1 40 ? 10.950  4.554   -0.729  1.00 15.77 ? 93  LEU A CG  1 
ATOM   309  C CD1 . LEU A 1 40 ? 10.218  5.587   0.087   1.00 16.27 ? 93  LEU A CD1 1 
ATOM   310  C CD2 . LEU A 1 40 ? 12.394  4.391   -0.236  1.00 15.45 ? 93  LEU A CD2 1 
ATOM   311  N N   . THR A 1 41 ? 8.376   0.711   -1.491  1.00 12.75 ? 94  THR A N   1 
ATOM   312  C CA  . THR A 1 41 ? 7.946   -0.337  -2.423  1.00 13.73 ? 94  THR A CA  1 
ATOM   313  C C   . THR A 1 41 ? 6.437   -0.368  -2.675  1.00 13.92 ? 94  THR A C   1 
ATOM   314  O O   . THR A 1 41 ? 6.023   -0.755  -3.778  1.00 13.97 ? 94  THR A O   1 
ATOM   315  C CB  . THR A 1 41 ? 8.491   -1.712  -2.097  1.00 13.83 ? 94  THR A CB  1 
ATOM   316  O OG1 . THR A 1 41 ? 8.110   -2.086  -0.772  1.00 11.80 ? 94  THR A OG1 1 
ATOM   317  C CG2 . THR A 1 41 ? 10.018  -1.692  -2.263  1.00 13.85 ? 94  THR A CG2 1 
ATOM   318  N N   . ASN A 1 42 ? 5.639   0.121   -1.712  1.00 14.16 ? 95  ASN A N   1 
ATOM   319  C CA  . ASN A 1 42 ? 4.183   0.319   -1.939  1.00 13.65 ? 95  ASN A CA  1 
ATOM   320  C C   . ASN A 1 42 ? 3.926   1.386   -2.990  1.00 13.24 ? 95  ASN A C   1 
ATOM   321  O O   . ASN A 1 42 ? 3.051   1.210   -3.852  1.00 13.50 ? 95  ASN A O   1 
ATOM   322  C CB  . ASN A 1 42 ? 3.442   0.721   -0.637  1.00 14.21 ? 95  ASN A CB  1 
ATOM   323  C CG  . ASN A 1 42 ? 3.384   -0.409  0.404   1.00 15.52 ? 95  ASN A CG  1 
ATOM   324  O OD1 . ASN A 1 42 ? 3.414   -1.586  0.070   1.00 18.49 ? 95  ASN A OD1 1 
ATOM   325  N ND2 . ASN A 1 42 ? 3.305   -0.034  1.667   1.00 17.91 ? 95  ASN A ND2 1 
ATOM   326  N N   . ALA A 1 43 ? 4.665   2.499   -2.888  1.00 12.76 ? 96  ALA A N   1 
ATOM   327  C CA  . ALA A 1 43 ? 4.606   3.598   -3.856  1.00 12.54 ? 96  ALA A CA  1 
ATOM   328  C C   . ALA A 1 43 ? 4.954   3.114   -5.272  1.00 13.05 ? 96  ALA A C   1 
ATOM   329  O O   . ALA A 1 43 ? 4.200   3.326   -6.227  1.00 12.85 ? 96  ALA A O   1 
ATOM   330  C CB  . ALA A 1 43 ? 5.551   4.715   -3.437  1.00 12.56 ? 96  ALA A CB  1 
ATOM   331  N N   . ILE A 1 44 ? 6.110   2.473   -5.410  1.00 12.47 ? 97  ILE A N   1 
ATOM   332  C CA  . ILE A 1 44 ? 6.491   1.865   -6.699  1.00 12.97 ? 97  ILE A CA  1 
ATOM   333  C C   . ILE A 1 44 ? 5.387   0.943   -7.248  1.00 13.04 ? 97  ILE A C   1 
ATOM   334  O O   . ILE A 1 44 ? 5.060   0.989   -8.444  1.00 12.58 ? 97  ILE A O   1 
ATOM   335  C CB  . ILE A 1 44 ? 7.840   1.108   -6.581  1.00 12.70 ? 97  ILE A CB  1 
ATOM   336  C CG1 . ILE A 1 44 ? 8.983   2.085   -6.247  1.00 13.63 ? 97  ILE A CG1 1 
ATOM   337  C CG2 . ILE A 1 44 ? 8.150   0.283   -7.844  1.00 13.90 ? 97  ILE A CG2 1 
ATOM   338  C CD1 . ILE A 1 44 ? 10.250  1.368   -5.743  1.00 16.67 ? 97  ILE A CD1 1 
ATOM   339  N N   . ALA A 1 45 ? 4.788   0.156   -6.355  1.00 12.59 ? 98  ALA A N   1 
ATOM   340  C CA  . ALA A 1 45 ? 3.839   -0.888  -6.738  1.00 13.72 ? 98  ALA A CA  1 
ATOM   341  C C   . ALA A 1 45 ? 2.557   -0.365  -7.382  1.00 14.76 ? 98  ALA A C   1 
ATOM   342  O O   . ALA A 1 45 ? 1.891   -1.118  -8.094  1.00 14.55 ? 98  ALA A O   1 
ATOM   343  C CB  . ALA A 1 45 ? 3.501   -1.770  -5.539  1.00 12.83 ? 98  ALA A CB  1 
ATOM   344  N N   . VAL A 1 46 ? 2.212   0.902   -7.143  1.00 15.74 ? 99  VAL A N   1 
ATOM   345  C CA  . VAL A 1 46 ? 0.986   1.467   -7.718  1.00 17.68 ? 99  VAL A CA  1 
ATOM   346  C C   . VAL A 1 46 ? 1.308   2.336   -8.919  1.00 19.73 ? 99  VAL A C   1 
ATOM   347  O O   . VAL A 1 46 ? 0.410   2.897   -9.542  1.00 20.42 ? 99  VAL A O   1 
ATOM   348  C CB  . VAL A 1 46 ? 0.138   2.301   -6.694  1.00 17.19 ? 99  VAL A CB  1 
ATOM   349  C CG1 . VAL A 1 46 ? -0.241  1.467   -5.485  1.00 15.66 ? 99  VAL A CG1 1 
ATOM   350  C CG2 . VAL A 1 46 ? 0.861   3.597   -6.280  1.00 16.18 ? 99  VAL A CG2 1 
ATOM   351  N N   . CYS A 1 47 ? 2.595   2.435   -9.232  1.00 21.98 ? 100 CYS A N   1 
ATOM   352  C CA  . CYS A 1 47 ? 3.085   3.320   -10.281 1.00 24.89 ? 100 CYS A CA  1 
ATOM   353  C C   . CYS A 1 47 ? 3.177   2.464   -11.532 1.00 24.69 ? 100 CYS A C   1 
ATOM   354  O O   . CYS A 1 47 ? 3.816   1.412   -11.527 1.00 25.36 ? 100 CYS A O   1 
ATOM   355  C CB  . CYS A 1 47 ? 4.440   3.896   -9.863  1.00 24.52 ? 100 CYS A CB  1 
ATOM   356  S SG  . CYS A 1 47 ? 5.215   5.116   -10.932 1.00 33.59 ? 100 CYS A SG  1 
ATOM   357  N N   . GLY A 1 48 ? 2.484   2.880   -12.584 1.00 25.25 ? 101 GLY A N   1 
ATOM   358  C CA  . GLY A 1 48 ? 2.452   2.110   -13.834 1.00 25.65 ? 101 GLY A CA  1 
ATOM   359  C C   . GLY A 1 48 ? 3.756   2.107   -14.622 1.00 26.10 ? 101 GLY A C   1 
ATOM   360  O O   . GLY A 1 48 ? 4.059   1.131   -15.322 1.00 26.55 ? 101 GLY A O   1 
ATOM   361  N N   . GLN A 1 49 ? 4.525   3.194   -14.518 1.00 25.87 ? 102 GLN A N   1 
ATOM   362  C CA  . GLN A 1 49 ? 5.840   3.297   -15.174 1.00 25.51 ? 102 GLN A CA  1 
ATOM   363  C C   . GLN A 1 49 ? 6.870   3.877   -14.182 1.00 24.27 ? 102 GLN A C   1 
ATOM   364  O O   . GLN A 1 49 ? 7.126   5.096   -14.171 1.00 24.84 ? 102 GLN A O   1 
ATOM   365  C CB  . GLN A 1 49 ? 5.727   4.160   -16.441 1.00 26.13 ? 102 GLN A CB  1 
ATOM   366  C CG  . GLN A 1 49 ? 6.693   3.772   -17.575 1.00 29.75 ? 102 GLN A CG  1 
ATOM   367  C CD  . GLN A 1 49 ? 6.007   3.679   -18.942 1.00 33.65 ? 102 GLN A CD  1 
ATOM   368  O OE1 . GLN A 1 49 ? 5.192   4.537   -19.310 1.00 36.31 ? 102 GLN A OE1 1 
ATOM   369  N NE2 . GLN A 1 49 ? 6.331   2.625   -19.696 1.00 35.19 ? 102 GLN A NE2 1 
ATOM   370  N N   . PRO A 1 50 ? 7.446   3.008   -13.327 1.00 22.52 ? 103 PRO A N   1 
ATOM   371  C CA  . PRO A 1 50 ? 8.315   3.446   -12.239 1.00 22.06 ? 103 PRO A CA  1 
ATOM   372  C C   . PRO A 1 50 ? 9.796   3.467   -12.603 1.00 21.08 ? 103 PRO A C   1 
ATOM   373  O O   . PRO A 1 50 ? 10.631  3.406   -11.712 1.00 21.01 ? 103 PRO A O   1 
ATOM   374  C CB  . PRO A 1 50 ? 8.069   2.390   -11.165 1.00 21.97 ? 103 PRO A CB  1 
ATOM   375  C CG  . PRO A 1 50 ? 7.796   1.137   -11.959 1.00 22.36 ? 103 PRO A CG  1 
ATOM   376  C CD  . PRO A 1 50 ? 7.222   1.557   -13.294 1.00 22.98 ? 103 PRO A CD  1 
ATOM   377  N N   . GLN A 1 51 ? 10.108  3.527   -13.892 1.00 20.67 ? 104 GLN A N   1 
ATOM   378  C CA  . GLN A 1 51 ? 11.502  3.525   -14.384 1.00 20.73 ? 104 GLN A CA  1 
ATOM   379  C C   . GLN A 1 51 ? 12.365  4.627   -13.756 1.00 19.95 ? 104 GLN A C   1 
ATOM   380  O O   . GLN A 1 51 ? 13.387  4.349   -13.141 1.00 18.56 ? 104 GLN A O   1 
ATOM   381  C CB  . GLN A 1 51 ? 11.504  3.702   -15.897 1.00 21.42 ? 104 GLN A CB  1 
ATOM   382  C CG  . GLN A 1 51 ? 12.811  3.387   -16.562 1.00 24.50 ? 104 GLN A CG  1 
ATOM   383  C CD  . GLN A 1 51 ? 12.890  3.995   -17.941 1.00 28.75 ? 104 GLN A CD  1 
ATOM   384  O OE1 . GLN A 1 51 ? 12.821  3.291   -18.945 1.00 30.63 ? 104 GLN A OE1 1 
ATOM   385  N NE2 . GLN A 1 51 ? 13.028  5.319   -17.997 1.00 31.09 ? 104 GLN A NE2 1 
ATOM   386  N N   . GLN A 1 52 ? 11.956  5.877   -13.931 1.00 19.64 ? 105 GLN A N   1 
ATOM   387  C CA  . GLN A 1 52 ? 12.687  7.010   -13.334 1.00 19.58 ? 105 GLN A CA  1 
ATOM   388  C C   . GLN A 1 52 ? 12.670  6.999   -11.806 1.00 18.89 ? 105 GLN A C   1 
ATOM   389  O O   . GLN A 1 52 ? 13.694  7.265   -11.170 1.00 18.71 ? 105 GLN A O   1 
ATOM   390  C CB  . GLN A 1 52 ? 12.168  8.347   -13.850 1.00 19.33 ? 105 GLN A CB  1 
ATOM   391  C CG  . GLN A 1 52 ? 12.553  8.660   -15.280 1.00 20.58 ? 105 GLN A CG  1 
ATOM   392  C CD  . GLN A 1 52 ? 12.024  10.011  -15.702 1.00 23.09 ? 105 GLN A CD  1 
ATOM   393  O OE1 . GLN A 1 52 ? 11.392  10.714  -14.915 1.00 24.58 ? 105 GLN A OE1 1 
ATOM   394  N NE2 . GLN A 1 52 ? 12.293  10.388  -16.938 1.00 24.59 ? 105 GLN A NE2 1 
ATOM   395  N N   . LEU A 1 53 ? 11.526  6.674   -11.213 1.00 17.56 ? 106 LEU A N   1 
ATOM   396  C CA  . LEU A 1 53 ? 11.488  6.497   -9.764  1.00 16.92 ? 106 LEU A CA  1 
ATOM   397  C C   . LEU A 1 53 ? 12.539  5.496   -9.254  1.00 16.21 ? 106 LEU A C   1 
ATOM   398  O O   . LEU A 1 53 ? 13.257  5.780   -8.303  1.00 14.28 ? 106 LEU A O   1 
ATOM   399  C CB  . LEU A 1 53 ? 10.090  6.061   -9.310  1.00 16.99 ? 106 LEU A CB  1 
ATOM   400  C CG  . LEU A 1 53 ? 9.860   5.807   -7.822  1.00 18.05 ? 106 LEU A CG  1 
ATOM   401  C CD1 . LEU A 1 53 ? 10.315  7.007   -6.970  1.00 18.73 ? 106 LEU A CD1 1 
ATOM   402  C CD2 . LEU A 1 53 ? 8.367   5.473   -7.587  1.00 17.78 ? 106 LEU A CD2 1 
ATOM   403  N N   . LEU A 1 54 ? 12.589  4.309   -9.861  1.00 15.95 ? 107 LEU A N   1 
ATOM   404  C CA  . LEU A 1 54 ? 13.586  3.302   -9.470  1.00 16.35 ? 107 LEU A CA  1 
ATOM   405  C C   . LEU A 1 54 ? 14.998  3.817   -9.684  1.00 16.92 ? 107 LEU A C   1 
ATOM   406  O O   . LEU A 1 54 ? 15.864  3.608   -8.837  1.00 16.02 ? 107 LEU A O   1 
ATOM   407  C CB  . LEU A 1 54 ? 13.417  2.001   -10.258 1.00 15.72 ? 107 LEU A CB  1 
ATOM   408  C CG  . LEU A 1 54 ? 12.373  1.038   -9.735  1.00 15.88 ? 107 LEU A CG  1 
ATOM   409  C CD1 . LEU A 1 54 ? 12.088  -0.002  -10.814 1.00 14.57 ? 107 LEU A CD1 1 
ATOM   410  C CD2 . LEU A 1 54 ? 12.879  0.375   -8.448  1.00 14.96 ? 107 LEU A CD2 1 
ATOM   411  N N   . GLN A 1 55 ? 15.208  4.498   -10.812 1.00 17.92 ? 108 GLN A N   1 
ATOM   412  C CA  . GLN A 1 55 ? 16.533  5.051   -11.155 1.00 19.52 ? 108 GLN A CA  1 
ATOM   413  C C   . GLN A 1 55 ? 17.008  6.057   -10.122 1.00 19.62 ? 108 GLN A C   1 
ATOM   414  O O   . GLN A 1 55 ? 18.155  5.994   -9.693  1.00 19.09 ? 108 GLN A O   1 
ATOM   415  C CB  . GLN A 1 55 ? 16.495  5.708   -12.525 1.00 19.86 ? 108 GLN A CB  1 
ATOM   416  C CG  . GLN A 1 55 ? 17.853  5.905   -13.147 1.00 23.27 ? 108 GLN A CG  1 
ATOM   417  C CD  . GLN A 1 55 ? 17.750  6.382   -14.583 1.00 26.51 ? 108 GLN A CD  1 
ATOM   418  O OE1 . GLN A 1 55 ? 16.670  6.753   -15.057 1.00 27.96 ? 108 GLN A OE1 1 
ATOM   419  N NE2 . GLN A 1 55 ? 18.874  6.371   -15.281 1.00 28.91 ? 108 GLN A NE2 1 
ATOM   420  N N   . VAL A 1 56 ? 16.116  6.966   -9.706  1.00 20.38 ? 109 VAL A N   1 
ATOM   421  C CA  . VAL A 1 56 ? 16.465  7.975   -8.689  1.00 21.13 ? 109 VAL A CA  1 
ATOM   422  C C   . VAL A 1 56 ? 16.806  7.309   -7.363  1.00 21.34 ? 109 VAL A C   1 
ATOM   423  O O   . VAL A 1 56 ? 17.779  7.678   -6.703  1.00 21.00 ? 109 VAL A O   1 
ATOM   424  C CB  . VAL A 1 56 ? 15.362  9.028   -8.503  1.00 21.19 ? 109 VAL A CB  1 
ATOM   425  C CG1 . VAL A 1 56 ? 15.646  9.909   -7.301  1.00 21.74 ? 109 VAL A CG1 1 
ATOM   426  C CG2 . VAL A 1 56 ? 15.235  9.879   -9.773  1.00 22.60 ? 109 VAL A CG2 1 
ATOM   427  N N   . LEU A 1 57 ? 15.992  6.323   -6.994  1.00 21.77 ? 110 LEU A N   1 
ATOM   428  C CA  . LEU A 1 57 ? 16.159  5.550   -5.773  1.00 22.43 ? 110 LEU A CA  1 
ATOM   429  C C   . LEU A 1 57 ? 17.509  4.855   -5.738  1.00 22.87 ? 110 LEU A C   1 
ATOM   430  O O   . LEU A 1 57 ? 18.207  4.891   -4.733  1.00 23.20 ? 110 LEU A O   1 
ATOM   431  C CB  . LEU A 1 57 ? 15.035  4.523   -5.694  1.00 21.94 ? 110 LEU A CB  1 
ATOM   432  C CG  . LEU A 1 57 ? 13.812  4.649   -4.768  1.00 22.24 ? 110 LEU A CG  1 
ATOM   433  C CD1 . LEU A 1 57 ? 13.608  6.001   -4.109  1.00 19.95 ? 110 LEU A CD1 1 
ATOM   434  C CD2 . LEU A 1 57 ? 12.559  4.120   -5.453  1.00 22.31 ? 110 LEU A CD2 1 
ATOM   435  N N   . GLN A 1 58 ? 17.879  4.224   -6.840  1.00 24.33 ? 111 GLN A N   1 
ATOM   436  C CA  . GLN A 1 58 ? 19.124  3.447   -6.896  1.00 26.39 ? 111 GLN A CA  1 
ATOM   437  C C   . GLN A 1 58 ? 20.333  4.372   -6.939  1.00 27.19 ? 111 GLN A C   1 
ATOM   438  O O   . GLN A 1 58 ? 21.427  4.021   -6.482  1.00 26.75 ? 111 GLN A O   1 
ATOM   439  C CB  . GLN A 1 58 ? 19.083  2.473   -8.072  1.00 26.37 ? 111 GLN A CB  1 
ATOM   440  C CG  . GLN A 1 58 ? 19.803  2.891   -9.330  1.00 30.07 ? 111 GLN A CG  1 
ATOM   441  C CD  . GLN A 1 58 ? 21.256  2.465   -9.310  1.00 31.69 ? 111 GLN A CD  1 
ATOM   442  O OE1 . GLN A 1 58 ? 21.569  1.348   -8.909  1.00 33.58 ? 111 GLN A OE1 1 
ATOM   443  N NE2 . GLN A 1 58 ? 22.152  3.360   -9.722  1.00 31.61 ? 111 GLN A NE2 1 
ATOM   444  N N   . GLN A 1 59 ? 20.095  5.557   -7.496  1.00 28.24 ? 112 GLN A N   1 
ATOM   445  C CA  . GLN A 1 59 ? 21.023  6.664   -7.492  1.00 29.68 ? 112 GLN A CA  1 
ATOM   446  C C   . GLN A 1 59 ? 21.252  7.134   -6.059  1.00 29.68 ? 112 GLN A C   1 
ATOM   447  O O   . GLN A 1 59 ? 22.402  7.297   -5.640  1.00 30.53 ? 112 GLN A O   1 
ATOM   448  C CB  . GLN A 1 59 ? 20.431  7.807   -8.334  1.00 30.31 ? 112 GLN A CB  1 
ATOM   449  C CG  . GLN A 1 59 ? 21.399  8.879   -8.741  1.00 33.24 ? 112 GLN A CG  1 
ATOM   450  C CD  . GLN A 1 59 ? 22.160  8.507   -9.977  1.00 36.92 ? 112 GLN A CD  1 
ATOM   451  O OE1 . GLN A 1 59 ? 23.291  8.022   -9.897  1.00 40.05 ? 112 GLN A OE1 1 
ATOM   452  N NE2 . GLN A 1 59 ? 21.539  8.701   -11.138 1.00 38.58 ? 112 GLN A NE2 1 
ATOM   453  N N   . THR A 1 60 ? 20.165  7.311   -5.301  1.00 29.54 ? 113 THR A N   1 
ATOM   454  C CA  . THR A 1 60 ? 20.219  7.994   -4.003  1.00 29.29 ? 113 THR A CA  1 
ATOM   455  C C   . THR A 1 60 ? 20.329  7.131   -2.734  1.00 29.16 ? 113 THR A C   1 
ATOM   456  O O   . THR A 1 60 ? 20.822  7.619   -1.710  1.00 30.04 ? 113 THR A O   1 
ATOM   457  C CB  . THR A 1 60 ? 19.027  8.951   -3.784  1.00 29.45 ? 113 THR A CB  1 
ATOM   458  O OG1 . THR A 1 60 ? 17.801  8.201   -3.763  1.00 29.63 ? 113 THR A OG1 1 
ATOM   459  C CG2 . THR A 1 60 ? 18.986  10.026  -4.857  1.00 29.06 ? 113 THR A CG2 1 
ATOM   460  N N   . LEU A 1 61 ? 19.857  5.888   -2.769  1.00 27.76 ? 114 LEU A N   1 
ATOM   461  C CA  . LEU A 1 61 ? 19.856  5.057   -1.561  1.00 26.87 ? 114 LEU A CA  1 
ATOM   462  C C   . LEU A 1 61 ? 21.221  4.420   -1.310  1.00 26.71 ? 114 LEU A C   1 
ATOM   463  O O   . LEU A 1 61 ? 21.933  4.118   -2.257  1.00 26.96 ? 114 LEU A O   1 
ATOM   464  C CB  . LEU A 1 61 ? 18.789  3.953   -1.649  1.00 26.21 ? 114 LEU A CB  1 
ATOM   465  C CG  . LEU A 1 61 ? 17.299  4.330   -1.657  1.00 25.10 ? 114 LEU A CG  1 
ATOM   466  C CD1 . LEU A 1 61 ? 16.440  3.098   -1.617  1.00 21.92 ? 114 LEU A CD1 1 
ATOM   467  C CD2 . LEU A 1 61 ? 16.978  5.214   -0.465  1.00 23.77 ? 114 LEU A CD2 1 
ATOM   468  N N   . PRO A 1 62 ? 21.578  4.189   -0.033  1.00 26.67 ? 115 PRO A N   1 
ATOM   469  C CA  . PRO A 1 62 ? 22.761  3.373   0.228   1.00 26.69 ? 115 PRO A CA  1 
ATOM   470  C C   . PRO A 1 62 ? 22.613  2.009   -0.472  1.00 26.80 ? 115 PRO A C   1 
ATOM   471  O O   . PRO A 1 62 ? 21.494  1.494   -0.587  1.00 26.72 ? 115 PRO A O   1 
ATOM   472  C CB  . PRO A 1 62 ? 22.736  3.191   1.744   1.00 27.06 ? 115 PRO A CB  1 
ATOM   473  C CG  . PRO A 1 62 ? 21.901  4.317   2.269   1.00 26.82 ? 115 PRO A CG  1 
ATOM   474  C CD  . PRO A 1 62 ? 20.886  4.582   1.211   1.00 26.91 ? 115 PRO A CD  1 
ATOM   475  N N   . PRO A 1 63 ? 23.718  1.428   -0.964  1.00 26.41 ? 116 PRO A N   1 
ATOM   476  C CA  . PRO A 1 63 ? 23.465  0.230   -1.767  1.00 26.19 ? 116 PRO A CA  1 
ATOM   477  C C   . PRO A 1 63 ? 22.899  -0.996  -1.012  1.00 25.63 ? 116 PRO A C   1 
ATOM   478  O O   . PRO A 1 63 ? 22.196  -1.787  -1.633  1.00 26.18 ? 116 PRO A O   1 
ATOM   479  C CB  . PRO A 1 63 ? 24.821  -0.056  -2.438  1.00 26.55 ? 116 PRO A CB  1 
ATOM   480  C CG  . PRO A 1 63 ? 25.572  1.260   -2.361  1.00 26.31 ? 116 PRO A CG  1 
ATOM   481  C CD  . PRO A 1 63 ? 25.110  1.900   -1.085  1.00 26.89 ? 116 PRO A CD  1 
ATOM   482  N N   . PRO A 1 64 ? 23.176  -1.155  0.305   1.00 24.99 ? 117 PRO A N   1 
ATOM   483  C CA  . PRO A 1 64 ? 22.529  -2.287  0.975   1.00 23.90 ? 117 PRO A CA  1 
ATOM   484  C C   . PRO A 1 64 ? 21.035  -2.050  1.160   1.00 22.80 ? 117 PRO A C   1 
ATOM   485  O O   . PRO A 1 64 ? 20.261  -3.000  1.286   1.00 21.79 ? 117 PRO A O   1 
ATOM   486  C CB  . PRO A 1 64 ? 23.208  -2.318  2.346   1.00 24.07 ? 117 PRO A CB  1 
ATOM   487  C CG  . PRO A 1 64 ? 24.460  -1.602  2.169   1.00 24.47 ? 117 PRO A CG  1 
ATOM   488  C CD  . PRO A 1 64 ? 24.135  -0.500  1.213   1.00 24.78 ? 117 PRO A CD  1 
ATOM   489  N N   . VAL A 1 65 ? 20.650  -0.781  1.183   1.00 21.65 ? 118 VAL A N   1 
ATOM   490  C CA  . VAL A 1 65 ? 19.253  -0.421  1.325   1.00 21.03 ? 118 VAL A CA  1 
ATOM   491  C C   . VAL A 1 65 ? 18.570  -0.599  -0.022  1.00 20.93 ? 118 VAL A C   1 
ATOM   492  O O   . VAL A 1 65 ? 17.457  -1.118  -0.100  1.00 21.24 ? 118 VAL A O   1 
ATOM   493  C CB  . VAL A 1 65 ? 19.083  1.016   1.890   1.00 20.74 ? 118 VAL A CB  1 
ATOM   494  C CG1 . VAL A 1 65 ? 17.596  1.378   2.035   1.00 20.15 ? 118 VAL A CG1 1 
ATOM   495  C CG2 . VAL A 1 65 ? 19.770  1.100   3.239   1.00 20.76 ? 118 VAL A CG2 1 
ATOM   496  N N   . PHE A 1 66 ? 19.227  -0.185  -1.094  1.00 20.79 ? 119 PHE A N   1 
ATOM   497  C CA  . PHE A 1 66 ? 18.654  -0.472  -2.378  1.00 20.30 ? 119 PHE A CA  1 
ATOM   498  C C   . PHE A 1 66 ? 18.464  -1.975  -2.577  1.00 20.60 ? 119 PHE A C   1 
ATOM   499  O O   . PHE A 1 66 ? 17.446  -2.399  -3.135  1.00 18.92 ? 119 PHE A O   1 
ATOM   500  C CB  . PHE A 1 66 ? 19.407  0.156   -3.533  1.00 20.17 ? 119 PHE A CB  1 
ATOM   501  C CG  . PHE A 1 66 ? 18.656  0.055   -4.811  1.00 20.23 ? 119 PHE A CG  1 
ATOM   502  C CD1 . PHE A 1 66 ? 17.523  0.834   -5.010  1.00 20.58 ? 119 PHE A CD1 1 
ATOM   503  C CD2 . PHE A 1 66 ? 19.022  -0.870  -5.786  1.00 20.80 ? 119 PHE A CD2 1 
ATOM   504  C CE1 . PHE A 1 66 ? 16.794  0.730   -6.179  1.00 20.98 ? 119 PHE A CE1 1 
ATOM   505  C CE2 . PHE A 1 66 ? 18.289  -0.985  -6.959  1.00 20.89 ? 119 PHE A CE2 1 
ATOM   506  C CZ  . PHE A 1 66 ? 17.171  -0.183  -7.152  1.00 20.34 ? 119 PHE A CZ  1 
ATOM   507  N N   . GLN A 1 67 ? 19.412  -2.779  -2.067  1.00 21.33 ? 120 GLN A N   1 
ATOM   508  C CA  . GLN A 1 67 ? 19.296  -4.251  -2.127  1.00 22.00 ? 120 GLN A CA  1 
ATOM   509  C C   . GLN A 1 67 ? 18.063  -4.749  -1.406  1.00 22.36 ? 120 GLN A C   1 
ATOM   510  O O   . GLN A 1 67 ? 17.289  -5.550  -1.957  1.00 22.74 ? 120 GLN A O   1 
ATOM   511  C CB  . GLN A 1 67 ? 20.557  -4.956  -1.588  1.00 22.53 ? 120 GLN A CB  1 
ATOM   512  C CG  . GLN A 1 67 ? 21.734  -4.862  -2.554  1.00 24.12 ? 120 GLN A CG  1 
ATOM   513  C CD  . GLN A 1 67 ? 21.406  -5.446  -3.924  1.00 27.70 ? 120 GLN A CD  1 
ATOM   514  O OE1 . GLN A 1 67 ? 20.905  -6.570  -4.025  1.00 27.51 ? 120 GLN A OE1 1 
ATOM   515  N NE2 . GLN A 1 67 ? 21.678  -4.673  -4.988  1.00 27.58 ? 120 GLN A NE2 1 
ATOM   516  N N   . MET A 1 68 ? 17.892  -4.278  -0.177  1.00 22.74 ? 121 MET A N   1 
ATOM   517  C CA  . MET A 1 68 ? 16.653  -4.477  0.576   1.00 23.52 ? 121 MET A CA  1 
ATOM   518  C C   . MET A 1 68 ? 15.446  -4.143  -0.284  1.00 22.70 ? 121 MET A C   1 
ATOM   519  O O   . MET A 1 68 ? 14.505  -4.932  -0.362  1.00 22.67 ? 121 MET A O   1 
ATOM   520  C CB  . MET A 1 68 ? 16.618  -3.566  1.793   1.00 24.64 ? 121 MET A CB  1 
ATOM   521  C CG  . MET A 1 68 ? 17.058  -4.181  3.071   1.00 28.64 ? 121 MET A CG  1 
ATOM   522  S SD  . MET A 1 68 ? 16.277  -3.229  4.391   1.00 40.77 ? 121 MET A SD  1 
ATOM   523  C CE  . MET A 1 68 ? 15.341  -4.554  5.172   1.00 36.78 ? 121 MET A CE  1 
ATOM   524  N N   . LEU A 1 69 ? 15.475  -2.973  -0.926  1.00 21.84 ? 122 LEU A N   1 
ATOM   525  C CA  . LEU A 1 69 ? 14.348  -2.520  -1.743  1.00 20.93 ? 122 LEU A CA  1 
ATOM   526  C C   . LEU A 1 69 ? 13.977  -3.554  -2.793  1.00 21.25 ? 122 LEU A C   1 
ATOM   527  O O   . LEU A 1 69 ? 12.805  -3.947  -2.873  1.00 20.68 ? 122 LEU A O   1 
ATOM   528  C CB  . LEU A 1 69 ? 14.632  -1.168  -2.405  1.00 21.27 ? 122 LEU A CB  1 
ATOM   529  C CG  . LEU A 1 69 ? 13.409  -0.480  -3.015  1.00 20.00 ? 122 LEU A CG  1 
ATOM   530  C CD1 . LEU A 1 69 ? 13.409  0.999   -2.640  1.00 21.07 ? 122 LEU A CD1 1 
ATOM   531  C CD2 . LEU A 1 69 ? 13.386  -0.653  -4.512  1.00 18.96 ? 122 LEU A CD2 1 
ATOM   532  N N   . LEU A 1 70 ? 14.970  -3.988  -3.578  1.00 20.41 ? 123 LEU A N   1 
ATOM   533  C CA  . LEU A 1 70 ? 14.767  -5.030  -4.575  1.00 21.30 ? 123 LEU A CA  1 
ATOM   534  C C   . LEU A 1 70 ? 14.148  -6.299  -3.980  1.00 22.21 ? 123 LEU A C   1 
ATOM   535  O O   . LEU A 1 70 ? 13.207  -6.841  -4.554  1.00 22.21 ? 123 LEU A O   1 
ATOM   536  C CB  . LEU A 1 70 ? 16.079  -5.352  -5.317  1.00 21.63 ? 123 LEU A CB  1 
ATOM   537  C CG  . LEU A 1 70 ? 16.683  -4.217  -6.148  1.00 21.24 ? 123 LEU A CG  1 
ATOM   538  C CD1 . LEU A 1 70 ? 18.026  -4.603  -6.705  1.00 20.67 ? 123 LEU A CD1 1 
ATOM   539  C CD2 . LEU A 1 70 ? 15.740  -3.782  -7.276  1.00 20.07 ? 123 LEU A CD2 1 
ATOM   540  N N   . THR A 1 71 ? 14.648  -6.752  -2.825  1.00 23.14 ? 124 THR A N   1 
ATOM   541  C CA  . THR A 1 71 ? 14.054  -7.909  -2.145  1.00 24.49 ? 124 THR A CA  1 
ATOM   542  C C   . THR A 1 71 ? 12.558  -7.728  -1.902  1.00 25.12 ? 124 THR A C   1 
ATOM   543  O O   . THR A 1 71 ? 11.803  -8.695  -1.930  1.00 25.16 ? 124 THR A O   1 
ATOM   544  C CB  . THR A 1 71 ? 14.784  -8.344  -0.819  1.00 24.55 ? 124 THR A CB  1 
ATOM   545  O OG1 . THR A 1 71 ? 14.459  -7.464  0.272   1.00 27.50 ? 124 THR A OG1 1 
ATOM   546  C CG2 . THR A 1 71 ? 16.272  -8.378  -1.006  1.00 23.45 ? 124 THR A CG2 1 
ATOM   547  N N   . LYS A 1 72 ? 12.132  -6.485  -1.709  1.00 25.76 ? 125 LYS A N   1 
ATOM   548  C CA  . LYS A 1 72 ? 10.747  -6.209  -1.346  1.00 26.85 ? 125 LYS A CA  1 
ATOM   549  C C   . LYS A 1 72 ? 9.949   -5.688  -2.524  1.00 27.26 ? 125 LYS A C   1 
ATOM   550  O O   . LYS A 1 72 ? 8.767   -5.379  -2.397  1.00 27.69 ? 125 LYS A O   1 
ATOM   551  C CB  . LYS A 1 72 ? 10.687  -5.227  -0.180  1.00 26.84 ? 125 LYS A CB  1 
ATOM   552  C CG  . LYS A 1 72 ? 11.370  -5.729  1.074   1.00 28.33 ? 125 LYS A CG  1 
ATOM   553  C CD  . LYS A 1 72 ? 11.343  -4.683  2.178   1.00 31.14 ? 125 LYS A CD  1 
ATOM   554  C CE  . LYS A 1 72 ? 11.746  -5.288  3.524   1.00 32.31 ? 125 LYS A CE  1 
ATOM   555  N NZ  . LYS A 1 72 ? 11.252  -4.456  4.667   1.00 33.26 ? 125 LYS A NZ  1 
ATOM   556  N N   . LEU A 1 73 ? 10.598  -5.619  -3.680  1.00 27.72 ? 126 LEU A N   1 
ATOM   557  C CA  . LEU A 1 73 ? 10.012  -5.034  -4.883  1.00 28.39 ? 126 LEU A CA  1 
ATOM   558  C C   . LEU A 1 73 ? 8.654   -5.630  -5.233  1.00 28.81 ? 126 LEU A C   1 
ATOM   559  O O   . LEU A 1 73 ? 7.709   -4.893  -5.507  1.00 29.21 ? 126 LEU A O   1 
ATOM   560  C CB  . LEU A 1 73 ? 10.975  -5.188  -6.057  1.00 28.45 ? 126 LEU A CB  1 
ATOM   561  C CG  . LEU A 1 73 ? 10.711  -4.377  -7.317  1.00 28.30 ? 126 LEU A CG  1 
ATOM   562  C CD1 . LEU A 1 73 ? 10.711  -2.873  -7.033  1.00 27.40 ? 126 LEU A CD1 1 
ATOM   563  C CD2 . LEU A 1 73 ? 11.758  -4.757  -8.362  1.00 26.15 ? 126 LEU A CD2 1 
ATOM   564  O OXT . LEU A 1 73 ? 8.456   -6.852  -5.246  1.00 29.62 ? 126 LEU A OXT 1 
ATOM   565  N N   . ALA B 1 10 ? -2.972  1.642   -16.054 1.00 35.68 ? 63  ALA B N   1 
ATOM   566  C CA  . ALA B 1 10 ? -3.940  1.582   -14.901 1.00 35.23 ? 63  ALA B CA  1 
ATOM   567  C C   . ALA B 1 10 ? -3.854  0.271   -14.121 1.00 34.67 ? 63  ALA B C   1 
ATOM   568  O O   . ALA B 1 10 ? -4.253  0.204   -12.950 1.00 34.91 ? 63  ALA B O   1 
ATOM   569  C CB  . ALA B 1 10 ? -5.360  1.810   -15.388 1.00 35.49 ? 63  ALA B CB  1 
ATOM   570  N N   . GLU B 1 11 ? -3.336  -0.764  -14.777 1.00 33.26 ? 64  GLU B N   1 
ATOM   571  C CA  . GLU B 1 11 ? -3.242  -2.096  -14.201 1.00 31.92 ? 64  GLU B CA  1 
ATOM   572  C C   . GLU B 1 11 ? -2.529  -2.154  -12.834 1.00 29.69 ? 64  GLU B C   1 
ATOM   573  O O   . GLU B 1 11 ? -2.904  -2.963  -11.999 1.00 29.64 ? 64  GLU B O   1 
ATOM   574  C CB  . GLU B 1 11 ? -2.516  -3.050  -15.174 1.00 32.98 ? 64  GLU B CB  1 
ATOM   575  C CG  . GLU B 1 11 ? -3.119  -3.196  -16.581 1.00 35.93 ? 64  GLU B CG  1 
ATOM   576  C CD  . GLU B 1 11 ? -2.363  -4.235  -17.450 1.00 40.86 ? 64  GLU B CD  1 
ATOM   577  O OE1 . GLU B 1 11 ? -2.571  -4.264  -18.692 1.00 42.47 ? 64  GLU B OE1 1 
ATOM   578  O OE2 . GLU B 1 11 ? -1.557  -5.023  -16.893 1.00 42.24 ? 64  GLU B OE2 1 
ATOM   579  N N   . ALA B 1 12 ? -1.498  -1.336  -12.622 1.00 27.04 ? 65  ALA B N   1 
ATOM   580  C CA  . ALA B 1 12 ? -0.640  -1.473  -11.424 1.00 24.97 ? 65  ALA B CA  1 
ATOM   581  C C   . ALA B 1 12 ? -1.399  -1.380  -10.097 1.00 23.27 ? 65  ALA B C   1 
ATOM   582  O O   . ALA B 1 12 ? -1.157  -2.178  -9.181  1.00 22.34 ? 65  ALA B O   1 
ATOM   583  C CB  . ALA B 1 12 ? 0.520   -0.469  -11.438 1.00 24.57 ? 65  ALA B CB  1 
ATOM   584  N N   . VAL B 1 13 ? -2.311  -0.415  -10.001 1.00 21.88 ? 66  VAL B N   1 
ATOM   585  C CA  . VAL B 1 13 ? -3.069  -0.243  -8.762  1.00 20.87 ? 66  VAL B CA  1 
ATOM   586  C C   . VAL B 1 13 ? -4.169  -1.310  -8.587  1.00 20.25 ? 66  VAL B C   1 
ATOM   587  O O   . VAL B 1 13 ? -4.441  -1.725  -7.464  1.00 20.28 ? 66  VAL B O   1 
ATOM   588  C CB  . VAL B 1 13 ? -3.575  1.209   -8.545  1.00 21.16 ? 66  VAL B CB  1 
ATOM   589  C CG1 . VAL B 1 13 ? -4.667  1.595   -9.530  1.00 20.64 ? 66  VAL B CG1 1 
ATOM   590  C CG2 . VAL B 1 13 ? -4.085  1.366   -7.123  1.00 21.74 ? 66  VAL B CG2 1 
ATOM   591  N N   . GLN B 1 14 ? -4.786  -1.776  -9.680  1.00 19.48 ? 67  GLN B N   1 
ATOM   592  C CA  . GLN B 1 14 ? -5.721  -2.922  -9.599  1.00 18.07 ? 67  GLN B CA  1 
ATOM   593  C C   . GLN B 1 14 ? -5.005  -4.210  -9.115  1.00 17.75 ? 67  GLN B C   1 
ATOM   594  O O   . GLN B 1 14 ? -5.560  -4.984  -8.312  1.00 16.28 ? 67  GLN B O   1 
ATOM   595  C CB  . GLN B 1 14 ? -6.427  -3.157  -10.949 1.00 19.01 ? 67  GLN B CB  1 
ATOM   596  C CG  . GLN B 1 14 ? -7.207  -1.948  -11.446 1.00 20.27 ? 67  GLN B CG  1 
ATOM   597  C CD  . GLN B 1 14 ? -7.579  -2.015  -12.933 1.00 23.14 ? 67  GLN B CD  1 
ATOM   598  O OE1 . GLN B 1 14 ? -6.831  -2.557  -13.768 1.00 24.43 ? 67  GLN B OE1 1 
ATOM   599  N NE2 . GLN B 1 14 ? -8.724  -1.428  -13.270 1.00 21.17 ? 67  GLN B NE2 1 
ATOM   600  N N   . LYS B 1 15 ? -3.778  -4.430  -9.600  1.00 15.91 ? 68  LYS B N   1 
ATOM   601  C CA  . LYS B 1 15 ? -2.965  -5.563  -9.152  1.00 15.69 ? 68  LYS B CA  1 
ATOM   602  C C   . LYS B 1 15 ? -2.562  -5.359  -7.696  1.00 14.11 ? 68  LYS B C   1 
ATOM   603  O O   . LYS B 1 15 ? -2.599  -6.295  -6.896  1.00 14.11 ? 68  LYS B O   1 
ATOM   604  C CB  . LYS B 1 15 ? -1.717  -5.765  -10.053 1.00 16.20 ? 68  LYS B CB  1 
ATOM   605  C CG  . LYS B 1 15 ? -2.047  -6.005  -11.546 1.00 18.81 ? 68  LYS B CG  1 
ATOM   606  C CD  . LYS B 1 15 ? -0.882  -6.623  -12.308 1.00 24.05 ? 68  LYS B CD  1 
ATOM   607  C CE  . LYS B 1 15 ? -0.805  -6.127  -13.759 1.00 24.54 ? 68  LYS B CE  1 
ATOM   608  N NZ  . LYS B 1 15 ? -2.096  -6.251  -14.495 1.00 27.34 ? 68  LYS B NZ  1 
ATOM   609  N N   . PHE B 1 16 ? -2.182  -4.128  -7.351  1.00 13.22 ? 69  PHE B N   1 
ATOM   610  C CA  . PHE B 1 16 ? -1.864  -3.791  -5.971  1.00 12.56 ? 69  PHE B CA  1 
ATOM   611  C C   . PHE B 1 16 ? -3.047  -4.083  -5.047  1.00 12.06 ? 69  PHE B C   1 
ATOM   612  O O   . PHE B 1 16 ? -2.878  -4.702  -4.006  1.00 11.64 ? 69  PHE B O   1 
ATOM   613  C CB  . PHE B 1 16 ? -1.402  -2.323  -5.823  1.00 12.41 ? 69  PHE B CB  1 
ATOM   614  C CG  . PHE B 1 16 ? -1.002  -1.944  -4.407  1.00 11.49 ? 69  PHE B CG  1 
ATOM   615  C CD1 . PHE B 1 16 ? -1.780  -1.055  -3.655  1.00 10.37 ? 69  PHE B CD1 1 
ATOM   616  C CD2 . PHE B 1 16 ? 0.164   -2.471  -3.832  1.00 12.70 ? 69  PHE B CD2 1 
ATOM   617  C CE1 . PHE B 1 16 ? -1.412  -0.703  -2.356  1.00 11.62 ? 69  PHE B CE1 1 
ATOM   618  C CE2 . PHE B 1 16 ? 0.554   -2.127  -2.536  1.00 11.40 ? 69  PHE B CE2 1 
ATOM   619  C CZ  . PHE B 1 16 ? -0.229  -1.233  -1.790  1.00 11.40 ? 69  PHE B CZ  1 
ATOM   620  N N   . PHE B 1 17 ? -4.240  -3.638  -5.426  1.00 11.99 ? 70  PHE B N   1 
ATOM   621  C CA  . PHE B 1 17 ? -5.408  -3.798  -4.574  1.00 12.80 ? 70  PHE B CA  1 
ATOM   622  C C   . PHE B 1 17 ? -5.676  -5.290  -4.277  1.00 13.73 ? 70  PHE B C   1 
ATOM   623  O O   . PHE B 1 17 ? -5.800  -5.680  -3.126  1.00 14.33 ? 70  PHE B O   1 
ATOM   624  C CB  . PHE B 1 17 ? -6.642  -3.163  -5.223  1.00 12.56 ? 70  PHE B CB  1 
ATOM   625  C CG  . PHE B 1 17 ? -7.904  -3.396  -4.444  1.00 14.97 ? 70  PHE B CG  1 
ATOM   626  C CD1 . PHE B 1 17 ? -8.220  -2.585  -3.345  1.00 13.69 ? 70  PHE B CD1 1 
ATOM   627  C CD2 . PHE B 1 17 ? -8.769  -4.434  -4.788  1.00 16.31 ? 70  PHE B CD2 1 
ATOM   628  C CE1 . PHE B 1 17 ? -9.384  -2.801  -2.613  1.00 16.48 ? 70  PHE B CE1 1 
ATOM   629  C CE2 . PHE B 1 17 ? -9.945  -4.660  -4.053  1.00 18.09 ? 70  PHE B CE2 1 
ATOM   630  C CZ  . PHE B 1 17 ? -10.248 -3.837  -2.963  1.00 17.39 ? 70  PHE B CZ  1 
ATOM   631  N N   . LEU B 1 18 ? -5.745  -6.126  -5.311  1.00 14.18 ? 71  LEU B N   1 
ATOM   632  C CA  . LEU B 1 18 ? -5.930  -7.581  -5.103  1.00 15.10 ? 71  LEU B CA  1 
ATOM   633  C C   . LEU B 1 18 ? -4.822  -8.218  -4.235  1.00 14.21 ? 71  LEU B C   1 
ATOM   634  O O   . LEU B 1 18 ? -5.114  -8.995  -3.318  1.00 14.20 ? 71  LEU B O   1 
ATOM   635  C CB  . LEU B 1 18 ? -6.050  -8.295  -6.454  1.00 15.53 ? 71  LEU B CB  1 
ATOM   636  C CG  . LEU B 1 18 ? -7.433  -8.560  -7.070  1.00 19.92 ? 71  LEU B CG  1 
ATOM   637  C CD1 . LEU B 1 18 ? -8.542  -7.692  -6.491  1.00 22.17 ? 71  LEU B CD1 1 
ATOM   638  C CD2 . LEU B 1 18 ? -7.360  -8.440  -8.620  1.00 21.66 ? 71  LEU B CD2 1 
ATOM   639  N N   . GLU B 1 19 ? -3.565  -7.859  -4.518  1.00 13.99 ? 72  GLU B N   1 
ATOM   640  C CA  . GLU B 1 19 ? -2.374  -8.373  -3.821  1.00 13.33 ? 72  GLU B CA  1 
ATOM   641  C C   . GLU B 1 19 ? -2.462  -8.112  -2.332  1.00 13.12 ? 72  GLU B C   1 
ATOM   642  O O   . GLU B 1 19 ? -2.173  -8.988  -1.505  1.00 13.06 ? 72  GLU B O   1 
ATOM   643  C CB  . GLU B 1 19 ? -1.089  -7.692  -4.364  1.00 12.94 ? 72  GLU B CB  1 
ATOM   644  C CG  . GLU B 1 19 ? -0.466  -8.341  -5.627  1.00 14.59 ? 72  GLU B CG  1 
ATOM   645  C CD  . GLU B 1 19 ? 0.319   -7.361  -6.530  1.00 14.05 ? 72  GLU B CD  1 
ATOM   646  O OE1 . GLU B 1 19 ? 0.688   -6.271  -6.069  1.00 13.93 ? 72  GLU B OE1 1 
ATOM   647  O OE2 . GLU B 1 19 ? 0.544   -7.683  -7.722  1.00 14.54 ? 72  GLU B OE2 1 
ATOM   648  N N   . GLU B 1 20 ? -2.853  -6.887  -2.000  1.00 13.89 ? 73  GLU B N   1 
ATOM   649  C CA  . GLU B 1 20 ? -2.916  -6.441  -0.619  1.00 14.78 ? 73  GLU B CA  1 
ATOM   650  C C   . GLU B 1 20 ? -4.025  -7.150  0.146   1.00 14.94 ? 73  GLU B C   1 
ATOM   651  O O   . GLU B 1 20 ? -3.841  -7.540  1.305   1.00 14.80 ? 73  GLU B O   1 
ATOM   652  C CB  . GLU B 1 20 ? -3.107  -4.925  -0.544  1.00 14.40 ? 73  GLU B CB  1 
ATOM   653  C CG  . GLU B 1 20 ? -1.890  -4.114  -0.990  1.00 16.19 ? 73  GLU B CG  1 
ATOM   654  C CD  . GLU B 1 20 ? -0.630  -4.446  -0.210  1.00 16.38 ? 73  GLU B CD  1 
ATOM   655  O OE1 . GLU B 1 20 ? 0.249   -5.129  -0.769  1.00 17.79 ? 73  GLU B OE1 1 
ATOM   656  O OE2 . GLU B 1 20 ? -0.512  -4.036  0.955   1.00 17.31 ? 73  GLU B OE2 1 
ATOM   657  N N   . ILE B 1 21 ? -5.173  -7.292  -0.507  1.00 15.80 ? 74  ILE B N   1 
ATOM   658  C CA  . ILE B 1 21 ? -6.316  -8.003  0.069   1.00 17.30 ? 74  ILE B CA  1 
ATOM   659  C C   . ILE B 1 21 ? -5.937  -9.465  0.357   1.00 17.94 ? 74  ILE B C   1 
ATOM   660  O O   . ILE B 1 21 ? -6.122  -9.961  1.487   1.00 17.70 ? 74  ILE B O   1 
ATOM   661  C CB  . ILE B 1 21 ? -7.539  -7.930  -0.887  1.00 17.64 ? 74  ILE B CB  1 
ATOM   662  C CG1 . ILE B 1 21 ? -8.118  -6.507  -0.940  1.00 17.92 ? 74  ILE B CG1 1 
ATOM   663  C CG2 . ILE B 1 21 ? -8.602  -8.940  -0.501  1.00 20.40 ? 74  ILE B CG2 1 
ATOM   664  C CD1 . ILE B 1 21 ? -8.769  -6.008  0.365   1.00 20.66 ? 74  ILE B CD1 1 
ATOM   665  N N   . GLN B 1 22 ? -5.351  -10.134 -0.641  1.00 18.65 ? 75  GLN B N   1 
ATOM   666  C CA  . GLN B 1 22 ? -4.973  -11.542 -0.479  1.00 19.62 ? 75  GLN B CA  1 
ATOM   667  C C   . GLN B 1 22 ? -3.933  -11.719 0.624   1.00 19.76 ? 75  GLN B C   1 
ATOM   668  O O   . GLN B 1 22 ? -4.060  -12.625 1.433   1.00 19.73 ? 75  GLN B O   1 
ATOM   669  C CB  . GLN B 1 22 ? -4.495  -12.159 -1.788  1.00 20.01 ? 75  GLN B CB  1 
ATOM   670  C CG  . GLN B 1 22 ? -4.172  -13.646 -1.668  1.00 22.96 ? 75  GLN B CG  1 
ATOM   671  C CD  . GLN B 1 22 ? -4.092  -14.353 -3.001  1.00 26.84 ? 75  GLN B CD  1 
ATOM   672  O OE1 . GLN B 1 22 ? -4.457  -13.794 -4.035  1.00 29.71 ? 75  GLN B OE1 1 
ATOM   673  N NE2 . GLN B 1 22 ? -3.604  -15.592 -2.988  1.00 27.38 ? 75  GLN B NE2 1 
ATOM   674  N N   . LEU B 1 23 ? -2.949  -10.822 0.672   1.00 20.12 ? 76  LEU B N   1 
ATOM   675  C CA  . LEU B 1 23 ? -1.844  -10.918 1.616   1.00 21.37 ? 76  LEU B CA  1 
ATOM   676  C C   . LEU B 1 23 ? -2.290  -10.593 3.029   1.00 21.37 ? 76  LEU B C   1 
ATOM   677  O O   . LEU B 1 23 ? -1.896  -11.265 3.975   1.00 21.22 ? 76  LEU B O   1 
ATOM   678  C CB  . LEU B 1 23 ? -0.697  -9.982  1.210   1.00 21.60 ? 76  LEU B CB  1 
ATOM   679  C CG  . LEU B 1 23 ? 0.776   -10.363 1.420   1.00 24.35 ? 76  LEU B CG  1 
ATOM   680  C CD1 . LEU B 1 23 ? 1.676   -9.143  1.148   1.00 25.47 ? 76  LEU B CD1 1 
ATOM   681  C CD2 . LEU B 1 23 ? 1.105   -10.919 2.797   1.00 25.52 ? 76  LEU B CD2 1 
ATOM   682  N N   . GLY B 1 24 ? -3.071  -9.532  3.175   1.00 21.79 ? 77  GLY B N   1 
ATOM   683  C CA  . GLY B 1 24 ? -3.652  -9.171  4.463   1.00 22.37 ? 77  GLY B CA  1 
ATOM   684  C C   . GLY B 1 24 ? -4.424  -10.326 5.067   1.00 22.97 ? 77  GLY B C   1 
ATOM   685  O O   . GLY B 1 24 ? -4.224  -10.669 6.241   1.00 22.80 ? 77  GLY B O   1 
ATOM   686  N N   . GLU B 1 25 ? -5.278  -10.957 4.263   1.00 23.82 ? 78  GLU B N   1 
ATOM   687  C CA  . GLU B 1 25 ? -6.036  -12.140 4.724   1.00 25.15 ? 78  GLU B CA  1 
ATOM   688  C C   . GLU B 1 25 ? -5.131  -13.326 5.051   1.00 25.48 ? 78  GLU B C   1 
ATOM   689  O O   . GLU B 1 25 ? -5.459  -14.111 5.939   1.00 25.40 ? 78  GLU B O   1 
ATOM   690  C CB  . GLU B 1 25 ? -7.124  -12.576 3.722   1.00 25.77 ? 78  GLU B CB  1 
ATOM   691  C CG  . GLU B 1 25 ? -8.209  -11.516 3.424   1.00 28.69 ? 78  GLU B CG  1 
ATOM   692  C CD  . GLU B 1 25 ? -9.087  -11.143 4.634   1.00 32.01 ? 78  GLU B CD  1 
ATOM   693  O OE1 . GLU B 1 25 ? -9.242  -11.964 5.563   1.00 34.72 ? 78  GLU B OE1 1 
ATOM   694  O OE2 . GLU B 1 25 ? -9.625  -10.017 4.652   1.00 34.03 ? 78  GLU B OE2 1 
ATOM   695  N N   . GLU B 1 26 ? -4.006  -13.456 4.335   1.00 25.56 ? 79  GLU B N   1 
ATOM   696  C CA  . GLU B 1 26 ? -3.042  -14.513 4.611   1.00 26.02 ? 79  GLU B CA  1 
ATOM   697  C C   . GLU B 1 26 ? -2.309  -14.266 5.924   1.00 25.80 ? 79  GLU B C   1 
ATOM   698  O O   . GLU B 1 26 ? -2.137  -15.185 6.719   1.00 25.55 ? 79  GLU B O   1 
ATOM   699  C CB  . GLU B 1 26 ? -2.062  -14.687 3.450   1.00 26.16 ? 79  GLU B CB  1 
ATOM   700  C CG  . GLU B 1 26 ? -2.696  -15.404 2.266   1.00 27.96 ? 79  GLU B CG  1 
ATOM   701  C CD  . GLU B 1 26 ? -2.046  -15.086 0.926   1.00 30.31 ? 79  GLU B CD  1 
ATOM   702  O OE1 . GLU B 1 26 ? -1.119  -14.241 0.859   1.00 32.24 ? 79  GLU B OE1 1 
ATOM   703  O OE2 . GLU B 1 26 ? -2.470  -15.695 -0.075  1.00 31.29 ? 79  GLU B OE2 1 
ATOM   704  N N   . LEU B 1 27 ? -1.908  -13.020 6.158   1.00 25.61 ? 80  LEU B N   1 
ATOM   705  C CA  . LEU B 1 27 ? -1.289  -12.643 7.425   1.00 26.63 ? 80  LEU B CA  1 
ATOM   706  C C   . LEU B 1 27 ? -2.231  -12.733 8.626   1.00 26.86 ? 80  LEU B C   1 
ATOM   707  O O   . LEU B 1 27 ? -1.828  -13.193 9.699   1.00 27.32 ? 80  LEU B O   1 
ATOM   708  C CB  . LEU B 1 27 ? -0.669  -11.258 7.336   1.00 26.55 ? 80  LEU B CB  1 
ATOM   709  C CG  . LEU B 1 27 ? 0.832   -11.149 7.039   1.00 28.53 ? 80  LEU B CG  1 
ATOM   710  C CD1 . LEU B 1 27 ? 1.441   -12.373 6.345   1.00 27.99 ? 80  LEU B CD1 1 
ATOM   711  C CD2 . LEU B 1 27 ? 1.058   -9.882  6.225   1.00 28.75 ? 80  LEU B CD2 1 
ATOM   712  N N   . LEU B 1 28 ? -3.475  -12.303 8.459   1.00 26.85 ? 81  LEU B N   1 
ATOM   713  C CA  . LEU B 1 28 ? -4.455  -12.466 9.528   1.00 27.24 ? 81  LEU B CA  1 
ATOM   714  C C   . LEU B 1 28 ? -4.579  -13.930 9.943   1.00 27.84 ? 81  LEU B C   1 
ATOM   715  O O   . LEU B 1 28 ? -4.549  -14.235 11.138  1.00 27.82 ? 81  LEU B O   1 
ATOM   716  C CB  . LEU B 1 28 ? -5.819  -11.873 9.150   1.00 27.00 ? 81  LEU B CB  1 
ATOM   717  C CG  . LEU B 1 28 ? -5.928  -10.348 8.972   1.00 26.63 ? 81  LEU B CG  1 
ATOM   718  C CD1 . LEU B 1 28 ? -7.356  -9.975  8.750   1.00 26.57 ? 81  LEU B CD1 1 
ATOM   719  C CD2 . LEU B 1 28 ? -5.354  -9.555  10.151  1.00 28.20 ? 81  LEU B CD2 1 
ATOM   720  N N   . ALA B 1 29 ? -4.704  -14.824 8.963   1.00 28.54 ? 82  ALA B N   1 
ATOM   721  C CA  . ALA B 1 29 ? -4.829  -16.271 9.227   1.00 29.37 ? 82  ALA B CA  1 
ATOM   722  C C   . ALA B 1 29 ? -3.622  -16.841 9.980   1.00 30.10 ? 82  ALA B C   1 
ATOM   723  O O   . ALA B 1 29 ? -3.732  -17.868 10.653  1.00 31.24 ? 82  ALA B O   1 
ATOM   724  C CB  . ALA B 1 29 ? -5.049  -17.037 7.933   1.00 29.08 ? 82  ALA B CB  1 
ATOM   725  N N   . GLN B 1 30 ? -2.479  -16.177 9.860   1.00 30.48 ? 83  GLN B N   1 
ATOM   726  C CA  . GLN B 1 30 ? -1.260  -16.586 10.552  1.00 31.03 ? 83  GLN B CA  1 
ATOM   727  C C   . GLN B 1 30 ? -1.154  -15.895 11.903  1.00 31.15 ? 83  GLN B C   1 
ATOM   728  O O   . GLN B 1 30 ? -0.164  -16.076 12.621  1.00 31.45 ? 83  GLN B O   1 
ATOM   729  C CB  . GLN B 1 30 ? -0.026  -16.263 9.706   1.00 30.94 ? 83  GLN B CB  1 
ATOM   730  C CG  . GLN B 1 30 ? 0.069   -17.064 8.421   1.00 32.22 ? 83  GLN B CG  1 
ATOM   731  C CD  . GLN B 1 30 ? 1.216   -16.628 7.534   1.00 35.27 ? 83  GLN B CD  1 
ATOM   732  O OE1 . GLN B 1 30 ? 1.638   -15.466 7.558   1.00 36.49 ? 83  GLN B OE1 1 
ATOM   733  N NE2 . GLN B 1 30 ? 1.725   -17.558 6.733   1.00 35.48 ? 83  GLN B NE2 1 
ATOM   734  N N   . GLY B 1 31 ? -2.162  -15.093 12.243  1.00 31.07 ? 84  GLY B N   1 
ATOM   735  C CA  . GLY B 1 31 ? -2.126  -14.299 13.470  1.00 31.20 ? 84  GLY B CA  1 
ATOM   736  C C   . GLY B 1 31 ? -1.113  -13.164 13.494  1.00 31.21 ? 84  GLY B C   1 
ATOM   737  O O   . GLY B 1 31 ? -0.663  -12.749 14.568  1.00 31.34 ? 84  GLY B O   1 
ATOM   738  N N   . ASP B 1 32 ? -0.747  -12.651 12.320  1.00 31.50 ? 85  ASP B N   1 
ATOM   739  C CA  . ASP B 1 32 ? 0.068   -11.439 12.245  1.00 31.70 ? 85  ASP B CA  1 
ATOM   740  C C   . ASP B 1 32 ? -0.869  -10.271 11.970  1.00 31.43 ? 85  ASP B C   1 
ATOM   741  O O   . ASP B 1 32 ? -0.971  -9.779  10.838  1.00 31.56 ? 85  ASP B O   1 
ATOM   742  C CB  . ASP B 1 32 ? 1.143   -11.562 11.163  1.00 32.38 ? 85  ASP B CB  1 
ATOM   743  C CG  . ASP B 1 32 ? 2.281   -10.566 11.349  1.00 34.32 ? 85  ASP B CG  1 
ATOM   744  O OD1 . ASP B 1 32 ? 3.400   -10.883 10.874  1.00 36.84 ? 85  ASP B OD1 1 
ATOM   745  O OD2 . ASP B 1 32 ? 2.070   -9.482  11.962  1.00 37.66 ? 85  ASP B OD2 1 
ATOM   746  N N   . TYR B 1 33 ? -1.564  -9.853  13.024  1.00 30.75 ? 86  TYR B N   1 
ATOM   747  C CA  . TYR B 1 33 ? -2.709  -8.965  12.915  1.00 30.17 ? 86  TYR B CA  1 
ATOM   748  C C   . TYR B 1 33 ? -2.305  -7.592  12.443  1.00 29.76 ? 86  TYR B C   1 
ATOM   749  O O   . TYR B 1 33 ? -2.930  -7.040  11.544  1.00 29.35 ? 86  TYR B O   1 
ATOM   750  C CB  . TYR B 1 33 ? -3.432  -8.865  14.253  1.00 29.94 ? 86  TYR B CB  1 
ATOM   751  C CG  . TYR B 1 33 ? -4.005  -10.181 14.708  1.00 30.89 ? 86  TYR B CG  1 
ATOM   752  C CD1 . TYR B 1 33 ? -5.219  -10.638 14.205  1.00 31.01 ? 86  TYR B CD1 1 
ATOM   753  C CD2 . TYR B 1 33 ? -3.326  -10.979 15.638  1.00 31.79 ? 86  TYR B CD2 1 
ATOM   754  C CE1 . TYR B 1 33 ? -5.760  -11.856 14.620  1.00 34.00 ? 86  TYR B CE1 1 
ATOM   755  C CE2 . TYR B 1 33 ? -3.860  -12.200 16.064  1.00 32.35 ? 86  TYR B CE2 1 
ATOM   756  C CZ  . TYR B 1 33 ? -5.074  -12.630 15.547  1.00 33.59 ? 86  TYR B CZ  1 
ATOM   757  O OH  . TYR B 1 33 ? -5.614  -13.830 15.946  1.00 35.04 ? 86  TYR B OH  1 
ATOM   758  N N   . GLU B 1 34 ? -1.250  -7.066  13.053  1.00 29.49 ? 87  GLU B N   1 
ATOM   759  C CA  . GLU B 1 34 ? -0.731  -5.737  12.746  1.00 29.68 ? 87  GLU B CA  1 
ATOM   760  C C   . GLU B 1 34 ? -0.373  -5.602  11.255  1.00 28.94 ? 87  GLU B C   1 
ATOM   761  O O   . GLU B 1 34 ? -0.739  -4.597  10.610  1.00 28.49 ? 87  GLU B O   1 
ATOM   762  C CB  . GLU B 1 34 ? 0.438   -5.423  13.698  1.00 30.06 ? 87  GLU B CB  1 
ATOM   763  C CG  . GLU B 1 34 ? 1.548   -4.510  13.206  1.00 33.42 ? 87  GLU B CG  1 
ATOM   764  C CD  . GLU B 1 34 ? 2.868   -4.739  13.972  1.00 37.71 ? 87  GLU B CD  1 
ATOM   765  O OE1 . GLU B 1 34 ? 3.247   -5.924  14.182  1.00 38.58 ? 87  GLU B OE1 1 
ATOM   766  O OE2 . GLU B 1 34 ? 3.535   -3.739  14.357  1.00 38.85 ? 87  GLU B OE2 1 
ATOM   767  N N   . LYS B 1 35 ? 0.288   -6.627  10.705  1.00 27.71 ? 88  LYS B N   1 
ATOM   768  C CA  . LYS B 1 35 ? 0.693   -6.595  9.295   1.00 27.04 ? 88  LYS B CA  1 
ATOM   769  C C   . LYS B 1 35 ? -0.459  -6.899  8.353   1.00 25.35 ? 88  LYS B C   1 
ATOM   770  O O   . LYS B 1 35 ? -0.568  -6.278  7.298   1.00 25.04 ? 88  LYS B O   1 
ATOM   771  C CB  . LYS B 1 35 ? 1.883   -7.513  9.004   1.00 27.49 ? 88  LYS B CB  1 
ATOM   772  C CG  . LYS B 1 35 ? 3.251   -6.948  9.389   1.00 30.23 ? 88  LYS B CG  1 
ATOM   773  C CD  . LYS B 1 35 ? 3.374   -5.425  9.159   1.00 34.83 ? 88  LYS B CD  1 
ATOM   774  C CE  . LYS B 1 35 ? 3.503   -5.020  7.675   1.00 36.80 ? 88  LYS B CE  1 
ATOM   775  N NZ  . LYS B 1 35 ? 3.779   -3.551  7.564   1.00 38.63 ? 88  LYS B NZ  1 
ATOM   776  N N   . GLY B 1 36 ? -1.318  -7.842  8.740   1.00 24.18 ? 89  GLY B N   1 
ATOM   777  C CA  . GLY B 1 36 ? -2.526  -8.154  7.961   1.00 22.61 ? 89  GLY B CA  1 
ATOM   778  C C   . GLY B 1 36 ? -3.390  -6.913  7.808   1.00 21.46 ? 89  GLY B C   1 
ATOM   779  O O   . GLY B 1 36 ? -3.773  -6.541  6.692   1.00 20.90 ? 89  GLY B O   1 
ATOM   780  N N   . VAL B 1 37 ? -3.675  -6.261  8.934   1.00 20.26 ? 90  VAL B N   1 
ATOM   781  C CA  . VAL B 1 37 ? -4.405  -4.991  8.912   1.00 19.83 ? 90  VAL B CA  1 
ATOM   782  C C   . VAL B 1 37 ? -3.717  -3.910  8.064   1.00 18.86 ? 90  VAL B C   1 
ATOM   783  O O   . VAL B 1 37 ? -4.374  -3.229  7.264   1.00 17.68 ? 90  VAL B O   1 
ATOM   784  C CB  . VAL B 1 37 ? -4.706  -4.467  10.328  1.00 20.28 ? 90  VAL B CB  1 
ATOM   785  C CG1 . VAL B 1 37 ? -5.477  -3.171  10.244  1.00 19.30 ? 90  VAL B CG1 1 
ATOM   786  C CG2 . VAL B 1 37 ? -5.510  -5.490  11.086  1.00 20.79 ? 90  VAL B CG2 1 
ATOM   787  N N   . ASP B 1 38 ? -2.401  -3.770  8.220   1.00 18.33 ? 91  ASP B N   1 
ATOM   788  C CA  . ASP B 1 38 ? -1.633  -2.837  7.394   1.00 18.44 ? 91  ASP B CA  1 
ATOM   789  C C   . ASP B 1 38 ? -1.934  -3.021  5.909   1.00 17.25 ? 91  ASP B C   1 
ATOM   790  O O   . ASP B 1 38 ? -2.241  -2.049  5.214   1.00 16.92 ? 91  ASP B O   1 
ATOM   791  C CB  . ASP B 1 38 ? -0.135  -2.971  7.650   1.00 19.75 ? 91  ASP B CB  1 
ATOM   792  C CG  . ASP B 1 38 ? 0.327   -2.216  8.900   1.00 24.26 ? 91  ASP B CG  1 
ATOM   793  O OD1 . ASP B 1 38 ? -0.395  -1.309  9.372   1.00 28.53 ? 91  ASP B OD1 1 
ATOM   794  O OD2 . ASP B 1 38 ? 1.435   -2.532  9.406   1.00 29.79 ? 91  ASP B OD2 1 
ATOM   795  N N   . HIS B 1 39 ? -1.900  -4.272  5.445   1.00 16.41 ? 92  HIS B N   1 
ATOM   796  C CA  . HIS B 1 39 ? -2.182  -4.586  4.055   1.00 16.32 ? 92  HIS B CA  1 
ATOM   797  C C   . HIS B 1 39 ? -3.620  -4.322  3.636   1.00 15.82 ? 92  HIS B C   1 
ATOM   798  O O   . HIS B 1 39 ? -3.867  -3.854  2.528   1.00 14.56 ? 92  HIS B O   1 
ATOM   799  C CB  . HIS B 1 39 ? -1.793  -6.020  3.726   1.00 16.89 ? 92  HIS B CB  1 
ATOM   800  C CG  . HIS B 1 39 ? -0.314  -6.257  3.723   1.00 19.53 ? 92  HIS B CG  1 
ATOM   801  N ND1 . HIS B 1 39 ? 0.526   -5.712  2.773   1.00 22.75 ? 92  HIS B ND1 1 
ATOM   802  C CD2 . HIS B 1 39 ? 0.474   -6.987  4.550   1.00 20.75 ? 92  HIS B CD2 1 
ATOM   803  C CE1 . HIS B 1 39 ? 1.769   -6.085  3.024   1.00 22.35 ? 92  HIS B CE1 1 
ATOM   804  N NE2 . HIS B 1 39 ? 1.764   -6.867  4.089   1.00 22.01 ? 92  HIS B NE2 1 
ATOM   805  N N   . LEU B 1 40 ? -4.564  -4.625  4.523   1.00 15.57 ? 93  LEU B N   1 
ATOM   806  C CA  . LEU B 1 40 ? -5.981  -4.308  4.276   1.00 15.62 ? 93  LEU B CA  1 
ATOM   807  C C   . LEU B 1 40 ? -6.212  -2.770  4.133   1.00 14.62 ? 93  LEU B C   1 
ATOM   808  O O   . LEU B 1 40 ? -6.973  -2.302  3.251   1.00 14.30 ? 93  LEU B O   1 
ATOM   809  C CB  . LEU B 1 40 ? -6.836  -4.903  5.409   1.00 15.23 ? 93  LEU B CB  1 
ATOM   810  C CG  . LEU B 1 40 ? -7.573  -6.246  5.230   1.00 17.08 ? 93  LEU B CG  1 
ATOM   811  C CD1 . LEU B 1 40 ? -6.831  -7.218  4.389   1.00 17.41 ? 93  LEU B CD1 1 
ATOM   812  C CD2 . LEU B 1 40 ? -8.018  -6.887  6.574   1.00 15.15 ? 93  LEU B CD2 1 
ATOM   813  N N   . THR B 1 41 ? -5.555  -2.000  4.993   1.00 13.64 ? 94  THR B N   1 
ATOM   814  C CA  . THR B 1 41 ? -5.694  -0.538  4.971   1.00 14.24 ? 94  THR B CA  1 
ATOM   815  C C   . THR B 1 41 ? -4.995  0.094   3.753   1.00 14.44 ? 94  THR B C   1 
ATOM   816  O O   . THR B 1 41 ? -5.441  1.147   3.261   1.00 13.73 ? 94  THR B O   1 
ATOM   817  C CB  . THR B 1 41 ? -5.310  0.151   6.309   1.00 14.25 ? 94  THR B CB  1 
ATOM   818  O OG1 . THR B 1 41 ? -3.967  -0.165  6.678   1.00 15.40 ? 94  THR B OG1 1 
ATOM   819  C CG2 . THR B 1 41 ? -6.245  -0.293  7.426   1.00 14.18 ? 94  THR B CG2 1 
ATOM   820  N N   . ASN B 1 42 ? -3.943  -0.563  3.241   1.00 14.27 ? 95  ASN B N   1 
ATOM   821  C CA  . ASN B 1 42 ? -3.372  -0.157  1.947   1.00 14.41 ? 95  ASN B CA  1 
ATOM   822  C C   . ASN B 1 42 ? -4.411  -0.328  0.816   1.00 14.02 ? 95  ASN B C   1 
ATOM   823  O O   . ASN B 1 42 ? -4.565  0.564   0.009   1.00 14.20 ? 95  ASN B O   1 
ATOM   824  C CB  . ASN B 1 42 ? -2.100  -0.947  1.592   1.00 14.69 ? 95  ASN B CB  1 
ATOM   825  C CG  . ASN B 1 42 ? -0.904  -0.609  2.477   1.00 14.84 ? 95  ASN B CG  1 
ATOM   826  O OD1 . ASN B 1 42 ? -0.872  0.405   3.165   1.00 16.81 ? 95  ASN B OD1 1 
ATOM   827  N ND2 . ASN B 1 42 ? 0.091   -1.471  2.447   1.00 17.77 ? 95  ASN B ND2 1 
ATOM   828  N N   . ALA B 1 43 ? -5.106  -1.477  0.768   1.00 13.60 ? 96  ALA B N   1 
ATOM   829  C CA  . ALA B 1 43 ? -6.141  -1.707  -0.246  1.00 13.18 ? 96  ALA B CA  1 
ATOM   830  C C   . ALA B 1 43 ? -7.295  -0.722  -0.100  1.00 13.09 ? 96  ALA B C   1 
ATOM   831  O O   . ALA B 1 43 ? -7.777  -0.143  -1.098  1.00 13.53 ? 96  ALA B O   1 
ATOM   832  C CB  . ALA B 1 43 ? -6.644  -3.141  -0.175  1.00 13.70 ? 96  ALA B CB  1 
ATOM   833  N N   . ILE B 1 44 ? -7.734  -0.499  1.132   1.00 12.04 ? 97  ILE B N   1 
ATOM   834  C CA  . ILE B 1 44 ? -8.738  0.524   1.360   1.00 12.88 ? 97  ILE B CA  1 
ATOM   835  C C   . ILE B 1 44 ? -8.287  1.868   0.842   1.00 13.33 ? 97  ILE B C   1 
ATOM   836  O O   . ILE B 1 44 ? -9.088  2.557   0.203   1.00 12.70 ? 97  ILE B O   1 
ATOM   837  C CB  . ILE B 1 44 ? -9.168  0.667   2.825   1.00 12.41 ? 97  ILE B CB  1 
ATOM   838  C CG1 . ILE B 1 44 ? -9.916  -0.585  3.271   1.00 13.28 ? 97  ILE B CG1 1 
ATOM   839  C CG2 . ILE B 1 44 ? -10.053 1.914   2.986   1.00 12.84 ? 97  ILE B CG2 1 
ATOM   840  C CD1 . ILE B 1 44 ? -9.834  -0.852  4.766   1.00 16.40 ? 97  ILE B CD1 1 
ATOM   841  N N   . ALA B 1 45 ? -7.016  2.226   1.105   1.00 13.72 ? 98  ALA B N   1 
ATOM   842  C CA  . ALA B 1 45 ? -6.452  3.540   0.719   1.00 14.19 ? 98  ALA B CA  1 
ATOM   843  C C   . ALA B 1 45 ? -6.376  3.836   -0.790  1.00 14.34 ? 98  ALA B C   1 
ATOM   844  O O   . ALA B 1 45 ? -6.231  4.994   -1.160  1.00 14.09 ? 98  ALA B O   1 
ATOM   845  C CB  . ALA B 1 45 ? -5.076  3.750   1.353   1.00 14.64 ? 98  ALA B CB  1 
ATOM   846  N N   . VAL B 1 46 ? -6.449  2.814   -1.648  1.00 14.58 ? 99  VAL B N   1 
ATOM   847  C CA  . VAL B 1 46 ? -6.385  3.044   -3.107  1.00 15.50 ? 99  VAL B CA  1 
ATOM   848  C C   . VAL B 1 46 ? -7.781  2.964   -3.724  1.00 16.72 ? 99  VAL B C   1 
ATOM   849  O O   . VAL B 1 46 ? -7.960  3.091   -4.935  1.00 16.72 ? 99  VAL B O   1 
ATOM   850  C CB  . VAL B 1 46 ? -5.366  2.111   -3.871  1.00 14.83 ? 99  VAL B CB  1 
ATOM   851  C CG1 . VAL B 1 46 ? -3.936  2.325   -3.381  1.00 14.61 ? 99  VAL B CG1 1 
ATOM   852  C CG2 . VAL B 1 46 ? -5.778  0.613   -3.801  1.00 14.90 ? 99  VAL B CG2 1 
ATOM   853  N N   . CYS B 1 47 ? -8.762  2.750   -2.862  1.00 18.65 ? 100 CYS B N   1 
ATOM   854  C CA  . CYS B 1 47 ? -10.114 2.463   -3.280  1.00 21.53 ? 100 CYS B CA  1 
ATOM   855  C C   . CYS B 1 47 ? -10.847 3.785   -3.116  1.00 21.25 ? 100 CYS B C   1 
ATOM   856  O O   . CYS B 1 47 ? -10.841 4.366   -2.040  1.00 21.69 ? 100 CYS B O   1 
ATOM   857  C CB  . CYS B 1 47 ? -10.657 1.310   -2.423  1.00 21.45 ? 100 CYS B CB  1 
ATOM   858  S SG  . CYS B 1 47 ? -12.330 0.756   -2.700  1.00 31.51 ? 100 CYS B SG  1 
ATOM   859  N N   . GLY B 1 48 ? -11.408 4.300   -4.207  1.00 21.33 ? 101 GLY B N   1 
ATOM   860  C CA  . GLY B 1 48 ? -12.074 5.608   -4.204  1.00 21.86 ? 101 GLY B CA  1 
ATOM   861  C C   . GLY B 1 48 ? -13.340 5.678   -3.367  1.00 22.57 ? 101 GLY B C   1 
ATOM   862  O O   . GLY B 1 48 ? -13.641 6.719   -2.794  1.00 23.20 ? 101 GLY B O   1 
ATOM   863  N N   . GLN B 1 49 ? -14.065 4.562   -3.282  1.00 22.55 ? 102 GLN B N   1 
ATOM   864  C CA  . GLN B 1 49 ? -15.337 4.505   -2.561  1.00 23.32 ? 102 GLN B CA  1 
ATOM   865  C C   . GLN B 1 49 ? -15.386 3.175   -1.797  1.00 21.97 ? 102 GLN B C   1 
ATOM   866  O O   . GLN B 1 49 ? -16.012 2.203   -2.254  1.00 22.50 ? 102 GLN B O   1 
ATOM   867  C CB  . GLN B 1 49 ? -16.508 4.660   -3.563  1.00 23.82 ? 102 GLN B CB  1 
ATOM   868  C CG  . GLN B 1 49 ? -17.784 5.297   -2.996  1.00 28.60 ? 102 GLN B CG  1 
ATOM   869  C CD  . GLN B 1 49 ? -18.479 6.251   -3.978  1.00 33.46 ? 102 GLN B CD  1 
ATOM   870  O OE1 . GLN B 1 49 ? -18.511 6.008   -5.200  1.00 34.98 ? 102 GLN B OE1 1 
ATOM   871  N NE2 . GLN B 1 49 ? -19.031 7.350   -3.446  1.00 33.88 ? 102 GLN B NE2 1 
ATOM   872  N N   . PRO B 1 50 ? -14.691 3.112   -0.636  1.00 20.85 ? 103 PRO B N   1 
ATOM   873  C CA  . PRO B 1 50 ? -14.528 1.859   0.091   1.00 20.21 ? 103 PRO B CA  1 
ATOM   874  C C   . PRO B 1 50 ? -15.664 1.557   1.054   1.00 19.18 ? 103 PRO B C   1 
ATOM   875  O O   . PRO B 1 50 ? -15.492 0.752   1.964   1.00 19.17 ? 103 PRO B O   1 
ATOM   876  C CB  . PRO B 1 50 ? -13.237 2.086   0.876   1.00 20.46 ? 103 PRO B CB  1 
ATOM   877  C CG  . PRO B 1 50 ? -13.167 3.557   1.078   1.00 21.40 ? 103 PRO B CG  1 
ATOM   878  C CD  . PRO B 1 50 ? -14.067 4.234   0.081   1.00 20.52 ? 103 PRO B CD  1 
ATOM   879  N N   . GLN B 1 51 ? -16.816 2.191   0.867   1.00 18.17 ? 104 GLN B N   1 
ATOM   880  C CA  . GLN B 1 51 ? -17.937 1.969   1.790   1.00 17.70 ? 104 GLN B CA  1 
ATOM   881  C C   . GLN B 1 51 ? -18.312 0.502   1.948   1.00 17.09 ? 104 GLN B C   1 
ATOM   882  O O   . GLN B 1 51 ? -18.377 -0.012  3.065   1.00 16.96 ? 104 GLN B O   1 
ATOM   883  C CB  . GLN B 1 51 ? -19.169 2.751   1.350   1.00 17.50 ? 104 GLN B CB  1 
ATOM   884  C CG  . GLN B 1 51 ? -20.375 2.404   2.197   1.00 20.58 ? 104 GLN B CG  1 
ATOM   885  C CD  . GLN B 1 51 ? -21.522 3.311   1.912   1.00 24.48 ? 104 GLN B CD  1 
ATOM   886  O OE1 . GLN B 1 51 ? -21.595 4.402   2.459   1.00 25.94 ? 104 GLN B OE1 1 
ATOM   887  N NE2 . GLN B 1 51 ? -22.431 2.870   1.049   1.00 27.03 ? 104 GLN B NE2 1 
ATOM   888  N N   . GLN B 1 52 ? -18.565 -0.169  0.822   1.00 16.78 ? 105 GLN B N   1 
ATOM   889  C CA  . GLN B 1 52 ? -18.904 -1.597  0.847   1.00 16.42 ? 105 GLN B CA  1 
ATOM   890  C C   . GLN B 1 52 ? -17.772 -2.488  1.359   1.00 15.97 ? 105 GLN B C   1 
ATOM   891  O O   . GLN B 1 52 ? -18.007 -3.365  2.183   1.00 15.38 ? 105 GLN B O   1 
ATOM   892  C CB  . GLN B 1 52 ? -19.416 -2.067  -0.501  1.00 16.43 ? 105 GLN B CB  1 
ATOM   893  C CG  . GLN B 1 52 ? -20.791 -1.462  -0.810  1.00 19.17 ? 105 GLN B CG  1 
ATOM   894  C CD  . GLN B 1 52 ? -21.361 -1.964  -2.092  1.00 21.90 ? 105 GLN B CD  1 
ATOM   895  O OE1 . GLN B 1 52 ? -20.792 -2.838  -2.735  1.00 25.69 ? 105 GLN B OE1 1 
ATOM   896  N NE2 . GLN B 1 52 ? -22.490 -1.408  -2.488  1.00 26.63 ? 105 GLN B NE2 1 
ATOM   897  N N   . LEU B 1 53 ? -16.553 -2.244  0.889   1.00 15.11 ? 106 LEU B N   1 
ATOM   898  C CA  . LEU B 1 53 ? -15.393 -2.932  1.424   1.00 15.27 ? 106 LEU B CA  1 
ATOM   899  C C   . LEU B 1 53 ? -15.317 -2.821  2.945   1.00 14.36 ? 106 LEU B C   1 
ATOM   900  O O   . LEU B 1 53 ? -15.113 -3.815  3.617   1.00 14.01 ? 106 LEU B O   1 
ATOM   901  C CB  . LEU B 1 53 ? -14.093 -2.419  0.757   1.00 15.16 ? 106 LEU B CB  1 
ATOM   902  C CG  . LEU B 1 53 ? -12.778 -3.092  1.194   1.00 16.69 ? 106 LEU B CG  1 
ATOM   903  C CD1 . LEU B 1 53 ? -12.844 -4.619  1.140   1.00 19.51 ? 106 LEU B CD1 1 
ATOM   904  C CD2 . LEU B 1 53 ? -11.621 -2.594  0.312   1.00 16.89 ? 106 LEU B CD2 1 
ATOM   905  N N   . LEU B 1 54 ? -15.466 -1.604  3.476   1.00 14.36 ? 107 LEU B N   1 
ATOM   906  C CA  . LEU B 1 54 ? -15.458 -1.373  4.921   1.00 15.02 ? 107 LEU B CA  1 
ATOM   907  C C   . LEU B 1 54 ? -16.589 -2.120  5.619   1.00 15.37 ? 107 LEU B C   1 
ATOM   908  O O   . LEU B 1 54 ? -16.388 -2.672  6.700   1.00 15.34 ? 107 LEU B O   1 
ATOM   909  C CB  . LEU B 1 54 ? -15.518 0.130   5.263   1.00 14.03 ? 107 LEU B CB  1 
ATOM   910  C CG  . LEU B 1 54 ? -14.257 0.963   5.051   1.00 15.00 ? 107 LEU B CG  1 
ATOM   911  C CD1 . LEU B 1 54 ? -14.521 2.497   5.251   1.00 14.67 ? 107 LEU B CD1 1 
ATOM   912  C CD2 . LEU B 1 54 ? -13.173 0.474   6.028   1.00 14.49 ? 107 LEU B CD2 1 
ATOM   913  N N   . GLN B 1 55 ? -17.761 -2.156  4.992   1.00 16.21 ? 108 GLN B N   1 
ATOM   914  C CA  . GLN B 1 55 ? -18.932 -2.792  5.620   1.00 18.84 ? 108 GLN B CA  1 
ATOM   915  C C   . GLN B 1 55 ? -18.751 -4.292  5.760   1.00 18.97 ? 108 GLN B C   1 
ATOM   916  O O   . GLN B 1 55 ? -19.037 -4.848  6.807   1.00 19.73 ? 108 GLN B O   1 
ATOM   917  C CB  . GLN B 1 55 ? -20.208 -2.508  4.829   1.00 18.61 ? 108 GLN B CB  1 
ATOM   918  C CG  . GLN B 1 55 ? -20.786 -1.151  5.063   1.00 21.39 ? 108 GLN B CG  1 
ATOM   919  C CD  . GLN B 1 55 ? -22.000 -0.910  4.193   1.00 23.50 ? 108 GLN B CD  1 
ATOM   920  O OE1 . GLN B 1 55 ? -21.883 -0.611  2.994   1.00 21.76 ? 108 GLN B OE1 1 
ATOM   921  N NE2 . GLN B 1 55 ? -23.173 -1.032  4.788   1.00 22.69 ? 108 GLN B NE2 1 
ATOM   922  N N   . VAL B 1 56 ? -18.252 -4.928  4.701   1.00 19.82 ? 109 VAL B N   1 
ATOM   923  C CA  . VAL B 1 56 ? -17.996 -6.362  4.702   1.00 20.08 ? 109 VAL B CA  1 
ATOM   924  C C   . VAL B 1 56 ? -16.910 -6.673  5.737   1.00 20.98 ? 109 VAL B C   1 
ATOM   925  O O   . VAL B 1 56 ? -17.019 -7.646  6.469   1.00 21.16 ? 109 VAL B O   1 
ATOM   926  C CB  . VAL B 1 56 ? -17.591 -6.857  3.302   1.00 20.06 ? 109 VAL B CB  1 
ATOM   927  C CG1 . VAL B 1 56 ? -17.143 -8.322  3.338   1.00 19.71 ? 109 VAL B CG1 1 
ATOM   928  C CG2 . VAL B 1 56 ? -18.740 -6.664  2.313   1.00 20.31 ? 109 VAL B CG2 1 
ATOM   929  N N   . LEU B 1 57 ? -15.888 -5.819  5.815   1.00 21.26 ? 110 LEU B N   1 
ATOM   930  C CA  . LEU B 1 57 ? -14.797 -5.973  6.790   1.00 22.10 ? 110 LEU B CA  1 
ATOM   931  C C   . LEU B 1 57 ? -15.330 -5.841  8.209   1.00 22.94 ? 110 LEU B C   1 
ATOM   932  O O   . LEU B 1 57 ? -14.915 -6.560  9.100   1.00 22.98 ? 110 LEU B O   1 
ATOM   933  C CB  . LEU B 1 57 ? -13.708 -4.915  6.534   1.00 21.13 ? 110 LEU B CB  1 
ATOM   934  C CG  . LEU B 1 57 ? -12.331 -5.262  5.944   1.00 22.18 ? 110 LEU B CG  1 
ATOM   935  C CD1 . LEU B 1 57 ? -12.137 -6.739  5.550   1.00 19.46 ? 110 LEU B CD1 1 
ATOM   936  C CD2 . LEU B 1 57 ? -11.931 -4.334  4.810   1.00 21.37 ? 110 LEU B CD2 1 
ATOM   937  N N   . GLN B 1 58 ? -16.256 -4.909  8.406   1.00 24.85 ? 111 GLN B N   1 
ATOM   938  C CA  . GLN B 1 58 ? -16.865 -4.665  9.714   1.00 27.22 ? 111 GLN B CA  1 
ATOM   939  C C   . GLN B 1 58 ? -17.762 -5.853  10.073  1.00 28.15 ? 111 GLN B C   1 
ATOM   940  O O   . GLN B 1 58 ? -17.959 -6.153  11.244  1.00 27.74 ? 111 GLN B O   1 
ATOM   941  C CB  . GLN B 1 58 ? -17.620 -3.336  9.667   1.00 27.52 ? 111 GLN B CB  1 
ATOM   942  C CG  . GLN B 1 58 ? -18.450 -2.960  10.864  1.00 30.07 ? 111 GLN B CG  1 
ATOM   943  C CD  . GLN B 1 58 ? -19.902 -3.323  10.676  1.00 33.18 ? 111 GLN B CD  1 
ATOM   944  O OE1 . GLN B 1 58 ? -20.489 -3.966  11.541  1.00 34.74 ? 111 GLN B OE1 1 
ATOM   945  N NE2 . GLN B 1 58 ? -20.493 -2.938  9.516   1.00 34.41 ? 111 GLN B NE2 1 
ATOM   946  N N   . GLN B 1 59 ? -18.253 -6.530  9.035   1.00 29.38 ? 112 GLN B N   1 
ATOM   947  C CA  . GLN B 1 59 ? -19.042 -7.755  9.139   1.00 31.17 ? 112 GLN B CA  1 
ATOM   948  C C   . GLN B 1 59 ? -18.150 -8.946  9.521   1.00 31.42 ? 112 GLN B C   1 
ATOM   949  O O   . GLN B 1 59 ? -18.435 -9.648  10.495  1.00 32.13 ? 112 GLN B O   1 
ATOM   950  C CB  . GLN B 1 59 ? -19.695 -8.038  7.778   1.00 31.47 ? 112 GLN B CB  1 
ATOM   951  C CG  . GLN B 1 59 ? -21.182 -8.343  7.779   1.00 34.06 ? 112 GLN B CG  1 
ATOM   952  C CD  . GLN B 1 59 ? -22.064 -7.123  7.969   1.00 37.14 ? 112 GLN B CD  1 
ATOM   953  O OE1 . GLN B 1 59 ? -21.801 -6.265  8.826   1.00 38.54 ? 112 GLN B OE1 1 
ATOM   954  N NE2 . GLN B 1 59 ? -23.142 -7.054  7.189   1.00 37.05 ? 112 GLN B NE2 1 
ATOM   955  N N   . THR B 1 60 ? -17.058 -9.133  8.770   1.00 31.68 ? 113 THR B N   1 
ATOM   956  C CA  . THR B 1 60 ? -16.253 -10.369 8.784   1.00 31.39 ? 113 THR B CA  1 
ATOM   957  C C   . THR B 1 60 ? -15.037 -10.429 9.738   1.00 31.05 ? 113 THR B C   1 
ATOM   958  O O   . THR B 1 60 ? -14.478 -11.507 9.959   1.00 31.88 ? 113 THR B O   1 
ATOM   959  C CB  . THR B 1 60 ? -15.751 -10.726 7.363   1.00 31.69 ? 113 THR B CB  1 
ATOM   960  O OG1 . THR B 1 60 ? -14.917 -9.673  6.868   1.00 31.06 ? 113 THR B OG1 1 
ATOM   961  C CG2 . THR B 1 60 ? -16.922 -10.956 6.394   1.00 32.02 ? 113 THR B CG2 1 
ATOM   962  N N   . LEU B 1 61 ? -14.611 -9.298  10.288  1.00 29.57 ? 114 LEU B N   1 
ATOM   963  C CA  . LEU B 1 61 ? -13.443 -9.303  11.170  1.00 28.34 ? 114 LEU B CA  1 
ATOM   964  C C   . LEU B 1 61 ? -13.888 -9.369  12.625  1.00 27.93 ? 114 LEU B C   1 
ATOM   965  O O   . LEU B 1 61 ? -14.973 -8.881  12.952  1.00 28.08 ? 114 LEU B O   1 
ATOM   966  C CB  . LEU B 1 61 ? -12.575 -8.051  10.955  1.00 27.67 ? 114 LEU B CB  1 
ATOM   967  C CG  . LEU B 1 61 ? -11.806 -7.840  9.647   1.00 27.50 ? 114 LEU B CG  1 
ATOM   968  C CD1 . LEU B 1 61 ? -11.174 -6.453  9.628   1.00 24.96 ? 114 LEU B CD1 1 
ATOM   969  C CD2 . LEU B 1 61 ? -10.744 -8.909  9.412   1.00 26.35 ? 114 LEU B CD2 1 
ATOM   970  N N   . PRO B 1 62 ? -13.061 -9.969  13.510  1.00 27.56 ? 115 PRO B N   1 
ATOM   971  C CA  . PRO B 1 62 ? -13.417 -9.848  14.920  1.00 26.86 ? 115 PRO B CA  1 
ATOM   972  C C   . PRO B 1 62 ? -13.342 -8.377  15.338  1.00 26.87 ? 115 PRO B C   1 
ATOM   973  O O   . PRO B 1 62 ? -12.483 -7.632  14.829  1.00 27.13 ? 115 PRO B O   1 
ATOM   974  C CB  . PRO B 1 62 ? -12.350 -10.692 15.638  1.00 27.25 ? 115 PRO B CB  1 
ATOM   975  C CG  . PRO B 1 62 ? -11.765 -11.575 14.579  1.00 26.97 ? 115 PRO B CG  1 
ATOM   976  C CD  . PRO B 1 62 ? -11.827 -10.758 13.319  1.00 27.25 ? 115 PRO B CD  1 
ATOM   977  N N   . PRO B 1 63 ? -14.254 -7.942  16.228  1.00 26.22 ? 116 PRO B N   1 
ATOM   978  C CA  . PRO B 1 63 ? -14.321 -6.526  16.559  1.00 25.51 ? 116 PRO B CA  1 
ATOM   979  C C   . PRO B 1 63 ? -13.005 -5.852  16.974  1.00 24.96 ? 116 PRO B C   1 
ATOM   980  O O   . PRO B 1 63 ? -12.807 -4.691  16.597  1.00 24.48 ? 116 PRO B O   1 
ATOM   981  C CB  . PRO B 1 63 ? -15.352 -6.475  17.687  1.00 25.86 ? 116 PRO B CB  1 
ATOM   982  C CG  . PRO B 1 63 ? -16.276 -7.651  17.406  1.00 26.07 ? 116 PRO B CG  1 
ATOM   983  C CD  . PRO B 1 63 ? -15.428 -8.692  16.730  1.00 26.21 ? 116 PRO B CD  1 
ATOM   984  N N   . PRO B 1 64 ? -12.137 -6.533  17.770  1.00 24.39 ? 117 PRO B N   1 
ATOM   985  C CA  . PRO B 1 64 ? -10.867 -5.885  18.140  1.00 23.88 ? 117 PRO B CA  1 
ATOM   986  C C   . PRO B 1 64 ? -9.954  -5.614  16.945  1.00 23.02 ? 117 PRO B C   1 
ATOM   987  O O   . PRO B 1 64 ? -9.250  -4.605  16.927  1.00 23.16 ? 117 PRO B O   1 
ATOM   988  C CB  . PRO B 1 64 ? -10.201 -6.915  19.064  1.00 24.20 ? 117 PRO B CB  1 
ATOM   989  C CG  . PRO B 1 64 ? -11.318 -7.710  19.606  1.00 25.46 ? 117 PRO B CG  1 
ATOM   990  C CD  . PRO B 1 64 ? -12.293 -7.823  18.470  1.00 24.39 ? 117 PRO B CD  1 
ATOM   991  N N   . VAL B 1 65 ? -9.941  -6.532  15.984  1.00 21.80 ? 118 VAL B N   1 
ATOM   992  C CA  . VAL B 1 65 ? -9.202  -6.359  14.730  1.00 21.02 ? 118 VAL B CA  1 
ATOM   993  C C   . VAL B 1 65 ? -9.820  -5.192  13.936  1.00 20.46 ? 118 VAL B C   1 
ATOM   994  O O   . VAL B 1 65 ? -9.103  -4.328  13.429  1.00 19.92 ? 118 VAL B O   1 
ATOM   995  C CB  . VAL B 1 65 ? -9.154  -7.700  13.912  1.00 20.21 ? 118 VAL B CB  1 
ATOM   996  C CG1 . VAL B 1 65 ? -8.433  -7.540  12.571  1.00 21.51 ? 118 VAL B CG1 1 
ATOM   997  C CG2 . VAL B 1 65 ? -8.483  -8.795  14.733  1.00 21.67 ? 118 VAL B CG2 1 
ATOM   998  N N   . PHE B 1 66 ? -11.147 -5.129  13.859  1.00 20.29 ? 119 PHE B N   1 
ATOM   999  C CA  . PHE B 1 66 ? -11.758 -3.974  13.189  1.00 20.15 ? 119 PHE B CA  1 
ATOM   1000 C C   . PHE B 1 66 ? -11.400 -2.630  13.823  1.00 19.88 ? 119 PHE B C   1 
ATOM   1001 O O   . PHE B 1 66 ? -11.130 -1.681  13.114  1.00 19.35 ? 119 PHE B O   1 
ATOM   1002 C CB  . PHE B 1 66 ? -13.266 -4.095  13.011  1.00 20.10 ? 119 PHE B CB  1 
ATOM   1003 C CG  . PHE B 1 66 ? -13.807 -3.131  12.006  1.00 19.82 ? 119 PHE B CG  1 
ATOM   1004 C CD1 . PHE B 1 66 ? -13.506 -3.286  10.654  1.00 19.89 ? 119 PHE B CD1 1 
ATOM   1005 C CD2 . PHE B 1 66 ? -14.588 -2.055  12.401  1.00 20.68 ? 119 PHE B CD2 1 
ATOM   1006 C CE1 . PHE B 1 66 ? -13.987 -2.394  9.702   1.00 19.41 ? 119 PHE B CE1 1 
ATOM   1007 C CE2 . PHE B 1 66 ? -15.086 -1.142  11.447  1.00 20.02 ? 119 PHE B CE2 1 
ATOM   1008 C CZ  . PHE B 1 66 ? -14.782 -1.320  10.100  1.00 20.36 ? 119 PHE B CZ  1 
ATOM   1009 N N   . GLN B 1 67 ? -11.375 -2.551  15.150  1.00 20.78 ? 120 GLN B N   1 
ATOM   1010 C CA  . GLN B 1 67 ? -10.941 -1.316  15.824  1.00 21.39 ? 120 GLN B CA  1 
ATOM   1011 C C   . GLN B 1 67 ? -9.491  -0.973  15.480  1.00 21.00 ? 120 GLN B C   1 
ATOM   1012 O O   . GLN B 1 67 ? -9.145  0.193   15.282  1.00 20.31 ? 120 GLN B O   1 
ATOM   1013 C CB  . GLN B 1 67 ? -11.120 -1.411  17.347  1.00 21.76 ? 120 GLN B CB  1 
ATOM   1014 C CG  . GLN B 1 67 ? -12.574 -1.529  17.783  1.00 23.80 ? 120 GLN B CG  1 
ATOM   1015 C CD  . GLN B 1 67 ? -13.397 -0.311  17.403  1.00 27.01 ? 120 GLN B CD  1 
ATOM   1016 O OE1 . GLN B 1 67 ? -13.047 0.831   17.732  1.00 28.62 ? 120 GLN B OE1 1 
ATOM   1017 N NE2 . GLN B 1 67 ? -14.494 -0.546  16.694  1.00 27.58 ? 120 GLN B NE2 1 
ATOM   1018 N N   . MET B 1 68 ? -8.650  -2.002  15.420  1.00 21.23 ? 121 MET B N   1 
ATOM   1019 C CA  . MET B 1 68 ? -7.263  -1.827  14.999  1.00 21.81 ? 121 MET B CA  1 
ATOM   1020 C C   . MET B 1 68 ? -7.231  -1.295  13.569  1.00 20.83 ? 121 MET B C   1 
ATOM   1021 O O   . MET B 1 68 ? -6.476  -0.364  13.269  1.00 20.95 ? 121 MET B O   1 
ATOM   1022 C CB  . MET B 1 68 ? -6.497  -3.150  15.122  1.00 22.39 ? 121 MET B CB  1 
ATOM   1023 C CG  . MET B 1 68 ? -5.010  -3.088  14.741  1.00 25.75 ? 121 MET B CG  1 
ATOM   1024 S SD  . MET B 1 68 ? -4.272  -4.748  14.786  1.00 31.27 ? 121 MET B SD  1 
ATOM   1025 C CE  . MET B 1 68 ? -4.501  -5.149  16.511  1.00 30.25 ? 121 MET B CE  1 
ATOM   1026 N N   . LEU B 1 69 ? -8.062  -1.866  12.692  1.00 20.52 ? 122 LEU B N   1 
ATOM   1027 C CA  . LEU B 1 69 ? -8.142  -1.406  11.305  1.00 20.16 ? 122 LEU B CA  1 
ATOM   1028 C C   . LEU B 1 69 ? -8.441  0.085   11.227  1.00 20.18 ? 122 LEU B C   1 
ATOM   1029 O O   . LEU B 1 69 ? -7.760  0.813   10.513  1.00 20.00 ? 122 LEU B O   1 
ATOM   1030 C CB  . LEU B 1 69 ? -9.159  -2.218  10.486  1.00 19.96 ? 122 LEU B CB  1 
ATOM   1031 C CG  . LEU B 1 69 ? -9.190  -1.991  8.972   1.00 19.82 ? 122 LEU B CG  1 
ATOM   1032 C CD1 . LEU B 1 69 ? -9.445  -3.294  8.221   1.00 20.91 ? 122 LEU B CD1 1 
ATOM   1033 C CD2 . LEU B 1 69 ? -10.212 -0.955  8.565   1.00 20.29 ? 122 LEU B CD2 1 
ATOM   1034 N N   . LEU B 1 70 ? -9.463  0.522   11.959  1.00 20.66 ? 123 LEU B N   1 
ATOM   1035 C CA  . LEU B 1 70 ? -9.867  1.926   11.999  1.00 21.54 ? 123 LEU B CA  1 
ATOM   1036 C C   . LEU B 1 70 ? -8.754  2.881   12.464  1.00 21.99 ? 123 LEU B C   1 
ATOM   1037 O O   . LEU B 1 70 ? -8.605  3.970   11.915  1.00 21.86 ? 123 LEU B O   1 
ATOM   1038 C CB  . LEU B 1 70 ? -11.121 2.099   12.859  1.00 21.66 ? 123 LEU B CB  1 
ATOM   1039 C CG  . LEU B 1 70 ? -12.421 1.484   12.345  1.00 22.55 ? 123 LEU B CG  1 
ATOM   1040 C CD1 . LEU B 1 70 ? -13.455 1.573   13.441  1.00 22.43 ? 123 LEU B CD1 1 
ATOM   1041 C CD2 . LEU B 1 70 ? -12.911 2.208   11.091  1.00 22.98 ? 123 LEU B CD2 1 
ATOM   1042 N N   . THR B 1 71 ? -7.944  2.469   13.439  1.00 22.47 ? 124 THR B N   1 
ATOM   1043 C CA  . THR B 1 71 ? -6.831  3.333   13.858  1.00 23.64 ? 124 THR B CA  1 
ATOM   1044 C C   . THR B 1 71 ? -5.731  3.418   12.805  1.00 24.67 ? 124 THR B C   1 
ATOM   1045 O O   . THR B 1 71 ? -5.023  4.425   12.725  1.00 24.44 ? 124 THR B O   1 
ATOM   1046 C CB  . THR B 1 71 ? -6.221  2.938   15.231  1.00 23.83 ? 124 THR B CB  1 
ATOM   1047 O OG1 . THR B 1 71 ? -5.494  1.713   15.107  1.00 25.14 ? 124 THR B OG1 1 
ATOM   1048 C CG2 . THR B 1 71 ? -7.292  2.791   16.244  1.00 21.96 ? 124 THR B CG2 1 
ATOM   1049 N N   . LYS B 1 72 ? -5.620  2.368   11.989  1.00 25.69 ? 125 LYS B N   1 
ATOM   1050 C CA  . LYS B 1 72 ? -4.636  2.310   10.919  1.00 27.80 ? 125 LYS B CA  1 
ATOM   1051 C C   . LYS B 1 72 ? -5.157  2.810   9.579   1.00 28.77 ? 125 LYS B C   1 
ATOM   1052 O O   . LYS B 1 72 ? -4.451  2.722   8.575   1.00 29.91 ? 125 LYS B O   1 
ATOM   1053 C CB  . LYS B 1 72 ? -4.084  0.890   10.773  1.00 27.84 ? 125 LYS B CB  1 
ATOM   1054 C CG  . LYS B 1 72 ? -2.911  0.636   11.665  1.00 29.46 ? 125 LYS B CG  1 
ATOM   1055 C CD  . LYS B 1 72 ? -2.622  -0.853  11.821  1.00 33.52 ? 125 LYS B CD  1 
ATOM   1056 C CE  . LYS B 1 72 ? -1.329  -1.063  12.602  1.00 33.97 ? 125 LYS B CE  1 
ATOM   1057 N NZ  . LYS B 1 72 ? -1.251  -2.445  13.152  1.00 35.98 ? 125 LYS B NZ  1 
ATOM   1058 N N   . LEU B 1 73 ? -6.370  3.359   9.570   1.00 29.80 ? 126 LEU B N   1 
ATOM   1059 C CA  . LEU B 1 73 ? -7.011  3.831   8.348   1.00 30.64 ? 126 LEU B CA  1 
ATOM   1060 C C   . LEU B 1 73 ? -6.157  4.883   7.641   1.00 31.88 ? 126 LEU B C   1 
ATOM   1061 O O   . LEU B 1 73 ? -5.841  4.697   6.467   1.00 32.29 ? 126 LEU B O   1 
ATOM   1062 C CB  . LEU B 1 73 ? -8.394  4.407   8.657   1.00 30.74 ? 126 LEU B CB  1 
ATOM   1063 C CG  . LEU B 1 73 ? -9.546  4.119   7.689   1.00 30.03 ? 126 LEU B CG  1 
ATOM   1064 C CD1 . LEU B 1 73 ? -9.380  2.777   7.007   1.00 28.23 ? 126 LEU B CD1 1 
ATOM   1065 C CD2 . LEU B 1 73 ? -10.876 4.177   8.441   1.00 29.10 ? 126 LEU B CD2 1 
ATOM   1066 O OXT . LEU B 1 73 ? -5.761  5.921   8.208   1.00 32.63 ? 126 LEU B OXT 1 
ATOM   1067 N N   . GLY C 2 1  ? 16.206  13.840  4.682   1.00 35.11 ? 12  GLY C N   1 
ATOM   1068 C CA  . GLY C 2 1  ? 15.048  14.634  5.201   1.00 34.94 ? 12  GLY C CA  1 
ATOM   1069 C C   . GLY C 2 1  ? 13.777  14.345  4.425   1.00 34.67 ? 12  GLY C C   1 
ATOM   1070 O O   . GLY C 2 1  ? 13.844  13.957  3.256   1.00 35.36 ? 12  GLY C O   1 
ATOM   1071 N N   . PRO C 2 2  ? 12.606  14.543  5.062   1.00 34.18 ? 13  PRO C N   1 
ATOM   1072 C CA  . PRO C 2 2  ? 11.295  14.207  4.469   1.00 33.17 ? 13  PRO C CA  1 
ATOM   1073 C C   . PRO C 2 2  ? 10.900  14.937  3.159   1.00 32.12 ? 13  PRO C C   1 
ATOM   1074 O O   . PRO C 2 2  ? 10.022  14.437  2.440   1.00 32.15 ? 13  PRO C O   1 
ATOM   1075 C CB  . PRO C 2 2  ? 10.300  14.546  5.587   1.00 33.50 ? 13  PRO C CB  1 
ATOM   1076 C CG  . PRO C 2 2  ? 11.044  15.523  6.478   1.00 33.92 ? 13  PRO C CG  1 
ATOM   1077 C CD  . PRO C 2 2  ? 12.472  15.106  6.421   1.00 34.08 ? 13  PRO C CD  1 
ATOM   1078 N N   . ARG C 2 3  ? 11.526  16.079  2.844   1.00 30.32 ? 14  ARG C N   1 
ATOM   1079 C CA  . ARG C 2 3  ? 11.274  16.775  1.557   1.00 28.49 ? 14  ARG C CA  1 
ATOM   1080 C C   . ARG C 2 3  ? 12.024  16.196  0.378   1.00 26.71 ? 14  ARG C C   1 
ATOM   1081 O O   . ARG C 2 3  ? 11.841  16.643  -0.764  1.00 25.80 ? 14  ARG C O   1 
ATOM   1082 C CB  . ARG C 2 3  ? 11.604  18.253  1.646   1.00 28.49 ? 14  ARG C CB  1 
ATOM   1083 C CG  . ARG C 2 3  ? 10.385  19.086  1.776   1.00 30.08 ? 14  ARG C CG  1 
ATOM   1084 C CD  . ARG C 2 3  ? 10.752  20.495  2.105   1.00 30.27 ? 14  ARG C CD  1 
ATOM   1085 N NE  . ARG C 2 3  ? 10.062  20.868  3.319   1.00 32.15 ? 14  ARG C NE  1 
ATOM   1086 C CZ  . ARG C 2 3  ? 10.648  21.146  4.479   1.00 30.34 ? 14  ARG C CZ  1 
ATOM   1087 N NH1 . ARG C 2 3  ? 11.975  21.138  4.613   1.00 29.89 ? 14  ARG C NH1 1 
ATOM   1088 N NH2 . ARG C 2 3  ? 9.887   21.457  5.504   1.00 28.50 ? 14  ARG C NH2 1 
ATOM   1089 N N   . LEU C 2 4  ? 12.874  15.217  0.668   1.00 25.08 ? 15  LEU C N   1 
ATOM   1090 C CA  . LEU C 2 4  ? 13.455  14.326  -0.341  1.00 23.74 ? 15  LEU C CA  1 
ATOM   1091 C C   . LEU C 2 4  ? 12.334  13.774  -1.206  1.00 22.87 ? 15  LEU C C   1 
ATOM   1092 O O   . LEU C 2 4  ? 12.494  13.590  -2.420  1.00 22.82 ? 15  LEU C O   1 
ATOM   1093 C CB  . LEU C 2 4  ? 14.198  13.184  0.350   1.00 23.78 ? 15  LEU C CB  1 
ATOM   1094 C CG  . LEU C 2 4  ? 15.307  12.464  -0.409  1.00 25.28 ? 15  LEU C CG  1 
ATOM   1095 C CD1 . LEU C 2 4  ? 16.185  13.458  -1.126  1.00 25.47 ? 15  LEU C CD1 1 
ATOM   1096 C CD2 . LEU C 2 4  ? 16.110  11.623  0.571   1.00 26.73 ? 15  LEU C CD2 1 
ATOM   1097 N N   . SER C 2 5  ? 11.174  13.578  -0.571  1.00 21.29 ? 16  SER C N   1 
ATOM   1098 C CA  . SER C 2 5  ? 9.968   13.083  -1.227  1.00 20.52 ? 16  SER C CA  1 
ATOM   1099 C C   . SER C 2 5  ? 9.573   13.870  -2.474  1.00 19.34 ? 16  SER C C   1 
ATOM   1100 O O   . SER C 2 5  ? 8.914   13.319  -3.349  1.00 19.64 ? 16  SER C O   1 
ATOM   1101 C CB  . SER C 2 5  ? 8.787   13.067  -0.240  1.00 19.94 ? 16  SER C CB  1 
ATOM   1102 O OG  . SER C 2 5  ? 8.425   14.391  0.092   1.00 21.55 ? 16  SER C OG  1 
ATOM   1103 N N   . ARG C 2 6  ? 9.959   15.151  -2.555  1.00 18.66 ? 17  ARG C N   1 
ATOM   1104 C CA  . ARG C 2 6  ? 9.654   15.980  -3.743  1.00 18.01 ? 17  ARG C CA  1 
ATOM   1105 C C   . ARG C 2 6  ? 10.444  15.534  -4.968  1.00 17.69 ? 17  ARG C C   1 
ATOM   1106 O O   . ARG C 2 6  ? 9.988   15.669  -6.109  1.00 17.41 ? 17  ARG C O   1 
ATOM   1107 C CB  . ARG C 2 6  ? 9.923   17.471  -3.484  1.00 18.47 ? 17  ARG C CB  1 
ATOM   1108 C CG  . ARG C 2 6  ? 8.968   18.106  -2.483  1.00 17.01 ? 17  ARG C CG  1 
ATOM   1109 C CD  . ARG C 2 6  ? 9.097   19.623  -2.501  1.00 19.42 ? 17  ARG C CD  1 
ATOM   1110 N NE  . ARG C 2 6  ? 8.385   20.212  -1.360  1.00 16.13 ? 17  ARG C NE  1 
ATOM   1111 C CZ  . ARG C 2 6  ? 8.355   21.508  -1.103  1.00 16.71 ? 17  ARG C CZ  1 
ATOM   1112 N NH1 . ARG C 2 6  ? 8.974   22.347  -1.925  1.00 14.78 ? 17  ARG C NH1 1 
ATOM   1113 N NH2 . ARG C 2 6  ? 7.707   21.955  -0.037  1.00 11.74 ? 17  ARG C NH2 1 
ATOM   1114 N N   . LEU C 2 7  ? 11.643  15.036  -4.722  1.00 17.71 ? 18  LEU C N   1 
ATOM   1115 C CA  . LEU C 2 7  ? 12.472  14.478  -5.781  1.00 18.28 ? 18  LEU C CA  1 
ATOM   1116 C C   . LEU C 2 7  ? 11.786  13.209  -6.321  1.00 18.94 ? 18  LEU C C   1 
ATOM   1117 O O   . LEU C 2 7  ? 11.649  13.031  -7.532  1.00 19.14 ? 18  LEU C O   1 
ATOM   1118 C CB  . LEU C 2 7  ? 13.877  14.186  -5.237  1.00 18.52 ? 18  LEU C CB  1 
ATOM   1119 C CG  . LEU C 2 7  ? 14.933  13.451  -6.070  1.00 18.69 ? 18  LEU C CG  1 
ATOM   1120 C CD1 . LEU C 2 7  ? 15.327  14.283  -7.287  1.00 20.62 ? 18  LEU C CD1 1 
ATOM   1121 C CD2 . LEU C 2 7  ? 16.136  13.140  -5.222  1.00 19.13 ? 18  LEU C CD2 1 
ATOM   1122 N N   . LEU C 2 8  ? 11.312  12.351  -5.425  1.00 19.68 ? 19  LEU C N   1 
ATOM   1123 C CA  . LEU C 2 8  ? 10.677  11.107  -5.873  1.00 20.60 ? 19  LEU C CA  1 
ATOM   1124 C C   . LEU C 2 8  ? 9.366   11.370  -6.597  1.00 21.63 ? 19  LEU C C   1 
ATOM   1125 O O   . LEU C 2 8  ? 9.020   10.644  -7.517  1.00 22.13 ? 19  LEU C O   1 
ATOM   1126 C CB  . LEU C 2 8  ? 10.477  10.135  -4.719  1.00 20.23 ? 19  LEU C CB  1 
ATOM   1127 C CG  . LEU C 2 8  ? 11.726  9.780   -3.917  1.00 19.83 ? 19  LEU C CG  1 
ATOM   1128 C CD1 . LEU C 2 8  ? 11.377  8.798   -2.845  1.00 20.73 ? 19  LEU C CD1 1 
ATOM   1129 C CD2 . LEU C 2 8  ? 12.795  9.201   -4.826  1.00 22.78 ? 19  LEU C CD2 1 
ATOM   1130 N N   . SER C 2 9  ? 8.648   12.418  -6.192  1.00 22.61 ? 20  SER C N   1 
ATOM   1131 C CA  . SER C 2 9  ? 7.426   12.842  -6.893  1.00 23.93 ? 20  SER C CA  1 
ATOM   1132 C C   . SER C 2 9  ? 7.686   13.352  -8.304  1.00 24.37 ? 20  SER C C   1 
ATOM   1133 O O   . SER C 2 9  ? 6.882   13.125  -9.206  1.00 24.36 ? 20  SER C O   1 
ATOM   1134 C CB  . SER C 2 9  ? 6.712   13.941  -6.108  1.00 24.21 ? 20  SER C CB  1 
ATOM   1135 O OG  . SER C 2 9  ? 6.022   13.381  -5.016  1.00 26.13 ? 20  SER C OG  1 
ATOM   1136 N N   . SER C 2 10 ? 8.802   14.054  -8.484  1.00 25.40 ? 21  SER C N   1 
ATOM   1137 C CA  . SER C 2 10 ? 9.157   14.602  -9.785  1.00 26.82 ? 21  SER C CA  1 
ATOM   1138 C C   . SER C 2 10 ? 9.489   13.526  -10.815 1.00 27.48 ? 21  SER C C   1 
ATOM   1139 O O   . SER C 2 10 ? 9.394   13.760  -12.017 1.00 27.74 ? 21  SER C O   1 
ATOM   1140 C CB  . SER C 2 10 ? 10.305  15.611  -9.659  1.00 26.80 ? 21  SER C CB  1 
ATOM   1141 O OG  . SER C 2 10 ? 11.561  14.961  -9.530  1.00 29.06 ? 21  SER C OG  1 
ATOM   1142 N N   . ALA C 2 11 ? 9.885   12.348  -10.345 1.00 29.15 ? 22  ALA C N   1 
ATOM   1143 C CA  . ALA C 2 11 ? 10.171  11.222  -11.232 1.00 30.66 ? 22  ALA C CA  1 
ATOM   1144 C C   . ALA C 2 11 ? 8.924   10.707  -11.950 1.00 32.02 ? 22  ALA C C   1 
ATOM   1145 O O   . ALA C 2 11 ? 9.010   10.194  -13.072 1.00 33.30 ? 22  ALA C O   1 
ATOM   1146 C CB  . ALA C 2 11 ? 10.856  10.110  -10.461 1.00 30.69 ? 22  ALA C CB  1 
ATOM   1147 N N   . GLY C 2 12 ? 7.755   10.849  -11.321 1.00 33.08 ? 23  GLY C N   1 
ATOM   1148 C CA  . GLY C 2 12 ? 6.492   10.407  -11.932 1.00 33.60 ? 23  GLY C CA  1 
ATOM   1149 C C   . GLY C 2 12 ? 6.385   8.897   -12.096 1.00 33.83 ? 23  GLY C C   1 
ATOM   1150 O O   . GLY C 2 12 ? 7.093   8.144   -11.425 1.00 34.22 ? 23  GLY C O   1 
ATOM   1151 N N   . GLY D 2 1  ? -11.623 -19.264 3.022   1.00 41.18 ? 12  GLY D N   1 
ATOM   1152 C CA  . GLY D 2 1  ? -10.263 -18.926 3.565   1.00 41.16 ? 12  GLY D CA  1 
ATOM   1153 C C   . GLY D 2 1  ? -9.354  -18.280 2.532   1.00 41.00 ? 12  GLY D C   1 
ATOM   1154 O O   . GLY D 2 1  ? -9.227  -17.054 2.494   1.00 41.40 ? 12  GLY D O   1 
ATOM   1155 N N   . PRO D 2 2  ? -8.726  -19.097 1.664   1.00 40.73 ? 13  PRO D N   1 
ATOM   1156 C CA  . PRO D 2 2  ? -7.811  -18.534 0.654   1.00 39.71 ? 13  PRO D CA  1 
ATOM   1157 C C   . PRO D 2 2  ? -8.516  -17.641 -0.381  1.00 38.35 ? 13  PRO D C   1 
ATOM   1158 O O   . PRO D 2 2  ? -7.941  -16.641 -0.817  1.00 38.59 ? 13  PRO D O   1 
ATOM   1159 C CB  . PRO D 2 2  ? -7.198  -19.771 -0.021  1.00 40.41 ? 13  PRO D CB  1 
ATOM   1160 C CG  . PRO D 2 2  ? -7.672  -20.981 0.791   1.00 40.76 ? 13  PRO D CG  1 
ATOM   1161 C CD  . PRO D 2 2  ? -8.901  -20.553 1.522   1.00 40.86 ? 13  PRO D CD  1 
ATOM   1162 N N   . ARG D 2 3  ? -9.748  -17.985 -0.757  1.00 36.41 ? 14  ARG D N   1 
ATOM   1163 C CA  . ARG D 2 3  ? -10.516 -17.163 -1.692  1.00 33.95 ? 14  ARG D CA  1 
ATOM   1164 C C   . ARG D 2 3  ? -11.408 -16.130 -1.002  1.00 32.66 ? 14  ARG D C   1 
ATOM   1165 O O   . ARG D 2 3  ? -12.373 -15.652 -1.596  1.00 32.11 ? 14  ARG D O   1 
ATOM   1166 C CB  . ARG D 2 3  ? -11.364 -18.023 -2.633  1.00 34.07 ? 14  ARG D CB  1 
ATOM   1167 C CG  . ARG D 2 3  ? -10.570 -18.847 -3.649  1.00 34.52 ? 14  ARG D CG  1 
ATOM   1168 C CD  . ARG D 2 3  ? -10.568 -20.293 -3.238  1.00 33.47 ? 14  ARG D CD  1 
ATOM   1169 N NE  . ARG D 2 3  ? -9.375  -20.994 -3.654  1.00 35.90 ? 14  ARG D NE  1 
ATOM   1170 C CZ  . ARG D 2 3  ? -9.014  -22.187 -3.193  1.00 35.49 ? 14  ARG D CZ  1 
ATOM   1171 N NH1 . ARG D 2 3  ? -9.757  -22.824 -2.283  1.00 36.01 ? 14  ARG D NH1 1 
ATOM   1172 N NH2 . ARG D 2 3  ? -7.905  -22.741 -3.643  1.00 34.59 ? 14  ARG D NH2 1 
ATOM   1173 N N   . LEU D 2 4  ? -11.094 -15.787 0.248   1.00 31.15 ? 15  LEU D N   1 
ATOM   1174 C CA  . LEU D 2 4  ? -11.831 -14.740 0.978   1.00 29.25 ? 15  LEU D CA  1 
ATOM   1175 C C   . LEU D 2 4  ? -11.759 -13.428 0.206   1.00 28.02 ? 15  LEU D C   1 
ATOM   1176 O O   . LEU D 2 4  ? -12.737 -12.667 0.112   1.00 27.26 ? 15  LEU D O   1 
ATOM   1177 C CB  . LEU D 2 4  ? -11.246 -14.574 2.374   1.00 29.60 ? 15  LEU D CB  1 
ATOM   1178 C CG  . LEU D 2 4  ? -12.035 -13.848 3.464   1.00 30.42 ? 15  LEU D CG  1 
ATOM   1179 C CD1 . LEU D 2 4  ? -13.545 -14.066 3.359   1.00 29.12 ? 15  LEU D CD1 1 
ATOM   1180 C CD2 . LEU D 2 4  ? -11.520 -14.314 4.813   1.00 30.97 ? 15  LEU D CD2 1 
ATOM   1181 N N   . SER D 2 5  ? -10.598 -13.218 -0.410  1.00 26.41 ? 16  SER D N   1 
ATOM   1182 C CA  . SER D 2 5  ? -10.330 -12.075 -1.265  1.00 25.16 ? 16  SER D CA  1 
ATOM   1183 C C   . SER D 2 5  ? -11.397 -11.836 -2.329  1.00 23.59 ? 16  SER D C   1 
ATOM   1184 O O   . SER D 2 5  ? -11.584 -10.702 -2.776  1.00 23.73 ? 16  SER D O   1 
ATOM   1185 C CB  . SER D 2 5  ? -8.976  -12.279 -1.959  1.00 25.65 ? 16  SER D CB  1 
ATOM   1186 O OG  . SER D 2 5  ? -9.045  -13.330 -2.921  1.00 27.44 ? 16  SER D OG  1 
ATOM   1187 N N   . ARG D 2 6  ? -12.066 -12.906 -2.763  1.00 21.94 ? 17  ARG D N   1 
ATOM   1188 C CA  . ARG D 2 6  ? -13.094 -12.806 -3.803  1.00 20.35 ? 17  ARG D CA  1 
ATOM   1189 C C   . ARG D 2 6  ? -14.293 -12.049 -3.274  1.00 19.57 ? 17  ARG D C   1 
ATOM   1190 O O   . ARG D 2 6  ? -14.912 -11.246 -3.977  1.00 18.86 ? 17  ARG D O   1 
ATOM   1191 C CB  . ARG D 2 6  ? -13.530 -14.193 -4.267  1.00 20.74 ? 17  ARG D CB  1 
ATOM   1192 C CG  . ARG D 2 6  ? -12.476 -14.909 -5.070  1.00 20.28 ? 17  ARG D CG  1 
ATOM   1193 C CD  . ARG D 2 6  ? -13.082 -16.004 -5.929  1.00 18.28 ? 17  ARG D CD  1 
ATOM   1194 N NE  . ARG D 2 6  ? -12.044 -16.812 -6.569  1.00 19.06 ? 17  ARG D NE  1 
ATOM   1195 C CZ  . ARG D 2 6  ? -12.286 -17.868 -7.346  1.00 20.27 ? 17  ARG D CZ  1 
ATOM   1196 N NH1 . ARG D 2 6  ? -13.534 -18.221 -7.607  1.00 20.22 ? 17  ARG D NH1 1 
ATOM   1197 N NH2 . ARG D 2 6  ? -11.283 -18.567 -7.875  1.00 20.53 ? 17  ARG D NH2 1 
ATOM   1198 N N   . LEU D 2 7  ? -14.602 -12.316 -2.014  1.00 18.97 ? 18  LEU D N   1 
ATOM   1199 C CA  . LEU D 2 7  ? -15.643 -11.601 -1.310  1.00 19.17 ? 18  LEU D CA  1 
ATOM   1200 C C   . LEU D 2 7  ? -15.244 -10.125 -1.212  1.00 19.08 ? 18  LEU D C   1 
ATOM   1201 O O   . LEU D 2 7  ? -16.010 -9.243  -1.624  1.00 18.14 ? 18  LEU D O   1 
ATOM   1202 C CB  . LEU D 2 7  ? -15.858 -12.214 0.084   1.00 19.05 ? 18  LEU D CB  1 
ATOM   1203 C CG  . LEU D 2 7  ? -16.883 -11.562 1.005   1.00 20.42 ? 18  LEU D CG  1 
ATOM   1204 C CD1 . LEU D 2 7  ? -18.244 -11.566 0.313   1.00 20.71 ? 18  LEU D CD1 1 
ATOM   1205 C CD2 . LEU D 2 7  ? -16.946 -12.233 2.391   1.00 17.18 ? 18  LEU D CD2 1 
ATOM   1206 N N   . LEU D 2 8  ? -14.054 -9.859  -0.676  1.00 18.94 ? 19  LEU D N   1 
ATOM   1207 C CA  . LEU D 2 8  ? -13.596 -8.462  -0.513  1.00 20.22 ? 19  LEU D CA  1 
ATOM   1208 C C   . LEU D 2 8  ? -13.508 -7.675  -1.827  1.00 20.68 ? 19  LEU D C   1 
ATOM   1209 O O   . LEU D 2 8  ? -13.917 -6.521  -1.876  1.00 21.35 ? 19  LEU D O   1 
ATOM   1210 C CB  . LEU D 2 8  ? -12.285 -8.375  0.290   1.00 19.66 ? 19  LEU D CB  1 
ATOM   1211 C CG  . LEU D 2 8  ? -12.252 -9.056  1.667   1.00 20.41 ? 19  LEU D CG  1 
ATOM   1212 C CD1 . LEU D 2 8  ? -10.945 -8.799  2.390   1.00 22.21 ? 19  LEU D CD1 1 
ATOM   1213 C CD2 . LEU D 2 8  ? -13.418 -8.637  2.555   1.00 22.35 ? 19  LEU D CD2 1 
ATOM   1214 N N   . SER D 2 9  ? -13.009 -8.298  -2.893  1.00 21.63 ? 20  SER D N   1 
ATOM   1215 C CA  . SER D 2 9  ? -12.994 -7.675  -4.237  1.00 22.50 ? 20  SER D CA  1 
ATOM   1216 C C   . SER D 2 9  ? -14.349 -7.433  -4.872  1.00 23.20 ? 20  SER D C   1 
ATOM   1217 O O   . SER D 2 9  ? -14.508 -6.486  -5.655  1.00 23.41 ? 20  SER D O   1 
ATOM   1218 C CB  . SER D 2 9  ? -12.151 -8.511  -5.194  1.00 22.62 ? 20  SER D CB  1 
ATOM   1219 O OG  . SER D 2 9  ? -10.900 -8.761  -4.579  1.00 25.05 ? 20  SER D OG  1 
ATOM   1220 N N   . SER D 2 10 ? -15.331 -8.283  -4.575  1.00 24.27 ? 21  SER D N   1 
ATOM   1221 C CA  . SER D 2 10 ? -16.674 -8.071  -5.114  1.00 25.25 ? 21  SER D CA  1 
ATOM   1222 C C   . SER D 2 10 ? -17.296 -6.788  -4.545  1.00 25.97 ? 21  SER D C   1 
ATOM   1223 O O   . SER D 2 10 ? -18.131 -6.144  -5.192  1.00 25.90 ? 21  SER D O   1 
ATOM   1224 C CB  . SER D 2 10 ? -17.571 -9.290  -4.885  1.00 25.56 ? 21  SER D CB  1 
ATOM   1225 O OG  . SER D 2 10 ? -18.087 -9.322  -3.558  1.00 26.96 ? 21  SER D OG  1 
ATOM   1226 N N   . ALA D 2 11 ? -16.860 -6.388  -3.354  1.00 27.05 ? 22  ALA D N   1 
ATOM   1227 C CA  . ALA D 2 11 ? -17.360 -5.148  -2.763  1.00 28.50 ? 22  ALA D CA  1 
ATOM   1228 C C   . ALA D 2 11 ? -17.203 -3.905  -3.668  1.00 29.34 ? 22  ALA D C   1 
ATOM   1229 O O   . ALA D 2 11 ? -17.902 -2.921  -3.490  1.00 29.80 ? 22  ALA D O   1 
ATOM   1230 C CB  . ALA D 2 11 ? -16.718 -4.917  -1.410  1.00 28.39 ? 22  ALA D CB  1 
ATOM   1231 N N   . GLY D 2 12 ? -16.287 -3.943  -4.631  1.00 30.64 ? 23  GLY D N   1 
ATOM   1232 C CA  . GLY D 2 12 ? -16.061 -2.789  -5.513  1.00 30.94 ? 23  GLY D CA  1 
ATOM   1233 C C   . GLY D 2 12 ? -15.113 -1.734  -4.971  1.00 31.55 ? 23  GLY D C   1 
ATOM   1234 O O   . GLY D 2 12 ? -14.834 -1.684  -3.769  1.00 32.02 ? 23  GLY D O   1 
HETATM 1235 O O   . HOH E 3 .  ? 21.737  2.686   -4.312  1.00 28.51 ? 4   HOH A O   1 
HETATM 1236 O O   . HOH E 3 .  ? 8.776   2.516   -16.165 1.00 31.41 ? 6   HOH A O   1 
HETATM 1237 O O   . HOH E 3 .  ? -7.038  3.571   -7.598  1.00 21.61 ? 9   HOH A O   1 
HETATM 1238 O O   . HOH E 3 .  ? -1.750  2.315   -11.367 1.00 24.22 ? 15  HOH A O   1 
HETATM 1239 O O   . HOH E 3 .  ? 18.813  -8.005  -3.224  1.00 35.44 ? 16  HOH A O   1 
HETATM 1240 O O   . HOH E 3 .  ? 5.734   -3.117  0.064   1.00 25.60 ? 18  HOH A O   1 
HETATM 1241 O O   . HOH E 3 .  ? -9.667  12.039  -0.211  1.00 26.88 ? 20  HOH A O   1 
HETATM 1242 O O   . HOH E 3 .  ? 7.283   -2.497  -5.887  1.00 24.93 ? 21  HOH A O   1 
HETATM 1243 O O   . HOH E 3 .  ? 20.790  4.995   9.779   1.00 41.34 ? 24  HOH A O   1 
HETATM 1244 O O   . HOH E 3 .  ? 9.418   6.587   -15.827 1.00 26.87 ? 26  HOH A O   1 
HETATM 1245 O O   . HOH E 3 .  ? -18.809 0.669   -12.093 1.00 35.69 ? 27  HOH A O   1 
HETATM 1246 O O   . HOH E 3 .  ? -10.365 9.393   -3.396  1.00 31.88 ? 30  HOH A O   1 
HETATM 1247 O O   . HOH E 3 .  ? 22.840  0.027   -6.316  1.00 32.14 ? 32  HOH A O   1 
HETATM 1248 O O   . HOH E 3 .  ? -1.281  12.422  -0.310  1.00 34.12 ? 33  HOH A O   1 
HETATM 1249 O O   . HOH E 3 .  ? 20.463  4.818   -11.374 1.00 33.20 ? 40  HOH A O   1 
HETATM 1250 O O   . HOH E 3 .  ? 22.746  -2.525  -4.425  1.00 34.73 ? 47  HOH A O   1 
HETATM 1251 O O   . HOH E 3 .  ? 7.901   -6.022  2.635   1.00 40.26 ? 48  HOH A O   1 
HETATM 1252 O O   . HOH E 3 .  ? -16.078 0.999   -5.717  1.00 52.75 ? 50  HOH A O   1 
HETATM 1253 O O   . HOH E 3 .  ? 5.321   14.477  4.494   1.00 44.92 ? 52  HOH A O   1 
HETATM 1254 O O   . HOH E 3 .  ? -7.405  3.422   -10.184 1.00 26.64 ? 53  HOH A O   1 
HETATM 1255 O O   . HOH E 3 .  ? 23.915  8.539   -12.428 1.00 39.53 ? 127 HOH A O   1 
HETATM 1256 O O   . HOH E 3 .  ? 26.091  8.321   -9.826  1.00 28.20 ? 128 HOH A O   1 
HETATM 1257 O O   . HOH E 3 .  ? 15.860  8.447   -1.482  1.00 34.07 ? 129 HOH A O   1 
HETATM 1258 O O   . HOH E 3 .  ? -16.467 9.857   -8.258  1.00 40.72 ? 131 HOH A O   1 
HETATM 1259 O O   . HOH E 3 .  ? 9.633   10.228  -17.985 1.00 48.45 ? 132 HOH A O   1 
HETATM 1260 O O   . HOH E 3 .  ? 12.377  0.870   -19.023 1.00 61.87 ? 133 HOH A O   1 
HETATM 1261 O O   . HOH E 3 .  ? 4.550   6.915   -13.677 1.00 65.05 ? 134 HOH A O   1 
HETATM 1262 O O   . HOH F 3 .  ? -17.626 4.763   -0.326  1.00 16.34 ? 1   HOH B O   1 
HETATM 1263 O O   . HOH F 3 .  ? -16.127 -0.454  -1.545  1.00 16.85 ? 3   HOH B O   1 
HETATM 1264 O O   . HOH F 3 .  ? -5.946  -15.162 1.388   1.00 42.16 ? 7   HOH B O   1 
HETATM 1265 O O   . HOH F 3 .  ? -8.437  -5.024  -8.875  1.00 27.89 ? 8   HOH B O   1 
HETATM 1266 O O   . HOH F 3 .  ? -6.744  3.402   4.530   1.00 20.79 ? 10  HOH B O   1 
HETATM 1267 O O   . HOH F 3 .  ? -10.928 1.908   17.161  1.00 27.32 ? 13  HOH B O   1 
HETATM 1268 O O   . HOH F 3 .  ? -15.814 -6.319  13.079  1.00 29.08 ? 17  HOH B O   1 
HETATM 1269 O O   . HOH F 3 .  ? -23.590 0.462   -0.737  1.00 28.98 ? 19  HOH B O   1 
HETATM 1270 O O   . HOH F 3 .  ? -14.001 2.626   -5.699  1.00 40.33 ? 22  HOH B O   1 
HETATM 1271 O O   . HOH F 3 .  ? -18.869 1.205   -2.165  1.00 28.32 ? 25  HOH B O   1 
HETATM 1272 O O   . HOH F 3 .  ? -2.011  -18.858 13.277  1.00 34.53 ? 31  HOH B O   1 
HETATM 1273 O O   . HOH F 3 .  ? -0.323  -13.071 -1.627  1.00 35.79 ? 34  HOH B O   1 
HETATM 1274 O O   . HOH F 3 .  ? -6.899  1.396   -11.988 1.00 29.13 ? 35  HOH B O   1 
HETATM 1275 O O   . HOH F 3 .  ? 0.133   -9.890  -8.681  1.00 27.00 ? 37  HOH B O   1 
HETATM 1276 O O   . HOH F 3 .  ? -1.892  -17.755 6.010   1.00 32.86 ? 38  HOH B O   1 
HETATM 1277 O O   . HOH F 3 .  ? -17.013 -4.714  14.651  1.00 27.34 ? 39  HOH B O   1 
HETATM 1278 O O   . HOH F 3 .  ? -13.216 0.139   20.786  1.00 50.65 ? 41  HOH B O   1 
HETATM 1279 O O   . HOH F 3 .  ? 0.778   2.030   4.118   1.00 23.80 ? 42  HOH B O   1 
HETATM 1280 O O   . HOH F 3 .  ? -4.759  -5.748  -14.362 1.00 39.55 ? 43  HOH B O   1 
HETATM 1281 O O   . HOH F 3 .  ? -19.495 -7.148  13.277  1.00 32.64 ? 49  HOH B O   1 
HETATM 1282 O O   . HOH F 3 .  ? -8.003  -14.170 7.202   1.00 31.36 ? 51  HOH B O   1 
HETATM 1283 O O   . HOH F 3 .  ? -21.243 2.408   -2.046  1.00 42.68 ? 127 HOH B O   1 
HETATM 1284 O O   . HOH F 3 .  ? -9.907  5.242   1.033   1.00 27.48 ? 128 HOH B O   1 
HETATM 1285 O O   . HOH F 3 .  ? -15.431 -2.890  16.005  1.00 28.92 ? 129 HOH B O   1 
HETATM 1286 O O   . HOH F 3 .  ? 0.364   -8.137  15.439  1.00 56.33 ? 130 HOH B O   1 
HETATM 1287 O O   . HOH F 3 .  ? -19.017 -3.316  13.645  1.00 51.30 ? 131 HOH B O   1 
HETATM 1288 O O   . HOH G 3 .  ? 8.995   6.646   -12.404 1.00 20.28 ? 2   HOH C O   1 
HETATM 1289 O O   . HOH G 3 .  ? 7.672   20.186  4.444   1.00 17.55 ? 5   HOH C O   1 
HETATM 1290 O O   . HOH G 3 .  ? 15.774  16.697  3.313   1.00 29.55 ? 25  HOH C O   1 
HETATM 1291 O O   . HOH G 3 .  ? 7.828   17.226  -6.797  1.00 29.61 ? 28  HOH C O   1 
HETATM 1292 O O   . HOH G 3 .  ? 13.360  17.440  4.305   1.00 47.53 ? 29  HOH C O   1 
HETATM 1293 O O   . HOH G 3 .  ? 5.941   13.735  -11.628 1.00 46.56 ? 44  HOH C O   1 
HETATM 1294 O O   . HOH G 3 .  ? 3.605   12.395  -6.729  1.00 32.80 ? 45  HOH C O   1 
HETATM 1295 O O   . HOH G 3 .  ? 6.039   16.054  -3.493  1.00 36.64 ? 46  HOH C O   1 
HETATM 1296 O O   . HOH G 3 .  ? 6.445   11.255  -3.998  1.00 37.46 ? 65  HOH C O   1 
HETATM 1297 O O   . HOH G 3 .  ? 9.378   12.261  3.285   1.00 59.11 ? 68  HOH C O   1 
HETATM 1298 O O   . HOH G 3 .  ? 7.155   9.467   -9.120  1.00 44.78 ? 70  HOH C O   1 
HETATM 1299 O O   . HOH G 3 .  ? 15.161  10.774  3.914   1.00 46.64 ? 130 HOH C O   1 
HETATM 1300 O O   . HOH H 3 .  ? -9.195  -13.316 -5.508  1.00 29.62 ? 11  HOH D O   1 
HETATM 1301 O O   . HOH H 3 .  ? -7.398  -20.037 -4.971  1.00 13.49 ? 25  HOH D O   1 
HETATM 1302 O O   . HOH H 3 .  ? -15.722 -5.591  -8.040  1.00 42.61 ? 26  HOH D O   1 
HETATM 1303 O O   . HOH H 3 .  ? -12.620 -3.306  -5.983  1.00 70.14 ? 36  HOH D O   1 
HETATM 1304 O O   . HOH H 3 .  ? -18.137 -4.567  -7.531  1.00 42.84 ? 58  HOH D O   1 
HETATM 1305 O O   . HOH H 3 .  ? -7.691  -14.513 -0.314  1.00 42.34 ? 69  HOH D O   1 
# 
loop_
_pdbx_poly_seq_scheme.asym_id 
_pdbx_poly_seq_scheme.entity_id 
_pdbx_poly_seq_scheme.seq_id 
_pdbx_poly_seq_scheme.mon_id 
_pdbx_poly_seq_scheme.ndb_seq_num 
_pdbx_poly_seq_scheme.pdb_seq_num 
_pdbx_poly_seq_scheme.auth_seq_num 
_pdbx_poly_seq_scheme.pdb_mon_id 
_pdbx_poly_seq_scheme.auth_mon_id 
_pdbx_poly_seq_scheme.pdb_strand_id 
_pdbx_poly_seq_scheme.pdb_ins_code 
_pdbx_poly_seq_scheme.hetero 
A 1 1  GLY 1  54  54  GLY GLY A . n 
A 1 2  PRO 2  55  55  PRO PRO A . n 
A 1 3  LEU 3  56  56  LEU LEU A . n 
A 1 4  GLY 4  57  57  GLY GLY A . n 
A 1 5  SER 5  58  58  SER SER A . n 
A 1 6  ASP 6  59  59  ASP ASP A . n 
A 1 7  LEU 7  60  60  LEU LEU A . n 
A 1 8  LYS 8  61  61  LYS LYS A . n 
A 1 9  ASP 9  62  62  ASP ASP A . n 
A 1 10 ALA 10 63  63  ALA ALA A . n 
A 1 11 GLU 11 64  64  GLU GLU A . n 
A 1 12 ALA 12 65  65  ALA ALA A . n 
A 1 13 VAL 13 66  66  VAL VAL A . n 
A 1 14 GLN 14 67  67  GLN GLN A . n 
A 1 15 LYS 15 68  68  LYS LYS A . n 
A 1 16 PHE 16 69  69  PHE PHE A . n 
A 1 17 PHE 17 70  70  PHE PHE A . n 
A 1 18 LEU 18 71  71  LEU LEU A . n 
A 1 19 GLU 19 72  72  GLU GLU A . n 
A 1 20 GLU 20 73  73  GLU GLU A . n 
A 1 21 ILE 21 74  74  ILE ILE A . n 
A 1 22 GLN 22 75  75  GLN GLN A . n 
A 1 23 LEU 23 76  76  LEU LEU A . n 
A 1 24 GLY 24 77  77  GLY GLY A . n 
A 1 25 GLU 25 78  78  GLU GLU A . n 
A 1 26 GLU 26 79  79  GLU GLU A . n 
A 1 27 LEU 27 80  80  LEU LEU A . n 
A 1 28 LEU 28 81  81  LEU LEU A . n 
A 1 29 ALA 29 82  82  ALA ALA A . n 
A 1 30 GLN 30 83  83  GLN GLN A . n 
A 1 31 GLY 31 84  84  GLY GLY A . n 
A 1 32 ASP 32 85  85  ASP ASP A . n 
A 1 33 TYR 33 86  86  TYR TYR A . n 
A 1 34 GLU 34 87  87  GLU GLU A . n 
A 1 35 LYS 35 88  88  LYS LYS A . n 
A 1 36 GLY 36 89  89  GLY GLY A . n 
A 1 37 VAL 37 90  90  VAL VAL A . n 
A 1 38 ASP 38 91  91  ASP ASP A . n 
A 1 39 HIS 39 92  92  HIS HIS A . n 
A 1 40 LEU 40 93  93  LEU LEU A . n 
A 1 41 THR 41 94  94  THR THR A . n 
A 1 42 ASN 42 95  95  ASN ASN A . n 
A 1 43 ALA 43 96  96  ALA ALA A . n 
A 1 44 ILE 44 97  97  ILE ILE A . n 
A 1 45 ALA 45 98  98  ALA ALA A . n 
A 1 46 VAL 46 99  99  VAL VAL A . n 
A 1 47 CYS 47 100 100 CYS CYS A . n 
A 1 48 GLY 48 101 101 GLY GLY A . n 
A 1 49 GLN 49 102 102 GLN GLN A . n 
A 1 50 PRO 50 103 103 PRO PRO A . n 
A 1 51 GLN 51 104 104 GLN GLN A . n 
A 1 52 GLN 52 105 105 GLN GLN A . n 
A 1 53 LEU 53 106 106 LEU LEU A . n 
A 1 54 LEU 54 107 107 LEU LEU A . n 
A 1 55 GLN 55 108 108 GLN GLN A . n 
A 1 56 VAL 56 109 109 VAL VAL A . n 
A 1 57 LEU 57 110 110 LEU LEU A . n 
A 1 58 GLN 58 111 111 GLN GLN A . n 
A 1 59 GLN 59 112 112 GLN GLN A . n 
A 1 60 THR 60 113 113 THR THR A . n 
A 1 61 LEU 61 114 114 LEU LEU A . n 
A 1 62 PRO 62 115 115 PRO PRO A . n 
A 1 63 PRO 63 116 116 PRO PRO A . n 
A 1 64 PRO 64 117 117 PRO PRO A . n 
A 1 65 VAL 65 118 118 VAL VAL A . n 
A 1 66 PHE 66 119 119 PHE PHE A . n 
A 1 67 GLN 67 120 120 GLN GLN A . n 
A 1 68 MET 68 121 121 MET MET A . n 
A 1 69 LEU 69 122 122 LEU LEU A . n 
A 1 70 LEU 70 123 123 LEU LEU A . n 
A 1 71 THR 71 124 124 THR THR A . n 
A 1 72 LYS 72 125 125 LYS LYS A . n 
A 1 73 LEU 73 126 126 LEU LEU A . n 
B 1 1  GLY 1  54  ?   ?   ?   B . n 
B 1 2  PRO 2  55  ?   ?   ?   B . n 
B 1 3  LEU 3  56  ?   ?   ?   B . n 
B 1 4  GLY 4  57  ?   ?   ?   B . n 
B 1 5  SER 5  58  ?   ?   ?   B . n 
B 1 6  ASP 6  59  ?   ?   ?   B . n 
B 1 7  LEU 7  60  ?   ?   ?   B . n 
B 1 8  LYS 8  61  ?   ?   ?   B . n 
B 1 9  ASP 9  62  ?   ?   ?   B . n 
B 1 10 ALA 10 63  63  ALA ALA B . n 
B 1 11 GLU 11 64  64  GLU GLU B . n 
B 1 12 ALA 12 65  65  ALA ALA B . n 
B 1 13 VAL 13 66  66  VAL VAL B . n 
B 1 14 GLN 14 67  67  GLN GLN B . n 
B 1 15 LYS 15 68  68  LYS LYS B . n 
B 1 16 PHE 16 69  69  PHE PHE B . n 
B 1 17 PHE 17 70  70  PHE PHE B . n 
B 1 18 LEU 18 71  71  LEU LEU B . n 
B 1 19 GLU 19 72  72  GLU GLU B . n 
B 1 20 GLU 20 73  73  GLU GLU B . n 
B 1 21 ILE 21 74  74  ILE ILE B . n 
B 1 22 GLN 22 75  75  GLN GLN B . n 
B 1 23 LEU 23 76  76  LEU LEU B . n 
B 1 24 GLY 24 77  77  GLY GLY B . n 
B 1 25 GLU 25 78  78  GLU GLU B . n 
B 1 26 GLU 26 79  79  GLU GLU B . n 
B 1 27 LEU 27 80  80  LEU LEU B . n 
B 1 28 LEU 28 81  81  LEU LEU B . n 
B 1 29 ALA 29 82  82  ALA ALA B . n 
B 1 30 GLN 30 83  83  GLN GLN B . n 
B 1 31 GLY 31 84  84  GLY GLY B . n 
B 1 32 ASP 32 85  85  ASP ASP B . n 
B 1 33 TYR 33 86  86  TYR TYR B . n 
B 1 34 GLU 34 87  87  GLU GLU B . n 
B 1 35 LYS 35 88  88  LYS LYS B . n 
B 1 36 GLY 36 89  89  GLY GLY B . n 
B 1 37 VAL 37 90  90  VAL VAL B . n 
B 1 38 ASP 38 91  91  ASP ASP B . n 
B 1 39 HIS 39 92  92  HIS HIS B . n 
B 1 40 LEU 40 93  93  LEU LEU B . n 
B 1 41 THR 41 94  94  THR THR B . n 
B 1 42 ASN 42 95  95  ASN ASN B . n 
B 1 43 ALA 43 96  96  ALA ALA B . n 
B 1 44 ILE 44 97  97  ILE ILE B . n 
B 1 45 ALA 45 98  98  ALA ALA B . n 
B 1 46 VAL 46 99  99  VAL VAL B . n 
B 1 47 CYS 47 100 100 CYS CYS B . n 
B 1 48 GLY 48 101 101 GLY GLY B . n 
B 1 49 GLN 49 102 102 GLN GLN B . n 
B 1 50 PRO 50 103 103 PRO PRO B . n 
B 1 51 GLN 51 104 104 GLN GLN B . n 
B 1 52 GLN 52 105 105 GLN GLN B . n 
B 1 53 LEU 53 106 106 LEU LEU B . n 
B 1 54 LEU 54 107 107 LEU LEU B . n 
B 1 55 GLN 55 108 108 GLN GLN B . n 
B 1 56 VAL 56 109 109 VAL VAL B . n 
B 1 57 LEU 57 110 110 LEU LEU B . n 
B 1 58 GLN 58 111 111 GLN GLN B . n 
B 1 59 GLN 59 112 112 GLN GLN B . n 
B 1 60 THR 60 113 113 THR THR B . n 
B 1 61 LEU 61 114 114 LEU LEU B . n 
B 1 62 PRO 62 115 115 PRO PRO B . n 
B 1 63 PRO 63 116 116 PRO PRO B . n 
B 1 64 PRO 64 117 117 PRO PRO B . n 
B 1 65 VAL 65 118 118 VAL VAL B . n 
B 1 66 PHE 66 119 119 PHE PHE B . n 
B 1 67 GLN 67 120 120 GLN GLN B . n 
B 1 68 MET 68 121 121 MET MET B . n 
B 1 69 LEU 69 122 122 LEU LEU B . n 
B 1 70 LEU 70 123 123 LEU LEU B . n 
B 1 71 THR 71 124 124 THR THR B . n 
B 1 72 LYS 72 125 125 LYS LYS B . n 
B 1 73 LEU 73 126 126 LEU LEU B . n 
C 2 1  GLY 1  12  12  GLY GLY C . n 
C 2 2  PRO 2  13  13  PRO PRO C . n 
C 2 3  ARG 3  14  14  ARG ARG C . n 
C 2 4  LEU 4  15  15  LEU LEU C . n 
C 2 5  SER 5  16  16  SER SER C . n 
C 2 6  ARG 6  17  17  ARG ARG C . n 
C 2 7  LEU 7  18  18  LEU LEU C . n 
C 2 8  LEU 8  19  19  LEU LEU C . n 
C 2 9  SER 9  20  20  SER SER C . n 
C 2 10 SER 10 21  21  SER SER C . n 
C 2 11 ALA 11 22  22  ALA ALA C . n 
C 2 12 GLY 12 23  23  GLY GLY C . n 
C 2 13 CYS 13 24  ?   ?   ?   C . n 
D 2 1  GLY 1  12  12  GLY GLY D . n 
D 2 2  PRO 2  13  13  PRO PRO D . n 
D 2 3  ARG 3  14  14  ARG ARG D . n 
D 2 4  LEU 4  15  15  LEU LEU D . n 
D 2 5  SER 5  16  16  SER SER D . n 
D 2 6  ARG 6  17  17  ARG ARG D . n 
D 2 7  LEU 7  18  18  LEU LEU D . n 
D 2 8  LEU 8  19  19  LEU LEU D . n 
D 2 9  SER 9  20  20  SER SER D . n 
D 2 10 SER 10 21  21  SER SER D . n 
D 2 11 ALA 11 22  22  ALA ALA D . n 
D 2 12 GLY 12 23  23  GLY GLY D . n 
D 2 13 CYS 13 24  ?   ?   ?   D . n 
# 
loop_
_pdbx_nonpoly_scheme.asym_id 
_pdbx_nonpoly_scheme.entity_id 
_pdbx_nonpoly_scheme.mon_id 
_pdbx_nonpoly_scheme.ndb_seq_num 
_pdbx_nonpoly_scheme.pdb_seq_num 
_pdbx_nonpoly_scheme.auth_seq_num 
_pdbx_nonpoly_scheme.pdb_mon_id 
_pdbx_nonpoly_scheme.auth_mon_id 
_pdbx_nonpoly_scheme.pdb_strand_id 
_pdbx_nonpoly_scheme.pdb_ins_code 
E 3 HOH 1  4   4   HOH HOH A . 
E 3 HOH 2  6   6   HOH HOH A . 
E 3 HOH 3  9   9   HOH HOH A . 
E 3 HOH 4  15  15  HOH HOH A . 
E 3 HOH 5  16  16  HOH HOH A . 
E 3 HOH 6  18  18  HOH HOH A . 
E 3 HOH 7  20  20  HOH HOH A . 
E 3 HOH 8  21  21  HOH HOH A . 
E 3 HOH 9  24  24  HOH HOH A . 
E 3 HOH 10 26  26  HOH HOH A . 
E 3 HOH 11 27  27  HOH HOH A . 
E 3 HOH 12 30  30  HOH HOH A . 
E 3 HOH 13 32  32  HOH HOH A . 
E 3 HOH 14 33  33  HOH HOH A . 
E 3 HOH 15 40  40  HOH HOH A . 
E 3 HOH 16 47  47  HOH HOH A . 
E 3 HOH 17 48  48  HOH HOH A . 
E 3 HOH 18 50  50  HOH HOH A . 
E 3 HOH 19 52  52  HOH HOH A . 
E 3 HOH 20 53  53  HOH HOH A . 
E 3 HOH 21 127 127 HOH HOH A . 
E 3 HOH 22 128 128 HOH HOH A . 
E 3 HOH 23 129 129 HOH HOH A . 
E 3 HOH 24 131 131 HOH HOH A . 
E 3 HOH 25 132 132 HOH HOH A . 
E 3 HOH 26 133 133 HOH HOH A . 
E 3 HOH 27 134 66  HOH HOH A . 
F 3 HOH 1  1   1   HOH HOH B . 
F 3 HOH 2  3   3   HOH HOH B . 
F 3 HOH 3  7   7   HOH HOH B . 
F 3 HOH 4  8   8   HOH HOH B . 
F 3 HOH 5  10  10  HOH HOH B . 
F 3 HOH 6  13  13  HOH HOH B . 
F 3 HOH 7  17  17  HOH HOH B . 
F 3 HOH 8  19  19  HOH HOH B . 
F 3 HOH 9  22  22  HOH HOH B . 
F 3 HOH 10 25  25  HOH HOH B . 
F 3 HOH 11 31  31  HOH HOH B . 
F 3 HOH 12 34  34  HOH HOH B . 
F 3 HOH 13 35  35  HOH HOH B . 
F 3 HOH 14 37  37  HOH HOH B . 
F 3 HOH 15 38  38  HOH HOH B . 
F 3 HOH 16 39  39  HOH HOH B . 
F 3 HOH 17 41  41  HOH HOH B . 
F 3 HOH 18 42  42  HOH HOH B . 
F 3 HOH 19 43  43  HOH HOH B . 
F 3 HOH 20 49  49  HOH HOH B . 
F 3 HOH 21 51  51  HOH HOH B . 
F 3 HOH 22 127 127 HOH HOH B . 
F 3 HOH 23 128 128 HOH HOH B . 
F 3 HOH 24 129 129 HOH HOH B . 
F 3 HOH 25 130 130 HOH HOH B . 
F 3 HOH 26 131 131 HOH HOH B . 
G 3 HOH 1  2   2   HOH HOH C . 
G 3 HOH 2  5   5   HOH HOH C . 
G 3 HOH 3  25  25  HOH HOH C . 
G 3 HOH 4  28  28  HOH HOH C . 
G 3 HOH 5  29  29  HOH HOH C . 
G 3 HOH 6  44  44  HOH HOH C . 
G 3 HOH 7  45  45  HOH HOH C . 
G 3 HOH 8  46  46  HOH HOH C . 
G 3 HOH 9  65  65  HOH HOH C . 
G 3 HOH 10 68  68  HOH HOH C . 
G 3 HOH 11 70  70  HOH HOH C . 
G 3 HOH 12 130 130 HOH HOH C . 
H 3 HOH 1  11  11  HOH HOH D . 
H 3 HOH 2  25  25  HOH HOH D . 
H 3 HOH 3  26  26  HOH HOH D . 
H 3 HOH 4  36  36  HOH HOH D . 
H 3 HOH 5  58  58  HOH HOH D . 
H 3 HOH 6  69  69  HOH HOH D . 
# 
loop_
_pdbx_struct_assembly.id 
_pdbx_struct_assembly.details 
_pdbx_struct_assembly.method_details 
_pdbx_struct_assembly.oligomeric_details 
_pdbx_struct_assembly.oligomeric_count 
1 author_and_software_defined_assembly PISA dimeric 2 
2 author_and_software_defined_assembly PISA dimeric 2 
# 
loop_
_pdbx_struct_assembly_gen.assembly_id 
_pdbx_struct_assembly_gen.oper_expression 
_pdbx_struct_assembly_gen.asym_id_list 
1 1 A,C,E,G 
2 1 B,D,F,H 
# 
loop_
_pdbx_struct_assembly_prop.biol_id 
_pdbx_struct_assembly_prop.type 
_pdbx_struct_assembly_prop.value 
_pdbx_struct_assembly_prop.details 
1 'ABSA (A^2)' 930  ? 
1 MORE         -9   ? 
1 'SSA (A^2)'  5550 ? 
2 'ABSA (A^2)' 780  ? 
2 MORE         -8   ? 
2 'SSA (A^2)'  4920 ? 
# 
_pdbx_struct_oper_list.id                   1 
_pdbx_struct_oper_list.type                 'identity operation' 
_pdbx_struct_oper_list.name                 1_555 
_pdbx_struct_oper_list.symmetry_operation   x,y,z 
_pdbx_struct_oper_list.matrix[1][1]         1.0000000000 
_pdbx_struct_oper_list.matrix[1][2]         0.0000000000 
_pdbx_struct_oper_list.matrix[1][3]         0.0000000000 
_pdbx_struct_oper_list.vector[1]            0.0000000000 
_pdbx_struct_oper_list.matrix[2][1]         0.0000000000 
_pdbx_struct_oper_list.matrix[2][2]         1.0000000000 
_pdbx_struct_oper_list.matrix[2][3]         0.0000000000 
_pdbx_struct_oper_list.vector[2]            0.0000000000 
_pdbx_struct_oper_list.matrix[3][1]         0.0000000000 
_pdbx_struct_oper_list.matrix[3][2]         0.0000000000 
_pdbx_struct_oper_list.matrix[3][3]         1.0000000000 
_pdbx_struct_oper_list.vector[3]            0.0000000000 
# 
loop_
_pdbx_audit_revision_history.ordinal 
_pdbx_audit_revision_history.data_content_type 
_pdbx_audit_revision_history.major_revision 
_pdbx_audit_revision_history.minor_revision 
_pdbx_audit_revision_history.revision_date 
1 'Structure model' 1 0 2011-07-06 
2 'Structure model' 1 1 2011-07-13 
3 'Structure model' 1 2 2017-10-11 
4 'Structure model' 1 3 2023-11-01 
# 
_pdbx_audit_revision_details.ordinal             1 
_pdbx_audit_revision_details.revision_ordinal    1 
_pdbx_audit_revision_details.data_content_type   'Structure model' 
_pdbx_audit_revision_details.provider            repository 
_pdbx_audit_revision_details.type                'Initial release' 
_pdbx_audit_revision_details.description         ? 
_pdbx_audit_revision_details.details             ? 
# 
loop_
_pdbx_audit_revision_group.ordinal 
_pdbx_audit_revision_group.revision_ordinal 
_pdbx_audit_revision_group.data_content_type 
_pdbx_audit_revision_group.group 
1 2 'Structure model' 'Version format compliance' 
2 3 'Structure model' 'Refinement description'    
3 4 'Structure model' 'Data collection'           
4 4 'Structure model' 'Database references'       
5 4 'Structure model' 'Refinement description'    
# 
loop_
_pdbx_audit_revision_category.ordinal 
_pdbx_audit_revision_category.revision_ordinal 
_pdbx_audit_revision_category.data_content_type 
_pdbx_audit_revision_category.category 
1 3 'Structure model' software                      
2 4 'Structure model' chem_comp_atom                
3 4 'Structure model' chem_comp_bond                
4 4 'Structure model' database_2                    
5 4 'Structure model' pdbx_initial_refinement_model 
6 4 'Structure model' struct_ref_seq_dif            
# 
loop_
_pdbx_audit_revision_item.ordinal 
_pdbx_audit_revision_item.revision_ordinal 
_pdbx_audit_revision_item.data_content_type 
_pdbx_audit_revision_item.item 
1 4 'Structure model' '_database_2.pdbx_DOI'                
2 4 'Structure model' '_database_2.pdbx_database_accession' 
3 4 'Structure model' '_struct_ref_seq_dif.details'         
# 
loop_
_software.pdbx_ordinal 
_software.name 
_software.version 
_software.date 
_software.type 
_software.contact_author 
_software.contact_author_email 
_software.classification 
_software.location 
_software.language 
_software.citation_id 
1 DENZO       .        ?               package 'Zbyszek Otwinowski' hkl@hkl-xray.com         'data reduction'  
http://www.hkl-xray.com/                     ?          ? 
2 SCALEPACK   .        ?               package 'Zbyszek Otwinowski' hkl@hkl-xray.com         'data scaling'    
http://www.hkl-xray.com/                     ?          ? 
3 REFMAC      5.2.0019 ?               program 'Garib N. Murshudov' garib@ysbl.york.ac.uk    refinement        
http://www.ccp4.ac.uk/dist/html/refmac5.html Fortran_77 ? 
4 PDB_EXTRACT 3.10     'June 10, 2010' package PDB                  deposit@deposit.rcsb.org 'data extraction' 
http://sw-tools.pdb.org/apps/PDB_EXTRACT/    C++        ? 
5 HKL-2000    .        ?               ?       ?                    ?                        'data collection' ? ?          ? 
6 HKL-2000    .        ?               ?       ?                    ?                        'data reduction'  ? ?          ? 
7 HKL-2000    .        ?               ?       ?                    ?                        'data scaling'    ? ?          ? 
8 PHASER      MR       ?               ?       ?                    ?                        phasing           ? ?          ? 
# 
loop_
_pdbx_unobs_or_zero_occ_residues.id 
_pdbx_unobs_or_zero_occ_residues.PDB_model_num 
_pdbx_unobs_or_zero_occ_residues.polymer_flag 
_pdbx_unobs_or_zero_occ_residues.occupancy_flag 
_pdbx_unobs_or_zero_occ_residues.auth_asym_id 
_pdbx_unobs_or_zero_occ_residues.auth_comp_id 
_pdbx_unobs_or_zero_occ_residues.auth_seq_id 
_pdbx_unobs_or_zero_occ_residues.PDB_ins_code 
_pdbx_unobs_or_zero_occ_residues.label_asym_id 
_pdbx_unobs_or_zero_occ_residues.label_comp_id 
_pdbx_unobs_or_zero_occ_residues.label_seq_id 
1  1 Y 1 B GLY 54 ? B GLY 1  
2  1 Y 1 B PRO 55 ? B PRO 2  
3  1 Y 1 B LEU 56 ? B LEU 3  
4  1 Y 1 B GLY 57 ? B GLY 4  
5  1 Y 1 B SER 58 ? B SER 5  
6  1 Y 1 B ASP 59 ? B ASP 6  
7  1 Y 1 B LEU 60 ? B LEU 7  
8  1 Y 1 B LYS 61 ? B LYS 8  
9  1 Y 1 B ASP 62 ? B ASP 9  
10 1 Y 1 C CYS 24 ? C CYS 13 
11 1 Y 1 D CYS 24 ? D CYS 13 
# 
loop_
_chem_comp_atom.comp_id 
_chem_comp_atom.atom_id 
_chem_comp_atom.type_symbol 
_chem_comp_atom.pdbx_aromatic_flag 
_chem_comp_atom.pdbx_stereo_config 
_chem_comp_atom.pdbx_ordinal 
ALA N    N N N 1   
ALA CA   C N S 2   
ALA C    C N N 3   
ALA O    O N N 4   
ALA CB   C N N 5   
ALA OXT  O N N 6   
ALA H    H N N 7   
ALA H2   H N N 8   
ALA HA   H N N 9   
ALA HB1  H N N 10  
ALA HB2  H N N 11  
ALA HB3  H N N 12  
ALA HXT  H N N 13  
ARG N    N N N 14  
ARG CA   C N S 15  
ARG C    C N N 16  
ARG O    O N N 17  
ARG CB   C N N 18  
ARG CG   C N N 19  
ARG CD   C N N 20  
ARG NE   N N N 21  
ARG CZ   C N N 22  
ARG NH1  N N N 23  
ARG NH2  N N N 24  
ARG OXT  O N N 25  
ARG H    H N N 26  
ARG H2   H N N 27  
ARG HA   H N N 28  
ARG HB2  H N N 29  
ARG HB3  H N N 30  
ARG HG2  H N N 31  
ARG HG3  H N N 32  
ARG HD2  H N N 33  
ARG HD3  H N N 34  
ARG HE   H N N 35  
ARG HH11 H N N 36  
ARG HH12 H N N 37  
ARG HH21 H N N 38  
ARG HH22 H N N 39  
ARG HXT  H N N 40  
ASN N    N N N 41  
ASN CA   C N S 42  
ASN C    C N N 43  
ASN O    O N N 44  
ASN CB   C N N 45  
ASN CG   C N N 46  
ASN OD1  O N N 47  
ASN ND2  N N N 48  
ASN OXT  O N N 49  
ASN H    H N N 50  
ASN H2   H N N 51  
ASN HA   H N N 52  
ASN HB2  H N N 53  
ASN HB3  H N N 54  
ASN HD21 H N N 55  
ASN HD22 H N N 56  
ASN HXT  H N N 57  
ASP N    N N N 58  
ASP CA   C N S 59  
ASP C    C N N 60  
ASP O    O N N 61  
ASP CB   C N N 62  
ASP CG   C N N 63  
ASP OD1  O N N 64  
ASP OD2  O N N 65  
ASP OXT  O N N 66  
ASP H    H N N 67  
ASP H2   H N N 68  
ASP HA   H N N 69  
ASP HB2  H N N 70  
ASP HB3  H N N 71  
ASP HD2  H N N 72  
ASP HXT  H N N 73  
CYS N    N N N 74  
CYS CA   C N R 75  
CYS C    C N N 76  
CYS O    O N N 77  
CYS CB   C N N 78  
CYS SG   S N N 79  
CYS OXT  O N N 80  
CYS H    H N N 81  
CYS H2   H N N 82  
CYS HA   H N N 83  
CYS HB2  H N N 84  
CYS HB3  H N N 85  
CYS HG   H N N 86  
CYS HXT  H N N 87  
GLN N    N N N 88  
GLN CA   C N S 89  
GLN C    C N N 90  
GLN O    O N N 91  
GLN CB   C N N 92  
GLN CG   C N N 93  
GLN CD   C N N 94  
GLN OE1  O N N 95  
GLN NE2  N N N 96  
GLN OXT  O N N 97  
GLN H    H N N 98  
GLN H2   H N N 99  
GLN HA   H N N 100 
GLN HB2  H N N 101 
GLN HB3  H N N 102 
GLN HG2  H N N 103 
GLN HG3  H N N 104 
GLN HE21 H N N 105 
GLN HE22 H N N 106 
GLN HXT  H N N 107 
GLU N    N N N 108 
GLU CA   C N S 109 
GLU C    C N N 110 
GLU O    O N N 111 
GLU CB   C N N 112 
GLU CG   C N N 113 
GLU CD   C N N 114 
GLU OE1  O N N 115 
GLU OE2  O N N 116 
GLU OXT  O N N 117 
GLU H    H N N 118 
GLU H2   H N N 119 
GLU HA   H N N 120 
GLU HB2  H N N 121 
GLU HB3  H N N 122 
GLU HG2  H N N 123 
GLU HG3  H N N 124 
GLU HE2  H N N 125 
GLU HXT  H N N 126 
GLY N    N N N 127 
GLY CA   C N N 128 
GLY C    C N N 129 
GLY O    O N N 130 
GLY OXT  O N N 131 
GLY H    H N N 132 
GLY H2   H N N 133 
GLY HA2  H N N 134 
GLY HA3  H N N 135 
GLY HXT  H N N 136 
HIS N    N N N 137 
HIS CA   C N S 138 
HIS C    C N N 139 
HIS O    O N N 140 
HIS CB   C N N 141 
HIS CG   C Y N 142 
HIS ND1  N Y N 143 
HIS CD2  C Y N 144 
HIS CE1  C Y N 145 
HIS NE2  N Y N 146 
HIS OXT  O N N 147 
HIS H    H N N 148 
HIS H2   H N N 149 
HIS HA   H N N 150 
HIS HB2  H N N 151 
HIS HB3  H N N 152 
HIS HD1  H N N 153 
HIS HD2  H N N 154 
HIS HE1  H N N 155 
HIS HE2  H N N 156 
HIS HXT  H N N 157 
HOH O    O N N 158 
HOH H1   H N N 159 
HOH H2   H N N 160 
ILE N    N N N 161 
ILE CA   C N S 162 
ILE C    C N N 163 
ILE O    O N N 164 
ILE CB   C N S 165 
ILE CG1  C N N 166 
ILE CG2  C N N 167 
ILE CD1  C N N 168 
ILE OXT  O N N 169 
ILE H    H N N 170 
ILE H2   H N N 171 
ILE HA   H N N 172 
ILE HB   H N N 173 
ILE HG12 H N N 174 
ILE HG13 H N N 175 
ILE HG21 H N N 176 
ILE HG22 H N N 177 
ILE HG23 H N N 178 
ILE HD11 H N N 179 
ILE HD12 H N N 180 
ILE HD13 H N N 181 
ILE HXT  H N N 182 
LEU N    N N N 183 
LEU CA   C N S 184 
LEU C    C N N 185 
LEU O    O N N 186 
LEU CB   C N N 187 
LEU CG   C N N 188 
LEU CD1  C N N 189 
LEU CD2  C N N 190 
LEU OXT  O N N 191 
LEU H    H N N 192 
LEU H2   H N N 193 
LEU HA   H N N 194 
LEU HB2  H N N 195 
LEU HB3  H N N 196 
LEU HG   H N N 197 
LEU HD11 H N N 198 
LEU HD12 H N N 199 
LEU HD13 H N N 200 
LEU HD21 H N N 201 
LEU HD22 H N N 202 
LEU HD23 H N N 203 
LEU HXT  H N N 204 
LYS N    N N N 205 
LYS CA   C N S 206 
LYS C    C N N 207 
LYS O    O N N 208 
LYS CB   C N N 209 
LYS CG   C N N 210 
LYS CD   C N N 211 
LYS CE   C N N 212 
LYS NZ   N N N 213 
LYS OXT  O N N 214 
LYS H    H N N 215 
LYS H2   H N N 216 
LYS HA   H N N 217 
LYS HB2  H N N 218 
LYS HB3  H N N 219 
LYS HG2  H N N 220 
LYS HG3  H N N 221 
LYS HD2  H N N 222 
LYS HD3  H N N 223 
LYS HE2  H N N 224 
LYS HE3  H N N 225 
LYS HZ1  H N N 226 
LYS HZ2  H N N 227 
LYS HZ3  H N N 228 
LYS HXT  H N N 229 
MET N    N N N 230 
MET CA   C N S 231 
MET C    C N N 232 
MET O    O N N 233 
MET CB   C N N 234 
MET CG   C N N 235 
MET SD   S N N 236 
MET CE   C N N 237 
MET OXT  O N N 238 
MET H    H N N 239 
MET H2   H N N 240 
MET HA   H N N 241 
MET HB2  H N N 242 
MET HB3  H N N 243 
MET HG2  H N N 244 
MET HG3  H N N 245 
MET HE1  H N N 246 
MET HE2  H N N 247 
MET HE3  H N N 248 
MET HXT  H N N 249 
PHE N    N N N 250 
PHE CA   C N S 251 
PHE C    C N N 252 
PHE O    O N N 253 
PHE CB   C N N 254 
PHE CG   C Y N 255 
PHE CD1  C Y N 256 
PHE CD2  C Y N 257 
PHE CE1  C Y N 258 
PHE CE2  C Y N 259 
PHE CZ   C Y N 260 
PHE OXT  O N N 261 
PHE H    H N N 262 
PHE H2   H N N 263 
PHE HA   H N N 264 
PHE HB2  H N N 265 
PHE HB3  H N N 266 
PHE HD1  H N N 267 
PHE HD2  H N N 268 
PHE HE1  H N N 269 
PHE HE2  H N N 270 
PHE HZ   H N N 271 
PHE HXT  H N N 272 
PRO N    N N N 273 
PRO CA   C N S 274 
PRO C    C N N 275 
PRO O    O N N 276 
PRO CB   C N N 277 
PRO CG   C N N 278 
PRO CD   C N N 279 
PRO OXT  O N N 280 
PRO H    H N N 281 
PRO HA   H N N 282 
PRO HB2  H N N 283 
PRO HB3  H N N 284 
PRO HG2  H N N 285 
PRO HG3  H N N 286 
PRO HD2  H N N 287 
PRO HD3  H N N 288 
PRO HXT  H N N 289 
SER N    N N N 290 
SER CA   C N S 291 
SER C    C N N 292 
SER O    O N N 293 
SER CB   C N N 294 
SER OG   O N N 295 
SER OXT  O N N 296 
SER H    H N N 297 
SER H2   H N N 298 
SER HA   H N N 299 
SER HB2  H N N 300 
SER HB3  H N N 301 
SER HG   H N N 302 
SER HXT  H N N 303 
THR N    N N N 304 
THR CA   C N S 305 
THR C    C N N 306 
THR O    O N N 307 
THR CB   C N R 308 
THR OG1  O N N 309 
THR CG2  C N N 310 
THR OXT  O N N 311 
THR H    H N N 312 
THR H2   H N N 313 
THR HA   H N N 314 
THR HB   H N N 315 
THR HG1  H N N 316 
THR HG21 H N N 317 
THR HG22 H N N 318 
THR HG23 H N N 319 
THR HXT  H N N 320 
TYR N    N N N 321 
TYR CA   C N S 322 
TYR C    C N N 323 
TYR O    O N N 324 
TYR CB   C N N 325 
TYR CG   C Y N 326 
TYR CD1  C Y N 327 
TYR CD2  C Y N 328 
TYR CE1  C Y N 329 
TYR CE2  C Y N 330 
TYR CZ   C Y N 331 
TYR OH   O N N 332 
TYR OXT  O N N 333 
TYR H    H N N 334 
TYR H2   H N N 335 
TYR HA   H N N 336 
TYR HB2  H N N 337 
TYR HB3  H N N 338 
TYR HD1  H N N 339 
TYR HD2  H N N 340 
TYR HE1  H N N 341 
TYR HE2  H N N 342 
TYR HH   H N N 343 
TYR HXT  H N N 344 
VAL N    N N N 345 
VAL CA   C N S 346 
VAL C    C N N 347 
VAL O    O N N 348 
VAL CB   C N N 349 
VAL CG1  C N N 350 
VAL CG2  C N N 351 
VAL OXT  O N N 352 
VAL H    H N N 353 
VAL H2   H N N 354 
VAL HA   H N N 355 
VAL HB   H N N 356 
VAL HG11 H N N 357 
VAL HG12 H N N 358 
VAL HG13 H N N 359 
VAL HG21 H N N 360 
VAL HG22 H N N 361 
VAL HG23 H N N 362 
VAL HXT  H N N 363 
# 
loop_
_chem_comp_bond.comp_id 
_chem_comp_bond.atom_id_1 
_chem_comp_bond.atom_id_2 
_chem_comp_bond.value_order 
_chem_comp_bond.pdbx_aromatic_flag 
_chem_comp_bond.pdbx_stereo_config 
_chem_comp_bond.pdbx_ordinal 
ALA N   CA   sing N N 1   
ALA N   H    sing N N 2   
ALA N   H2   sing N N 3   
ALA CA  C    sing N N 4   
ALA CA  CB   sing N N 5   
ALA CA  HA   sing N N 6   
ALA C   O    doub N N 7   
ALA C   OXT  sing N N 8   
ALA CB  HB1  sing N N 9   
ALA CB  HB2  sing N N 10  
ALA CB  HB3  sing N N 11  
ALA OXT HXT  sing N N 12  
ARG N   CA   sing N N 13  
ARG N   H    sing N N 14  
ARG N   H2   sing N N 15  
ARG CA  C    sing N N 16  
ARG CA  CB   sing N N 17  
ARG CA  HA   sing N N 18  
ARG C   O    doub N N 19  
ARG C   OXT  sing N N 20  
ARG CB  CG   sing N N 21  
ARG CB  HB2  sing N N 22  
ARG CB  HB3  sing N N 23  
ARG CG  CD   sing N N 24  
ARG CG  HG2  sing N N 25  
ARG CG  HG3  sing N N 26  
ARG CD  NE   sing N N 27  
ARG CD  HD2  sing N N 28  
ARG CD  HD3  sing N N 29  
ARG NE  CZ   sing N N 30  
ARG NE  HE   sing N N 31  
ARG CZ  NH1  sing N N 32  
ARG CZ  NH2  doub N N 33  
ARG NH1 HH11 sing N N 34  
ARG NH1 HH12 sing N N 35  
ARG NH2 HH21 sing N N 36  
ARG NH2 HH22 sing N N 37  
ARG OXT HXT  sing N N 38  
ASN N   CA   sing N N 39  
ASN N   H    sing N N 40  
ASN N   H2   sing N N 41  
ASN CA  C    sing N N 42  
ASN CA  CB   sing N N 43  
ASN CA  HA   sing N N 44  
ASN C   O    doub N N 45  
ASN C   OXT  sing N N 46  
ASN CB  CG   sing N N 47  
ASN CB  HB2  sing N N 48  
ASN CB  HB3  sing N N 49  
ASN CG  OD1  doub N N 50  
ASN CG  ND2  sing N N 51  
ASN ND2 HD21 sing N N 52  
ASN ND2 HD22 sing N N 53  
ASN OXT HXT  sing N N 54  
ASP N   CA   sing N N 55  
ASP N   H    sing N N 56  
ASP N   H2   sing N N 57  
ASP CA  C    sing N N 58  
ASP CA  CB   sing N N 59  
ASP CA  HA   sing N N 60  
ASP C   O    doub N N 61  
ASP C   OXT  sing N N 62  
ASP CB  CG   sing N N 63  
ASP CB  HB2  sing N N 64  
ASP CB  HB3  sing N N 65  
ASP CG  OD1  doub N N 66  
ASP CG  OD2  sing N N 67  
ASP OD2 HD2  sing N N 68  
ASP OXT HXT  sing N N 69  
CYS N   CA   sing N N 70  
CYS N   H    sing N N 71  
CYS N   H2   sing N N 72  
CYS CA  C    sing N N 73  
CYS CA  CB   sing N N 74  
CYS CA  HA   sing N N 75  
CYS C   O    doub N N 76  
CYS C   OXT  sing N N 77  
CYS CB  SG   sing N N 78  
CYS CB  HB2  sing N N 79  
CYS CB  HB3  sing N N 80  
CYS SG  HG   sing N N 81  
CYS OXT HXT  sing N N 82  
GLN N   CA   sing N N 83  
GLN N   H    sing N N 84  
GLN N   H2   sing N N 85  
GLN CA  C    sing N N 86  
GLN CA  CB   sing N N 87  
GLN CA  HA   sing N N 88  
GLN C   O    doub N N 89  
GLN C   OXT  sing N N 90  
GLN CB  CG   sing N N 91  
GLN CB  HB2  sing N N 92  
GLN CB  HB3  sing N N 93  
GLN CG  CD   sing N N 94  
GLN CG  HG2  sing N N 95  
GLN CG  HG3  sing N N 96  
GLN CD  OE1  doub N N 97  
GLN CD  NE2  sing N N 98  
GLN NE2 HE21 sing N N 99  
GLN NE2 HE22 sing N N 100 
GLN OXT HXT  sing N N 101 
GLU N   CA   sing N N 102 
GLU N   H    sing N N 103 
GLU N   H2   sing N N 104 
GLU CA  C    sing N N 105 
GLU CA  CB   sing N N 106 
GLU CA  HA   sing N N 107 
GLU C   O    doub N N 108 
GLU C   OXT  sing N N 109 
GLU CB  CG   sing N N 110 
GLU CB  HB2  sing N N 111 
GLU CB  HB3  sing N N 112 
GLU CG  CD   sing N N 113 
GLU CG  HG2  sing N N 114 
GLU CG  HG3  sing N N 115 
GLU CD  OE1  doub N N 116 
GLU CD  OE2  sing N N 117 
GLU OE2 HE2  sing N N 118 
GLU OXT HXT  sing N N 119 
GLY N   CA   sing N N 120 
GLY N   H    sing N N 121 
GLY N   H2   sing N N 122 
GLY CA  C    sing N N 123 
GLY CA  HA2  sing N N 124 
GLY CA  HA3  sing N N 125 
GLY C   O    doub N N 126 
GLY C   OXT  sing N N 127 
GLY OXT HXT  sing N N 128 
HIS N   CA   sing N N 129 
HIS N   H    sing N N 130 
HIS N   H2   sing N N 131 
HIS CA  C    sing N N 132 
HIS CA  CB   sing N N 133 
HIS CA  HA   sing N N 134 
HIS C   O    doub N N 135 
HIS C   OXT  sing N N 136 
HIS CB  CG   sing N N 137 
HIS CB  HB2  sing N N 138 
HIS CB  HB3  sing N N 139 
HIS CG  ND1  sing Y N 140 
HIS CG  CD2  doub Y N 141 
HIS ND1 CE1  doub Y N 142 
HIS ND1 HD1  sing N N 143 
HIS CD2 NE2  sing Y N 144 
HIS CD2 HD2  sing N N 145 
HIS CE1 NE2  sing Y N 146 
HIS CE1 HE1  sing N N 147 
HIS NE2 HE2  sing N N 148 
HIS OXT HXT  sing N N 149 
HOH O   H1   sing N N 150 
HOH O   H2   sing N N 151 
ILE N   CA   sing N N 152 
ILE N   H    sing N N 153 
ILE N   H2   sing N N 154 
ILE CA  C    sing N N 155 
ILE CA  CB   sing N N 156 
ILE CA  HA   sing N N 157 
ILE C   O    doub N N 158 
ILE C   OXT  sing N N 159 
ILE CB  CG1  sing N N 160 
ILE CB  CG2  sing N N 161 
ILE CB  HB   sing N N 162 
ILE CG1 CD1  sing N N 163 
ILE CG1 HG12 sing N N 164 
ILE CG1 HG13 sing N N 165 
ILE CG2 HG21 sing N N 166 
ILE CG2 HG22 sing N N 167 
ILE CG2 HG23 sing N N 168 
ILE CD1 HD11 sing N N 169 
ILE CD1 HD12 sing N N 170 
ILE CD1 HD13 sing N N 171 
ILE OXT HXT  sing N N 172 
LEU N   CA   sing N N 173 
LEU N   H    sing N N 174 
LEU N   H2   sing N N 175 
LEU CA  C    sing N N 176 
LEU CA  CB   sing N N 177 
LEU CA  HA   sing N N 178 
LEU C   O    doub N N 179 
LEU C   OXT  sing N N 180 
LEU CB  CG   sing N N 181 
LEU CB  HB2  sing N N 182 
LEU CB  HB3  sing N N 183 
LEU CG  CD1  sing N N 184 
LEU CG  CD2  sing N N 185 
LEU CG  HG   sing N N 186 
LEU CD1 HD11 sing N N 187 
LEU CD1 HD12 sing N N 188 
LEU CD1 HD13 sing N N 189 
LEU CD2 HD21 sing N N 190 
LEU CD2 HD22 sing N N 191 
LEU CD2 HD23 sing N N 192 
LEU OXT HXT  sing N N 193 
LYS N   CA   sing N N 194 
LYS N   H    sing N N 195 
LYS N   H2   sing N N 196 
LYS CA  C    sing N N 197 
LYS CA  CB   sing N N 198 
LYS CA  HA   sing N N 199 
LYS C   O    doub N N 200 
LYS C   OXT  sing N N 201 
LYS CB  CG   sing N N 202 
LYS CB  HB2  sing N N 203 
LYS CB  HB3  sing N N 204 
LYS CG  CD   sing N N 205 
LYS CG  HG2  sing N N 206 
LYS CG  HG3  sing N N 207 
LYS CD  CE   sing N N 208 
LYS CD  HD2  sing N N 209 
LYS CD  HD3  sing N N 210 
LYS CE  NZ   sing N N 211 
LYS CE  HE2  sing N N 212 
LYS CE  HE3  sing N N 213 
LYS NZ  HZ1  sing N N 214 
LYS NZ  HZ2  sing N N 215 
LYS NZ  HZ3  sing N N 216 
LYS OXT HXT  sing N N 217 
MET N   CA   sing N N 218 
MET N   H    sing N N 219 
MET N   H2   sing N N 220 
MET CA  C    sing N N 221 
MET CA  CB   sing N N 222 
MET CA  HA   sing N N 223 
MET C   O    doub N N 224 
MET C   OXT  sing N N 225 
MET CB  CG   sing N N 226 
MET CB  HB2  sing N N 227 
MET CB  HB3  sing N N 228 
MET CG  SD   sing N N 229 
MET CG  HG2  sing N N 230 
MET CG  HG3  sing N N 231 
MET SD  CE   sing N N 232 
MET CE  HE1  sing N N 233 
MET CE  HE2  sing N N 234 
MET CE  HE3  sing N N 235 
MET OXT HXT  sing N N 236 
PHE N   CA   sing N N 237 
PHE N   H    sing N N 238 
PHE N   H2   sing N N 239 
PHE CA  C    sing N N 240 
PHE CA  CB   sing N N 241 
PHE CA  HA   sing N N 242 
PHE C   O    doub N N 243 
PHE C   OXT  sing N N 244 
PHE CB  CG   sing N N 245 
PHE CB  HB2  sing N N 246 
PHE CB  HB3  sing N N 247 
PHE CG  CD1  doub Y N 248 
PHE CG  CD2  sing Y N 249 
PHE CD1 CE1  sing Y N 250 
PHE CD1 HD1  sing N N 251 
PHE CD2 CE2  doub Y N 252 
PHE CD2 HD2  sing N N 253 
PHE CE1 CZ   doub Y N 254 
PHE CE1 HE1  sing N N 255 
PHE CE2 CZ   sing Y N 256 
PHE CE2 HE2  sing N N 257 
PHE CZ  HZ   sing N N 258 
PHE OXT HXT  sing N N 259 
PRO N   CA   sing N N 260 
PRO N   CD   sing N N 261 
PRO N   H    sing N N 262 
PRO CA  C    sing N N 263 
PRO CA  CB   sing N N 264 
PRO CA  HA   sing N N 265 
PRO C   O    doub N N 266 
PRO C   OXT  sing N N 267 
PRO CB  CG   sing N N 268 
PRO CB  HB2  sing N N 269 
PRO CB  HB3  sing N N 270 
PRO CG  CD   sing N N 271 
PRO CG  HG2  sing N N 272 
PRO CG  HG3  sing N N 273 
PRO CD  HD2  sing N N 274 
PRO CD  HD3  sing N N 275 
PRO OXT HXT  sing N N 276 
SER N   CA   sing N N 277 
SER N   H    sing N N 278 
SER N   H2   sing N N 279 
SER CA  C    sing N N 280 
SER CA  CB   sing N N 281 
SER CA  HA   sing N N 282 
SER C   O    doub N N 283 
SER C   OXT  sing N N 284 
SER CB  OG   sing N N 285 
SER CB  HB2  sing N N 286 
SER CB  HB3  sing N N 287 
SER OG  HG   sing N N 288 
SER OXT HXT  sing N N 289 
THR N   CA   sing N N 290 
THR N   H    sing N N 291 
THR N   H2   sing N N 292 
THR CA  C    sing N N 293 
THR CA  CB   sing N N 294 
THR CA  HA   sing N N 295 
THR C   O    doub N N 296 
THR C   OXT  sing N N 297 
THR CB  OG1  sing N N 298 
THR CB  CG2  sing N N 299 
THR CB  HB   sing N N 300 
THR OG1 HG1  sing N N 301 
THR CG2 HG21 sing N N 302 
THR CG2 HG22 sing N N 303 
THR CG2 HG23 sing N N 304 
THR OXT HXT  sing N N 305 
TYR N   CA   sing N N 306 
TYR N   H    sing N N 307 
TYR N   H2   sing N N 308 
TYR CA  C    sing N N 309 
TYR CA  CB   sing N N 310 
TYR CA  HA   sing N N 311 
TYR C   O    doub N N 312 
TYR C   OXT  sing N N 313 
TYR CB  CG   sing N N 314 
TYR CB  HB2  sing N N 315 
TYR CB  HB3  sing N N 316 
TYR CG  CD1  doub Y N 317 
TYR CG  CD2  sing Y N 318 
TYR CD1 CE1  sing Y N 319 
TYR CD1 HD1  sing N N 320 
TYR CD2 CE2  doub Y N 321 
TYR CD2 HD2  sing N N 322 
TYR CE1 CZ   doub Y N 323 
TYR CE1 HE1  sing N N 324 
TYR CE2 CZ   sing Y N 325 
TYR CE2 HE2  sing N N 326 
TYR CZ  OH   sing N N 327 
TYR OH  HH   sing N N 328 
TYR OXT HXT  sing N N 329 
VAL N   CA   sing N N 330 
VAL N   H    sing N N 331 
VAL N   H2   sing N N 332 
VAL CA  C    sing N N 333 
VAL CA  CB   sing N N 334 
VAL CA  HA   sing N N 335 
VAL C   O    doub N N 336 
VAL C   OXT  sing N N 337 
VAL CB  CG1  sing N N 338 
VAL CB  CG2  sing N N 339 
VAL CB  HB   sing N N 340 
VAL CG1 HG11 sing N N 341 
VAL CG1 HG12 sing N N 342 
VAL CG1 HG13 sing N N 343 
VAL CG2 HG21 sing N N 344 
VAL CG2 HG22 sing N N 345 
VAL CG2 HG23 sing N N 346 
VAL OXT HXT  sing N N 347 
# 
_pdbx_entity_nonpoly.entity_id   3 
_pdbx_entity_nonpoly.name        water 
_pdbx_entity_nonpoly.comp_id     HOH 
# 
_pdbx_initial_refinement_model.id               1 
_pdbx_initial_refinement_model.entity_id_list   ? 
_pdbx_initial_refinement_model.type             'experimental model' 
_pdbx_initial_refinement_model.source_name      PDB 
_pdbx_initial_refinement_model.accession_code   2V1T 
_pdbx_initial_refinement_model.details          ? 
# 
